data_2BEP
# 
_entry.id   2BEP 
# 
_audit_conform.dict_name       mmcif_pdbx.dic 
_audit_conform.dict_version    5.382 
_audit_conform.dict_location   http://mmcif.pdb.org/dictionaries/ascii/mmcif_pdbx.dic 
# 
loop_
_database_2.database_id 
_database_2.database_code 
_database_2.pdbx_database_accession 
_database_2.pdbx_DOI 
PDB   2BEP         pdb_00002bep 10.2210/pdb2bep/pdb 
PDBE  EBI-21772    ?            ?                   
WWPDB D_1290021772 ?            ?                   
# 
_pdbx_database_related.db_name        PDB 
_pdbx_database_related.db_id          2BF8 
_pdbx_database_related.content_type   unspecified 
_pdbx_database_related.details        'CRYSTAL STRUCTURE OF SUMO MODIFIED UBIQUITIN CONJUGATING ENZYME E2-25K' 
# 
_pdbx_database_status.status_code                     REL 
_pdbx_database_status.entry_id                        2BEP 
_pdbx_database_status.deposit_site                    PDBE 
_pdbx_database_status.process_site                    PDBE 
_pdbx_database_status.SG_entry                        . 
_pdbx_database_status.recvd_initial_deposition_date   2004-11-29 
_pdbx_database_status.pdb_format_compatible           Y 
_pdbx_database_status.status_code_sf                  REL 
_pdbx_database_status.status_code_mr                  ? 
_pdbx_database_status.status_code_cs                  ? 
_pdbx_database_status.methods_development_category    ? 
_pdbx_database_status.status_code_nmr_data            ? 
# 
loop_
_audit_author.name 
_audit_author.pdbx_ordinal 
'Pichler, A.'        1 
'Knipscheer, P.'     2 
'Oberhofer, E.'      3 
'Van Dijk, W.J.'     4 
'Korner, R.'         5 
'Velgaard Olsen, J.' 6 
'Jentsch, S.'        7 
'Melchior, F.'       8 
'Sixma, T.K.'        9 
# 
_citation.id                        primary 
_citation.title                     'Sumo Imodification of the Ubiquitin Conjugating Enzyme E2-25K' 
_citation.journal_abbrev            Nat.Struct.Mol.Biol. 
_citation.journal_volume            12 
_citation.page_first                264 
_citation.page_last                 ? 
_citation.year                      2005 
_citation.journal_id_ASTM           ? 
_citation.country                   US 
_citation.journal_id_ISSN           1545-9993 
_citation.journal_id_CSD            ? 
_citation.book_publisher            ? 
_citation.pdbx_database_id_PubMed   15723079 
_citation.pdbx_database_id_DOI      10.1038/NSMB903 
# 
loop_
_citation_author.citation_id 
_citation_author.name 
_citation_author.ordinal 
_citation_author.identifier_ORCID 
primary 'Pichler, A.'        1 ? 
primary 'Knipscheer, P.'     2 ? 
primary 'Oberhofer, E.'      3 ? 
primary 'Van Dijk, W.J.'     4 ? 
primary 'Korner, R.'         5 ? 
primary 'Velgaard Olsen, J.' 6 ? 
primary 'Jentsch, S.'        7 ? 
primary 'Melchior, F.'       8 ? 
primary 'Sixma, T.K.'        9 ? 
# 
_cell.entry_id           2BEP 
_cell.length_a           38.256 
_cell.length_b           68.153 
_cell.length_c           78.262 
_cell.angle_alpha        90.00 
_cell.angle_beta         90.00 
_cell.angle_gamma        90.00 
_cell.Z_PDB              4 
_cell.pdbx_unique_axis   ? 
# 
_symmetry.entry_id                         2BEP 
_symmetry.space_group_name_H-M             'P 21 21 21' 
_symmetry.pdbx_full_space_group_name_H-M   ? 
_symmetry.cell_setting                     ? 
_symmetry.Int_Tables_number                19 
# 
loop_
_entity.id 
_entity.type 
_entity.src_method 
_entity.pdbx_description 
_entity.formula_weight 
_entity.pdbx_number_of_molecules 
_entity.pdbx_ec 
_entity.pdbx_mutation 
_entity.pdbx_fragment 
_entity.details 
1 polymer     man 'UBIQUITIN-CONJUGATING ENZYME E2-25 KDA' 17846.412 1   6.3.2.19 ? 'CONSERVED CORE DOMAIN, RESIDUES 1-155' ? 
2 non-polymer syn BETA-MERCAPTOETHANOL                     78.133    1   ?        ? ?                                       ? 
3 water       nat water                                    18.015    260 ?        ? ?                                       ? 
# 
_entity_name_com.entity_id   1 
_entity_name_com.name        
'UBIQUITIN-PROTEIN LIGASE, UBIQUITIN CARRIER PROTEIN, E2(25K), HUNTINGTIN INTERACTING PROTEIN 2, HIP-2, E2-25K' 
# 
_entity_poly.entity_id                      1 
_entity_poly.type                           'polypeptide(L)' 
_entity_poly.nstd_linkage                   no 
_entity_poly.nstd_monomer                   no 
_entity_poly.pdbx_seq_one_letter_code       
;GAMAMANIAVQRIKREFKEVLKSEETSKNQIKVDLVDENFTELRGEIAGPPDTPYEGGRYQLEIKIPETYPFNPPKVRFI
TKIWHPNISSVTGAICLDILKDQWAAAMTLRTVLLSLQALLAAAEPDDPQDAVVANQYKQNPEMFKQTARLWAHVYAGA
;
_entity_poly.pdbx_seq_one_letter_code_can   
;GAMAMANIAVQRIKREFKEVLKSEETSKNQIKVDLVDENFTELRGEIAGPPDTPYEGGRYQLEIKIPETYPFNPPKVRFI
TKIWHPNISSVTGAICLDILKDQWAAAMTLRTVLLSLQALLAAAEPDDPQDAVVANQYKQNPEMFKQTARLWAHVYAGA
;
_entity_poly.pdbx_strand_id                 A 
_entity_poly.pdbx_target_identifier         ? 
# 
loop_
_entity_poly_seq.entity_id 
_entity_poly_seq.num 
_entity_poly_seq.mon_id 
_entity_poly_seq.hetero 
1 1   GLY n 
1 2   ALA n 
1 3   MET n 
1 4   ALA n 
1 5   MET n 
1 6   ALA n 
1 7   ASN n 
1 8   ILE n 
1 9   ALA n 
1 10  VAL n 
1 11  GLN n 
1 12  ARG n 
1 13  ILE n 
1 14  LYS n 
1 15  ARG n 
1 16  GLU n 
1 17  PHE n 
1 18  LYS n 
1 19  GLU n 
1 20  VAL n 
1 21  LEU n 
1 22  LYS n 
1 23  SER n 
1 24  GLU n 
1 25  GLU n 
1 26  THR n 
1 27  SER n 
1 28  LYS n 
1 29  ASN n 
1 30  GLN n 
1 31  ILE n 
1 32  LYS n 
1 33  VAL n 
1 34  ASP n 
1 35  LEU n 
1 36  VAL n 
1 37  ASP n 
1 38  GLU n 
1 39  ASN n 
1 40  PHE n 
1 41  THR n 
1 42  GLU n 
1 43  LEU n 
1 44  ARG n 
1 45  GLY n 
1 46  GLU n 
1 47  ILE n 
1 48  ALA n 
1 49  GLY n 
1 50  PRO n 
1 51  PRO n 
1 52  ASP n 
1 53  THR n 
1 54  PRO n 
1 55  TYR n 
1 56  GLU n 
1 57  GLY n 
1 58  GLY n 
1 59  ARG n 
1 60  TYR n 
1 61  GLN n 
1 62  LEU n 
1 63  GLU n 
1 64  ILE n 
1 65  LYS n 
1 66  ILE n 
1 67  PRO n 
1 68  GLU n 
1 69  THR n 
1 70  TYR n 
1 71  PRO n 
1 72  PHE n 
1 73  ASN n 
1 74  PRO n 
1 75  PRO n 
1 76  LYS n 
1 77  VAL n 
1 78  ARG n 
1 79  PHE n 
1 80  ILE n 
1 81  THR n 
1 82  LYS n 
1 83  ILE n 
1 84  TRP n 
1 85  HIS n 
1 86  PRO n 
1 87  ASN n 
1 88  ILE n 
1 89  SER n 
1 90  SER n 
1 91  VAL n 
1 92  THR n 
1 93  GLY n 
1 94  ALA n 
1 95  ILE n 
1 96  CYS n 
1 97  LEU n 
1 98  ASP n 
1 99  ILE n 
1 100 LEU n 
1 101 LYS n 
1 102 ASP n 
1 103 GLN n 
1 104 TRP n 
1 105 ALA n 
1 106 ALA n 
1 107 ALA n 
1 108 MET n 
1 109 THR n 
1 110 LEU n 
1 111 ARG n 
1 112 THR n 
1 113 VAL n 
1 114 LEU n 
1 115 LEU n 
1 116 SER n 
1 117 LEU n 
1 118 GLN n 
1 119 ALA n 
1 120 LEU n 
1 121 LEU n 
1 122 ALA n 
1 123 ALA n 
1 124 ALA n 
1 125 GLU n 
1 126 PRO n 
1 127 ASP n 
1 128 ASP n 
1 129 PRO n 
1 130 GLN n 
1 131 ASP n 
1 132 ALA n 
1 133 VAL n 
1 134 VAL n 
1 135 ALA n 
1 136 ASN n 
1 137 GLN n 
1 138 TYR n 
1 139 LYS n 
1 140 GLN n 
1 141 ASN n 
1 142 PRO n 
1 143 GLU n 
1 144 MET n 
1 145 PHE n 
1 146 LYS n 
1 147 GLN n 
1 148 THR n 
1 149 ALA n 
1 150 ARG n 
1 151 LEU n 
1 152 TRP n 
1 153 ALA n 
1 154 HIS n 
1 155 VAL n 
1 156 TYR n 
1 157 ALA n 
1 158 GLY n 
1 159 ALA n 
# 
_entity_src_gen.entity_id                          1 
_entity_src_gen.pdbx_src_id                        1 
_entity_src_gen.pdbx_alt_source_flag               sample 
_entity_src_gen.pdbx_seq_type                      ? 
_entity_src_gen.pdbx_beg_seq_num                   ? 
_entity_src_gen.pdbx_end_seq_num                   ? 
_entity_src_gen.gene_src_common_name               BOVINE 
_entity_src_gen.gene_src_genus                     ? 
_entity_src_gen.pdbx_gene_src_gene                 ? 
_entity_src_gen.gene_src_species                   ? 
_entity_src_gen.gene_src_strain                    ? 
_entity_src_gen.gene_src_tissue                    ? 
_entity_src_gen.gene_src_tissue_fraction           ? 
_entity_src_gen.gene_src_details                   ? 
_entity_src_gen.pdbx_gene_src_fragment             ? 
_entity_src_gen.pdbx_gene_src_scientific_name      'BOS TAURUS' 
_entity_src_gen.pdbx_gene_src_ncbi_taxonomy_id     9913 
_entity_src_gen.pdbx_gene_src_variant              ? 
_entity_src_gen.pdbx_gene_src_cell_line            ? 
_entity_src_gen.pdbx_gene_src_atcc                 ? 
_entity_src_gen.pdbx_gene_src_organ                ? 
_entity_src_gen.pdbx_gene_src_organelle            ? 
_entity_src_gen.pdbx_gene_src_cell                 ? 
_entity_src_gen.pdbx_gene_src_cellular_location    ? 
_entity_src_gen.host_org_common_name               ? 
_entity_src_gen.pdbx_host_org_scientific_name      'ESCHERICHIA COLI' 
_entity_src_gen.pdbx_host_org_ncbi_taxonomy_id     469008 
_entity_src_gen.host_org_genus                     ? 
_entity_src_gen.pdbx_host_org_gene                 ? 
_entity_src_gen.pdbx_host_org_organ                ? 
_entity_src_gen.host_org_species                   ? 
_entity_src_gen.pdbx_host_org_tissue               ? 
_entity_src_gen.pdbx_host_org_tissue_fraction      ? 
_entity_src_gen.pdbx_host_org_strain               'BL21(DE3)' 
_entity_src_gen.pdbx_host_org_variant              ? 
_entity_src_gen.pdbx_host_org_cell_line            ? 
_entity_src_gen.pdbx_host_org_atcc                 ? 
_entity_src_gen.pdbx_host_org_culture_collection   ? 
_entity_src_gen.pdbx_host_org_cell                 ? 
_entity_src_gen.pdbx_host_org_organelle            ? 
_entity_src_gen.pdbx_host_org_cellular_location    ? 
_entity_src_gen.pdbx_host_org_vector_type          ? 
_entity_src_gen.pdbx_host_org_vector               PETM30 
_entity_src_gen.host_org_details                   ? 
_entity_src_gen.expression_system_id               ? 
_entity_src_gen.plasmid_name                       ? 
_entity_src_gen.plasmid_details                    ? 
_entity_src_gen.pdbx_description                   ? 
# 
loop_
_struct_ref.id 
_struct_ref.db_name 
_struct_ref.db_code 
_struct_ref.entity_id 
_struct_ref.pdbx_seq_one_letter_code 
_struct_ref.pdbx_align_begin 
_struct_ref.pdbx_db_accession 
_struct_ref.pdbx_db_isoform 
1 PDB 2BEP       1 ? ? 2BEP   ? 
2 UNP UBC1_BOVIN 1 ? ? P61085 ? 
# 
loop_
_struct_ref_seq.align_id 
_struct_ref_seq.ref_id 
_struct_ref_seq.pdbx_PDB_id_code 
_struct_ref_seq.pdbx_strand_id 
_struct_ref_seq.seq_align_beg 
_struct_ref_seq.pdbx_seq_align_beg_ins_code 
_struct_ref_seq.seq_align_end 
_struct_ref_seq.pdbx_seq_align_end_ins_code 
_struct_ref_seq.pdbx_db_accession 
_struct_ref_seq.db_align_beg 
_struct_ref_seq.pdbx_db_align_beg_ins_code 
_struct_ref_seq.db_align_end 
_struct_ref_seq.pdbx_db_align_end_ins_code 
_struct_ref_seq.pdbx_auth_seq_align_beg 
_struct_ref_seq.pdbx_auth_seq_align_end 
1 1 2BEP A 1 ? 4   ? 2BEP   -3 ? 0   ? -3 0   
2 2 2BEP A 5 ? 159 ? P61085 1  ? 155 ? 1  155 
# 
loop_
_chem_comp.id 
_chem_comp.type 
_chem_comp.mon_nstd_flag 
_chem_comp.name 
_chem_comp.pdbx_synonyms 
_chem_comp.formula 
_chem_comp.formula_weight 
ALA 'L-peptide linking' y ALANINE              ? 'C3 H7 N O2'     89.093  
ARG 'L-peptide linking' y ARGININE             ? 'C6 H15 N4 O2 1' 175.209 
ASN 'L-peptide linking' y ASPARAGINE           ? 'C4 H8 N2 O3'    132.118 
ASP 'L-peptide linking' y 'ASPARTIC ACID'      ? 'C4 H7 N O4'     133.103 
BME non-polymer         . BETA-MERCAPTOETHANOL ? 'C2 H6 O S'      78.133  
CYS 'L-peptide linking' y CYSTEINE             ? 'C3 H7 N O2 S'   121.158 
GLN 'L-peptide linking' y GLUTAMINE            ? 'C5 H10 N2 O3'   146.144 
GLU 'L-peptide linking' y 'GLUTAMIC ACID'      ? 'C5 H9 N O4'     147.129 
GLY 'peptide linking'   y GLYCINE              ? 'C2 H5 N O2'     75.067  
HIS 'L-peptide linking' y HISTIDINE            ? 'C6 H10 N3 O2 1' 156.162 
HOH non-polymer         . WATER                ? 'H2 O'           18.015  
ILE 'L-peptide linking' y ISOLEUCINE           ? 'C6 H13 N O2'    131.173 
LEU 'L-peptide linking' y LEUCINE              ? 'C6 H13 N O2'    131.173 
LYS 'L-peptide linking' y LYSINE               ? 'C6 H15 N2 O2 1' 147.195 
MET 'L-peptide linking' y METHIONINE           ? 'C5 H11 N O2 S'  149.211 
PHE 'L-peptide linking' y PHENYLALANINE        ? 'C9 H11 N O2'    165.189 
PRO 'L-peptide linking' y PROLINE              ? 'C5 H9 N O2'     115.130 
SER 'L-peptide linking' y SERINE               ? 'C3 H7 N O3'     105.093 
THR 'L-peptide linking' y THREONINE            ? 'C4 H9 N O3'     119.119 
TRP 'L-peptide linking' y TRYPTOPHAN           ? 'C11 H12 N2 O2'  204.225 
TYR 'L-peptide linking' y TYROSINE             ? 'C9 H11 N O3'    181.189 
VAL 'L-peptide linking' y VALINE               ? 'C5 H11 N O2'    117.146 
# 
_exptl.entry_id          2BEP 
_exptl.method            'X-RAY DIFFRACTION' 
_exptl.crystals_number   20 
# 
_exptl_crystal.id                    1 
_exptl_crystal.density_meas          ? 
_exptl_crystal.density_Matthews      3 
_exptl_crystal.density_percent_sol   58.7 
_exptl_crystal.description           ? 
# 
_exptl_crystal_grow.crystal_id      1 
_exptl_crystal_grow.method          ? 
_exptl_crystal_grow.temp            ? 
_exptl_crystal_grow.temp_details    ? 
_exptl_crystal_grow.pH              8.50 
_exptl_crystal_grow.pdbx_pH_range   ? 
_exptl_crystal_grow.pdbx_details    '100 MM TRIS PH 8.0 70 MM AMMONIUM SULFATE 17 % PEGMME 5000' 
# 
_diffrn.id                     1 
_diffrn.ambient_temp           100.0 
_diffrn.ambient_temp_details   ? 
_diffrn.crystal_id             1 
# 
_diffrn_detector.diffrn_id              1 
_diffrn_detector.detector               CCD 
_diffrn_detector.type                   'ADSC CCD' 
_diffrn_detector.pdbx_collection_date   2003-11-08 
_diffrn_detector.details                'TOROIDAL MIRROR' 
# 
_diffrn_radiation.diffrn_id                        1 
_diffrn_radiation.wavelength_id                    1 
_diffrn_radiation.pdbx_monochromatic_or_laue_m_l   M 
_diffrn_radiation.monochromator                    'DIAMOND (111), GE(220)' 
_diffrn_radiation.pdbx_diffrn_protocol             'SINGLE WAVELENGTH' 
_diffrn_radiation.pdbx_scattering_type             x-ray 
# 
_diffrn_radiation_wavelength.id           1 
_diffrn_radiation_wavelength.wavelength   0.933 
_diffrn_radiation_wavelength.wt           1.0 
# 
_diffrn_source.diffrn_id                   1 
_diffrn_source.source                      SYNCHROTRON 
_diffrn_source.type                        'ESRF BEAMLINE ID14-2' 
_diffrn_source.pdbx_synchrotron_site       ESRF 
_diffrn_source.pdbx_synchrotron_beamline   ID14-2 
_diffrn_source.pdbx_wavelength             0.933 
_diffrn_source.pdbx_wavelength_list        ? 
# 
_reflns.pdbx_diffrn_id               1 
_reflns.pdbx_ordinal                 1 
_reflns.entry_id                     2BEP 
_reflns.observed_criterion_sigma_I   -3.000 
_reflns.observed_criterion_sigma_F   ? 
_reflns.d_resolution_low             50.000 
_reflns.d_resolution_high            1.800 
_reflns.number_obs                   19623 
_reflns.number_all                   ? 
_reflns.percent_possible_obs         100.0 
_reflns.pdbx_Rmerge_I_obs            0.08000 
_reflns.pdbx_Rsym_value              0.07200 
_reflns.pdbx_netI_over_sigmaI        17.8000 
_reflns.B_iso_Wilson_estimate        ? 
_reflns.pdbx_redundancy              7.100 
# 
_reflns_shell.pdbx_diffrn_id         1 
_reflns_shell.pdbx_ordinal           1 
_reflns_shell.d_res_high             1.80 
_reflns_shell.d_res_low              1.90 
_reflns_shell.percent_possible_all   100.0 
_reflns_shell.Rmerge_I_obs           0.59000 
_reflns_shell.pdbx_Rsym_value        0.54800 
_reflns_shell.meanI_over_sigI_obs    3.300 
_reflns_shell.pdbx_redundancy        7.30 
# 
_refine.pdbx_refine_id                           'X-RAY DIFFRACTION' 
_refine.entry_id                                 2BEP 
_refine.pdbx_diffrn_id                           1 
_refine.pdbx_TLS_residual_ADP_flag               'LIKELY RESIDUAL' 
_refine.ls_number_reflns_obs                     18616 
_refine.ls_number_reflns_all                     ? 
_refine.pdbx_ls_sigma_I                          ? 
_refine.pdbx_ls_sigma_F                          ? 
_refine.pdbx_data_cutoff_high_absF               ? 
_refine.pdbx_data_cutoff_low_absF                ? 
_refine.pdbx_data_cutoff_high_rms_absF           ? 
_refine.ls_d_res_low                             51.30 
_refine.ls_d_res_high                            1.80 
_refine.ls_percent_reflns_obs                    100.0 
_refine.ls_R_factor_obs                          0.169 
_refine.ls_R_factor_all                          ? 
_refine.ls_R_factor_R_work                       0.167 
_refine.ls_R_factor_R_free                       0.220 
_refine.ls_R_factor_R_free_error                 ? 
_refine.ls_R_factor_R_free_error_details         ? 
_refine.ls_percent_reflns_R_free                 5.100 
_refine.ls_number_reflns_R_free                  997 
_refine.ls_number_parameters                     ? 
_refine.ls_number_restraints                     ? 
_refine.occupancy_min                            ? 
_refine.occupancy_max                            ? 
_refine.correlation_coeff_Fo_to_Fc               0.962 
_refine.correlation_coeff_Fo_to_Fc_free          0.938 
_refine.B_iso_mean                               24.61 
_refine.aniso_B[1][1]                            -0.16000 
_refine.aniso_B[2][2]                            -0.04000 
_refine.aniso_B[3][3]                            0.20000 
_refine.aniso_B[1][2]                            0.00000 
_refine.aniso_B[1][3]                            0.00000 
_refine.aniso_B[2][3]                            0.00000 
_refine.solvent_model_details                    'BABINET MODEL WITH MASK' 
_refine.solvent_model_param_ksol                 ? 
_refine.solvent_model_param_bsol                 ? 
_refine.pdbx_solvent_vdw_probe_radii             1.20 
_refine.pdbx_solvent_ion_probe_radii             0.80 
_refine.pdbx_solvent_shrinkage_radii             0.80 
_refine.pdbx_ls_cross_valid_method               THROUGHOUT 
_refine.details                                  'HYDROGENS HAVE BEEN ADDED IN THE RIDING POSITIONS.' 
_refine.pdbx_starting_model                      'PDB ENTRY 1FZY' 
_refine.pdbx_method_to_determine_struct          'MOLECULAR REPLACEMENT' 
_refine.pdbx_isotropic_thermal_model             ? 
_refine.pdbx_stereochemistry_target_values       'MAXIMUM LIKELIHOOD' 
_refine.pdbx_stereochem_target_val_spec_case     ? 
_refine.pdbx_R_Free_selection_details            RANDOM 
_refine.pdbx_overall_ESU_R                       0.107 
_refine.pdbx_overall_ESU_R_Free                  0.116 
_refine.overall_SU_ML                            0.077 
_refine.pdbx_overall_phase_error                 ? 
_refine.overall_SU_B                             4.418 
_refine.overall_SU_R_Cruickshank_DPI             ? 
_refine.pdbx_overall_SU_R_free_Cruickshank_DPI   ? 
_refine.pdbx_overall_SU_R_Blow_DPI               ? 
_refine.pdbx_overall_SU_R_free_Blow_DPI          ? 
# 
_refine_hist.pdbx_refine_id                   'X-RAY DIFFRACTION' 
_refine_hist.cycle_id                         LAST 
_refine_hist.pdbx_number_atoms_protein        1239 
_refine_hist.pdbx_number_atoms_nucleic_acid   0 
_refine_hist.pdbx_number_atoms_ligand         4 
_refine_hist.number_atoms_solvent             260 
_refine_hist.number_atoms_total               1503 
_refine_hist.d_res_high                       1.80 
_refine_hist.d_res_low                        51.30 
# 
loop_
_refine_ls_restr.type 
_refine_ls_restr.dev_ideal 
_refine_ls_restr.dev_ideal_target 
_refine_ls_restr.weight 
_refine_ls_restr.number 
_refine_ls_restr.pdbx_refine_id 
_refine_ls_restr.pdbx_restraint_function 
r_bond_refined_d             0.017  0.022  ? 1314 'X-RAY DIFFRACTION' ? 
r_bond_other_d               0.001  0.020  ? 1200 'X-RAY DIFFRACTION' ? 
r_angle_refined_deg          1.582  1.949  ? 1794 'X-RAY DIFFRACTION' ? 
r_angle_other_deg            0.900  3.000  ? 2812 'X-RAY DIFFRACTION' ? 
r_dihedral_angle_1_deg       6.235  5.000  ? 167  'X-RAY DIFFRACTION' ? 
r_dihedral_angle_2_deg       43.675 25.246 ? 61   'X-RAY DIFFRACTION' ? 
r_dihedral_angle_3_deg       13.474 15.000 ? 228  'X-RAY DIFFRACTION' ? 
r_dihedral_angle_4_deg       21.513 15.000 ? 7    'X-RAY DIFFRACTION' ? 
r_chiral_restr               0.115  0.200  ? 200  'X-RAY DIFFRACTION' ? 
r_gen_planes_refined         0.007  0.020  ? 1468 'X-RAY DIFFRACTION' ? 
r_gen_planes_other           0.001  0.020  ? 244  'X-RAY DIFFRACTION' ? 
r_nbd_refined                0.231  0.200  ? 287  'X-RAY DIFFRACTION' ? 
r_nbd_other                  0.196  0.200  ? 1169 'X-RAY DIFFRACTION' ? 
r_nbtor_refined              0.173  0.200  ? 640  'X-RAY DIFFRACTION' ? 
r_nbtor_other                0.083  0.200  ? 714  'X-RAY DIFFRACTION' ? 
r_xyhbond_nbd_refined        0.177  0.200  ? 179  'X-RAY DIFFRACTION' ? 
r_xyhbond_nbd_other          ?      ?      ? ?    'X-RAY DIFFRACTION' ? 
r_metal_ion_refined          ?      ?      ? ?    'X-RAY DIFFRACTION' ? 
r_metal_ion_other            ?      ?      ? ?    'X-RAY DIFFRACTION' ? 
r_symmetry_vdw_refined       0.150  0.200  ? 5    'X-RAY DIFFRACTION' ? 
r_symmetry_vdw_other         0.184  0.200  ? 27   'X-RAY DIFFRACTION' ? 
r_symmetry_hbond_refined     0.133  0.200  ? 14   'X-RAY DIFFRACTION' ? 
r_symmetry_hbond_other       ?      ?      ? ?    'X-RAY DIFFRACTION' ? 
r_symmetry_metal_ion_refined ?      ?      ? ?    'X-RAY DIFFRACTION' ? 
r_symmetry_metal_ion_other   ?      ?      ? ?    'X-RAY DIFFRACTION' ? 
r_mcbond_it                  1.292  1.500  ? 1063 'X-RAY DIFFRACTION' ? 
r_mcbond_other               ?      ?      ? ?    'X-RAY DIFFRACTION' ? 
r_mcangle_it                 1.416  2.000  ? 1324 'X-RAY DIFFRACTION' ? 
r_mcangle_other              ?      ?      ? ?    'X-RAY DIFFRACTION' ? 
r_scbond_it                  2.645  3.000  ? 579  'X-RAY DIFFRACTION' ? 
r_scbond_other               ?      ?      ? ?    'X-RAY DIFFRACTION' ? 
r_scangle_it                 3.838  4.500  ? 466  'X-RAY DIFFRACTION' ? 
r_scangle_other              ?      ?      ? ?    'X-RAY DIFFRACTION' ? 
r_long_range_B_refined       ?      ?      ? ?    'X-RAY DIFFRACTION' ? 
r_long_range_B_other         ?      ?      ? ?    'X-RAY DIFFRACTION' ? 
r_rigid_bond_restr           ?      ?      ? ?    'X-RAY DIFFRACTION' ? 
r_sphericity_free            ?      ?      ? ?    'X-RAY DIFFRACTION' ? 
r_sphericity_bonded          ?      ?      ? ?    'X-RAY DIFFRACTION' ? 
# 
_refine_ls_shell.pdbx_refine_id                   'X-RAY DIFFRACTION' 
_refine_ls_shell.pdbx_total_number_of_bins_used   20 
_refine_ls_shell.d_res_high                       1.80 
_refine_ls_shell.d_res_low                        1.85 
_refine_ls_shell.number_reflns_R_work             1346 
_refine_ls_shell.R_factor_R_work                  0.2490 
_refine_ls_shell.percent_reflns_obs               ? 
_refine_ls_shell.R_factor_R_free                  0.3250 
_refine_ls_shell.R_factor_R_free_error            ? 
_refine_ls_shell.percent_reflns_R_free            ? 
_refine_ls_shell.number_reflns_R_free             76 
_refine_ls_shell.number_reflns_all                ? 
_refine_ls_shell.R_factor_all                     ? 
# 
_struct.entry_id                  2BEP 
_struct.title                     'Crystal structure of ubiquitin conjugating enzyme E2-25K' 
_struct.pdbx_model_details        ? 
_struct.pdbx_CASP_flag            ? 
_struct.pdbx_model_type_details   ? 
# 
_struct_keywords.entry_id        2BEP 
_struct_keywords.pdbx_keywords   LIGASE 
_struct_keywords.text            
'LIGASE, UBIQUITIN, E2 CONJUGATING ENZYME, PROTEIN DEGRADATION, STRUCTURAL PROTEOMICS IN EUROPE, SPINE, STRUCTURAL GENOMICS' 
# 
loop_
_struct_asym.id 
_struct_asym.pdbx_blank_PDB_chainid_flag 
_struct_asym.pdbx_modified 
_struct_asym.entity_id 
_struct_asym.details 
A N N 1 ? 
B N N 2 ? 
C N N 3 ? 
# 
_struct_biol.id   1 
# 
loop_
_struct_conf.conf_type_id 
_struct_conf.id 
_struct_conf.pdbx_PDB_helix_id 
_struct_conf.beg_label_comp_id 
_struct_conf.beg_label_asym_id 
_struct_conf.beg_label_seq_id 
_struct_conf.pdbx_beg_PDB_ins_code 
_struct_conf.end_label_comp_id 
_struct_conf.end_label_asym_id 
_struct_conf.end_label_seq_id 
_struct_conf.pdbx_end_PDB_ins_code 
_struct_conf.beg_auth_comp_id 
_struct_conf.beg_auth_asym_id 
_struct_conf.beg_auth_seq_id 
_struct_conf.end_auth_comp_id 
_struct_conf.end_auth_asym_id 
_struct_conf.end_auth_seq_id 
_struct_conf.pdbx_PDB_helix_class 
_struct_conf.details 
_struct_conf.pdbx_PDB_helix_length 
HELX_P HELX_P1 1 ALA A 6   ? SER A 23  ? ALA A 2   SER A 19  1 ? 18 
HELX_P HELX_P2 2 SER A 23  ? LYS A 28  ? SER A 19  LYS A 24  1 ? 6  
HELX_P HELX_P3 3 LEU A 97  ? LYS A 101 ? LEU A 93  LYS A 97  5 ? 5  
HELX_P HELX_P4 4 THR A 109 ? ALA A 123 ? THR A 105 ALA A 119 1 ? 15 
HELX_P HELX_P5 5 ASP A 131 ? ASN A 141 ? ASP A 127 ASN A 137 1 ? 11 
HELX_P HELX_P6 6 ASN A 141 ? ALA A 157 ? ASN A 137 ALA A 153 1 ? 17 
# 
_struct_conf_type.id          HELX_P 
_struct_conf_type.criteria    ? 
_struct_conf_type.reference   ? 
# 
_struct_conn.id                            covale1 
_struct_conn.conn_type_id                  covale 
_struct_conn.pdbx_leaving_atom_flag        none 
_struct_conn.pdbx_PDB_id                   ? 
_struct_conn.ptnr1_label_asym_id           A 
_struct_conn.ptnr1_label_comp_id           CYS 
_struct_conn.ptnr1_label_seq_id            96 
_struct_conn.ptnr1_label_atom_id           SG 
_struct_conn.pdbx_ptnr1_label_alt_id       ? 
_struct_conn.pdbx_ptnr1_PDB_ins_code       ? 
_struct_conn.pdbx_ptnr1_standard_comp_id   ? 
_struct_conn.ptnr1_symmetry                1_555 
_struct_conn.ptnr2_label_asym_id           B 
_struct_conn.ptnr2_label_comp_id           BME 
_struct_conn.ptnr2_label_seq_id            . 
_struct_conn.ptnr2_label_atom_id           S2 
_struct_conn.pdbx_ptnr2_label_alt_id       ? 
_struct_conn.pdbx_ptnr2_PDB_ins_code       ? 
_struct_conn.ptnr1_auth_asym_id            A 
_struct_conn.ptnr1_auth_comp_id            CYS 
_struct_conn.ptnr1_auth_seq_id             92 
_struct_conn.ptnr2_auth_asym_id            A 
_struct_conn.ptnr2_auth_comp_id            BME 
_struct_conn.ptnr2_auth_seq_id             1156 
_struct_conn.ptnr2_symmetry                1_555 
_struct_conn.pdbx_ptnr3_label_atom_id      ? 
_struct_conn.pdbx_ptnr3_label_seq_id       ? 
_struct_conn.pdbx_ptnr3_label_comp_id      ? 
_struct_conn.pdbx_ptnr3_label_asym_id      ? 
_struct_conn.pdbx_ptnr3_label_alt_id       ? 
_struct_conn.pdbx_ptnr3_PDB_ins_code       ? 
_struct_conn.details                       ? 
_struct_conn.pdbx_dist_value               2.025 
_struct_conn.pdbx_value_order              ? 
_struct_conn.pdbx_role                     ? 
# 
_struct_conn_type.id          covale 
_struct_conn_type.criteria    ? 
_struct_conn_type.reference   ? 
# 
_struct_mon_prot_cis.pdbx_id                1 
_struct_mon_prot_cis.label_comp_id          TYR 
_struct_mon_prot_cis.label_seq_id           70 
_struct_mon_prot_cis.label_asym_id          A 
_struct_mon_prot_cis.label_alt_id           . 
_struct_mon_prot_cis.pdbx_PDB_ins_code      ? 
_struct_mon_prot_cis.auth_comp_id           TYR 
_struct_mon_prot_cis.auth_seq_id            66 
_struct_mon_prot_cis.auth_asym_id           A 
_struct_mon_prot_cis.pdbx_label_comp_id_2   PRO 
_struct_mon_prot_cis.pdbx_label_seq_id_2    71 
_struct_mon_prot_cis.pdbx_label_asym_id_2   A 
_struct_mon_prot_cis.pdbx_PDB_ins_code_2    ? 
_struct_mon_prot_cis.pdbx_auth_comp_id_2    PRO 
_struct_mon_prot_cis.pdbx_auth_seq_id_2     67 
_struct_mon_prot_cis.pdbx_auth_asym_id_2    A 
_struct_mon_prot_cis.pdbx_PDB_model_num     1 
_struct_mon_prot_cis.pdbx_omega_angle       6.43 
# 
_struct_sheet.id               AA 
_struct_sheet.type             ? 
_struct_sheet.number_strands   4 
_struct_sheet.details          ? 
# 
loop_
_struct_sheet_order.sheet_id 
_struct_sheet_order.range_id_1 
_struct_sheet_order.range_id_2 
_struct_sheet_order.offset 
_struct_sheet_order.sense 
AA 1 2 ? anti-parallel 
AA 2 3 ? anti-parallel 
AA 3 4 ? anti-parallel 
# 
loop_
_struct_sheet_range.sheet_id 
_struct_sheet_range.id 
_struct_sheet_range.beg_label_comp_id 
_struct_sheet_range.beg_label_asym_id 
_struct_sheet_range.beg_label_seq_id 
_struct_sheet_range.pdbx_beg_PDB_ins_code 
_struct_sheet_range.end_label_comp_id 
_struct_sheet_range.end_label_asym_id 
_struct_sheet_range.end_label_seq_id 
_struct_sheet_range.pdbx_end_PDB_ins_code 
_struct_sheet_range.beg_auth_comp_id 
_struct_sheet_range.beg_auth_asym_id 
_struct_sheet_range.beg_auth_seq_id 
_struct_sheet_range.end_auth_comp_id 
_struct_sheet_range.end_auth_asym_id 
_struct_sheet_range.end_auth_seq_id 
AA 1 ILE A 31 ? LEU A 35 ? ILE A 27 LEU A 31 
AA 2 GLU A 42 ? ALA A 48 ? GLU A 38 ALA A 44 
AA 3 ARG A 59 ? LYS A 65 ? ARG A 55 LYS A 61 
AA 4 LYS A 76 ? PHE A 79 ? LYS A 72 PHE A 75 
# 
loop_
_pdbx_struct_sheet_hbond.sheet_id 
_pdbx_struct_sheet_hbond.range_id_1 
_pdbx_struct_sheet_hbond.range_id_2 
_pdbx_struct_sheet_hbond.range_1_label_atom_id 
_pdbx_struct_sheet_hbond.range_1_label_comp_id 
_pdbx_struct_sheet_hbond.range_1_label_asym_id 
_pdbx_struct_sheet_hbond.range_1_label_seq_id 
_pdbx_struct_sheet_hbond.range_1_PDB_ins_code 
_pdbx_struct_sheet_hbond.range_1_auth_atom_id 
_pdbx_struct_sheet_hbond.range_1_auth_comp_id 
_pdbx_struct_sheet_hbond.range_1_auth_asym_id 
_pdbx_struct_sheet_hbond.range_1_auth_seq_id 
_pdbx_struct_sheet_hbond.range_2_label_atom_id 
_pdbx_struct_sheet_hbond.range_2_label_comp_id 
_pdbx_struct_sheet_hbond.range_2_label_asym_id 
_pdbx_struct_sheet_hbond.range_2_label_seq_id 
_pdbx_struct_sheet_hbond.range_2_PDB_ins_code 
_pdbx_struct_sheet_hbond.range_2_auth_atom_id 
_pdbx_struct_sheet_hbond.range_2_auth_comp_id 
_pdbx_struct_sheet_hbond.range_2_auth_asym_id 
_pdbx_struct_sheet_hbond.range_2_auth_seq_id 
AA 1 2 N ASP A 34 ? N ASP A 30 O ARG A 44 ? O ARG A 40 
AA 2 3 N ILE A 47 ? N ILE A 43 O TYR A 60 ? O TYR A 56 
AA 3 4 N LYS A 65 ? N LYS A 61 O LYS A 76 ? O LYS A 72 
# 
_struct_site.id                   AC1 
_struct_site.pdbx_evidence_code   Software 
_struct_site.pdbx_auth_asym_id    ? 
_struct_site.pdbx_auth_comp_id    ? 
_struct_site.pdbx_auth_seq_id     ? 
_struct_site.pdbx_auth_ins_code   ? 
_struct_site.pdbx_num_residues    2 
_struct_site.details              'BINDING SITE FOR RESIDUE BME A1156' 
# 
loop_
_struct_site_gen.id 
_struct_site_gen.site_id 
_struct_site_gen.pdbx_num_res 
_struct_site_gen.label_comp_id 
_struct_site_gen.label_asym_id 
_struct_site_gen.label_seq_id 
_struct_site_gen.pdbx_auth_ins_code 
_struct_site_gen.auth_comp_id 
_struct_site_gen.auth_asym_id 
_struct_site_gen.auth_seq_id 
_struct_site_gen.label_atom_id 
_struct_site_gen.label_alt_id 
_struct_site_gen.symmetry 
_struct_site_gen.details 
1 AC1 2 CYS A 96  ? CYS A 92  . ? 1_555 ? 
2 AC1 2 ASP A 128 ? ASP A 124 . ? 1_555 ? 
# 
_atom_sites.entry_id                    2BEP 
_atom_sites.fract_transf_matrix[1][1]   -0.01578432 
_atom_sites.fract_transf_matrix[1][2]   0.01477110 
_atom_sites.fract_transf_matrix[1][3]   -0.01469590 
_atom_sites.fract_transf_matrix[2][1]   -0.00518782 
_atom_sites.fract_transf_matrix[2][2]   0.00648914 
_atom_sites.fract_transf_matrix[2][3]   0.01209440 
_atom_sites.fract_transf_matrix[3][1]   0.00912866 
_atom_sites.fract_transf_matrix[3][2]   0.00889979 
_atom_sites.fract_transf_matrix[3][3]   -0.00085942 
_atom_sites.fract_transf_vector[1]      0.516634 
_atom_sites.fract_transf_vector[2]      0.606243 
_atom_sites.fract_transf_vector[3]      0.132555 
# 
loop_
_atom_type.symbol 
C 
N 
O 
S 
# 
loop_
_atom_site.group_PDB 
_atom_site.id 
_atom_site.type_symbol 
_atom_site.label_atom_id 
_atom_site.label_alt_id 
_atom_site.label_comp_id 
_atom_site.label_asym_id 
_atom_site.label_entity_id 
_atom_site.label_seq_id 
_atom_site.pdbx_PDB_ins_code 
_atom_site.Cartn_x 
_atom_site.Cartn_y 
_atom_site.Cartn_z 
_atom_site.occupancy 
_atom_site.B_iso_or_equiv 
_atom_site.pdbx_formal_charge 
_atom_site.auth_seq_id 
_atom_site.auth_comp_id 
_atom_site.auth_asym_id 
_atom_site.auth_atom_id 
_atom_site.pdbx_PDB_model_num 
ATOM   1    N N   . ALA A 1 4   ? -16.663 20.667  1.902   1.00 31.46 ? 0    ALA A N   1 
ATOM   2    C CA  . ALA A 1 4   ? -16.379 19.463  2.725   1.00 31.36 ? 0    ALA A CA  1 
ATOM   3    C C   . ALA A 1 4   ? -17.186 18.259  2.228   1.00 31.01 ? 0    ALA A C   1 
ATOM   4    O O   . ALA A 1 4   ? -18.175 18.394  1.541   1.00 31.15 ? 0    ALA A O   1 
ATOM   5    C CB  . ALA A 1 4   ? -16.698 19.712  4.176   1.00 32.52 ? 0    ALA A CB  1 
ATOM   6    N N   . MET A 1 5   ? -16.751 17.081  2.625   1.00 30.06 ? 1    MET A N   1 
ATOM   7    C CA  . MET A 1 5   ? -17.571 15.889  2.478   1.00 28.09 ? 1    MET A CA  1 
ATOM   8    C C   . MET A 1 5   ? -18.665 15.817  3.545   1.00 26.20 ? 1    MET A C   1 
ATOM   9    O O   . MET A 1 5   ? -18.707 16.635  4.458   1.00 23.99 ? 1    MET A O   1 
ATOM   10   C CB  . MET A 1 5   ? -16.641 14.669  2.555   1.00 28.89 ? 1    MET A CB  1 
ATOM   11   C CG  . MET A 1 5   ? -15.788 14.490  1.285   1.00 30.17 ? 1    MET A CG  1 
ATOM   12   S SD  . MET A 1 5   ? -14.728 13.016  1.379   1.00 32.65 ? 1    MET A SD  1 
ATOM   13   C CE  . MET A 1 5   ? -13.880 13.380  2.924   1.00 33.60 ? 1    MET A CE  1 
ATOM   14   N N   . ALA A 1 6   ? -19.562 14.816  3.423   1.00 23.26 ? 2    ALA A N   1 
ATOM   15   C CA  . ALA A 1 6   ? -20.587 14.523  4.404   1.00 22.77 ? 2    ALA A CA  1 
ATOM   16   C C   . ALA A 1 6   ? -19.958 14.373  5.803   1.00 22.39 ? 2    ALA A C   1 
ATOM   17   O O   . ALA A 1 6   ? -18.801 13.934  5.914   1.00 20.80 ? 2    ALA A O   1 
ATOM   18   C CB  . ALA A 1 6   ? -21.257 13.209  4.045   1.00 22.60 ? 2    ALA A CB  1 
ATOM   19   N N   . ASN A 1 7   ? -20.732 14.658  6.850   1.00 21.85 ? 3    ASN A N   1 
ATOM   20   C CA  . ASN A 1 7   ? -20.239 14.559  8.219   1.00 21.66 ? 3    ASN A CA  1 
ATOM   21   C C   . ASN A 1 7   ? -19.645 13.216  8.535   1.00 21.54 ? 3    ASN A C   1 
ATOM   22   O O   . ASN A 1 7   ? -18.567 13.157  9.177   1.00 21.39 ? 3    ASN A O   1 
ATOM   23   C CB  . ASN A 1 7   ? -21.331 14.897  9.233   1.00 21.54 ? 3    ASN A CB  1 
ATOM   24   C CG  . ASN A 1 7   ? -20.867 14.753  10.670  1.00 25.13 ? 3    ASN A CG  1 
ATOM   25   O OD1 . ASN A 1 7   ? -19.989 15.509  11.121  1.00 31.79 ? 3    ASN A OD1 1 
ATOM   26   N ND2 . ASN A 1 7   ? -21.455 13.788  11.409  1.00 30.74 ? 3    ASN A ND2 1 
ATOM   27   N N   . ILE A 1 8   ? -20.305 12.139  8.130   1.00 21.27 ? 4    ILE A N   1 
ATOM   28   C CA  . ILE A 1 8   ? -19.781 10.800  8.450   1.00 22.52 ? 4    ILE A CA  1 
ATOM   29   C C   . ILE A 1 8   ? -18.385 10.564  7.859   1.00 23.16 ? 4    ILE A C   1 
ATOM   30   O O   . ILE A 1 8   ? -17.501 10.005  8.549   1.00 22.51 ? 4    ILE A O   1 
ATOM   31   C CB  . ILE A 1 8   ? -20.785 9.650   8.066   1.00 21.75 ? 4    ILE A CB  1 
ATOM   32   C CG1 . ILE A 1 8   ? -20.374 8.336   8.735   1.00 23.13 ? 4    ILE A CG1 1 
ATOM   33   C CG2 . ILE A 1 8   ? -20.893 9.498   6.574   1.00 21.40 ? 4    ILE A CG2 1 
ATOM   34   C CD1 . ILE A 1 8   ? -21.380 7.165   8.515   1.00 23.32 ? 4    ILE A CD1 1 
ATOM   35   N N   . ALA A 1 9   ? -18.166 11.031  6.629   1.00 23.90 ? 5    ALA A N   1 
ATOM   36   C CA  . ALA A 1 9   ? -16.880 10.850  5.982   1.00 24.69 ? 5    ALA A CA  1 
ATOM   37   C C   . ALA A 1 9   ? -15.779 11.683  6.640   1.00 24.64 ? 5    ALA A C   1 
ATOM   38   O O   . ALA A 1 9   ? -14.686 11.184  6.895   1.00 24.22 ? 5    ALA A O   1 
ATOM   39   C CB  . ALA A 1 9   ? -16.977 11.167  4.552   1.00 24.91 ? 5    ALA A CB  1 
ATOM   40   N N   . VAL A 1 10  ? -16.082 12.956  6.906   1.00 24.49 ? 6    VAL A N   1 
ATOM   41   C CA  . VAL A 1 10  ? -15.098 13.845  7.563   1.00 25.10 ? 6    VAL A CA  1 
ATOM   42   C C   . VAL A 1 10  ? -14.685 13.330  8.961   1.00 25.14 ? 6    VAL A C   1 
ATOM   43   O O   . VAL A 1 10  ? -13.475 13.226  9.281   1.00 24.02 ? 6    VAL A O   1 
ATOM   44   C CB  . VAL A 1 10  ? -15.659 15.230  7.711   1.00 25.98 ? 6    VAL A CB  1 
ATOM   45   C CG1 . VAL A 1 10  ? -14.677 16.124  8.511   1.00 27.85 ? 6    VAL A CG1 1 
ATOM   46   C CG2 . VAL A 1 10  ? -15.883 15.810  6.324   1.00 28.72 ? 6    VAL A CG2 1 
ATOM   47   N N   . GLN A 1 11  ? -15.681 12.963  9.754   1.00 25.22 ? 7    GLN A N   1 
ATOM   48   C CA  . GLN A 1 11  ? -15.416 12.436  11.091  1.00 26.70 ? 7    GLN A CA  1 
ATOM   49   C C   . GLN A 1 11  ? -14.648 11.111  11.083  1.00 25.84 ? 7    GLN A C   1 
ATOM   50   O O   . GLN A 1 11  ? -13.761 10.909  11.971  1.00 25.93 ? 7    GLN A O   1 
ATOM   51   C CB  . GLN A 1 11  ? -16.722 12.280  11.882  1.00 28.61 ? 7    GLN A CB  1 
ATOM   52   C CG  . GLN A 1 11  ? -17.317 13.683  12.315  1.00 32.30 ? 7    GLN A CG  1 
ATOM   53   C CD  . GLN A 1 11  ? -16.239 14.673  12.821  1.00 40.65 ? 7    GLN A CD  1 
ATOM   54   O OE1 . GLN A 1 11  ? -15.974 15.711  12.173  1.00 42.94 ? 7    GLN A OE1 1 
ATOM   55   N NE2 . GLN A 1 11  ? -15.604 14.348  13.967  1.00 42.92 ? 7    GLN A NE2 1 
ATOM   56   N N   . ARG A 1 12  ? -14.980 10.239  10.138  1.00 26.29 ? 8    ARG A N   1 
ATOM   57   C CA  . ARG A 1 12  ? -14.240 8.969   9.977   1.00 25.68 ? 8    ARG A CA  1 
ATOM   58   C C   . ARG A 1 12  ? -12.777 9.274   9.618   1.00 25.88 ? 8    ARG A C   1 
ATOM   59   O O   . ARG A 1 12  ? -11.840 8.784   10.254  1.00 25.05 ? 8    ARG A O   1 
ATOM   60   C CB  . ARG A 1 12  ? -14.849 8.051   8.908   1.00 27.63 ? 8    ARG A CB  1 
ATOM   61   C CG  . ARG A 1 12  ? -16.090 7.272   9.348   1.00 28.55 ? 8    ARG A CG  1 
ATOM   62   C CD  . ARG A 1 12  ? -15.763 6.148   10.309  1.00 28.78 ? 8    ARG A CD  1 
ATOM   63   N NE  . ARG A 1 12  ? -14.863 5.173   9.699   1.00 27.16 ? 8    ARG A NE  1 
ATOM   64   C CZ  . ARG A 1 12  ? -15.181 3.922   9.401   1.00 25.40 ? 8    ARG A CZ  1 
ATOM   65   N NH1 . ARG A 1 12  ? -16.408 3.461   9.637   1.00 24.48 ? 8    ARG A NH1 1 
ATOM   66   N NH2 . ARG A 1 12  ? -14.271 3.132   8.848   1.00 27.93 ? 8    ARG A NH2 1 
ATOM   67   N N   . ILE A 1 13  ? -12.556 10.128  8.633   1.00 24.08 ? 9    ILE A N   1 
ATOM   68   C CA  . ILE A 1 13  ? -11.164 10.365  8.218   1.00 23.80 ? 9    ILE A CA  1 
ATOM   69   C C   . ILE A 1 13  ? -10.335 11.016  9.334   1.00 23.61 ? 9    ILE A C   1 
ATOM   70   O O   . ILE A 1 13  ? -9.203  10.609  9.587   1.00 23.50 ? 9    ILE A O   1 
ATOM   71   C CB  . ILE A 1 13  ? -11.084 11.139  6.895   1.00 23.45 ? 9    ILE A CB  1 
ATOM   72   C CG1 . ILE A 1 13  ? -11.615 10.278  5.761   1.00 26.12 ? 9    ILE A CG1 1 
ATOM   73   C CG2 . ILE A 1 13  ? -9.655  11.625  6.597   1.00 25.74 ? 9    ILE A CG2 1 
ATOM   74   C CD1 . ILE A 1 13  ? -10.739 9.086   5.343   1.00 27.29 ? 9    ILE A CD1 1 
ATOM   75   N N   . LYS A 1 14  ? -10.882 12.016  10.011  1.00 23.57 ? 10   LYS A N   1 
ATOM   76   C CA  . LYS A 1 14  ? -10.154 12.633  11.143  1.00 24.81 ? 10   LYS A CA  1 
ATOM   77   C C   . LYS A 1 14  ? -9.822  11.614  12.238  1.00 24.49 ? 10   LYS A C   1 
ATOM   78   O O   . LYS A 1 14  ? -8.742  11.653  12.841  1.00 23.62 ? 10   LYS A O   1 
ATOM   79   C CB  . LYS A 1 14  ? -10.982 13.770  11.716  1.00 26.02 ? 10   LYS A CB  1 
ATOM   80   C CG  . LYS A 1 14  ? -10.940 15.026  10.783  1.00 25.73 ? 10   LYS A CG  1 
ATOM   81   C CD  . LYS A 1 14  ? -11.629 16.220  11.388  1.00 28.70 ? 10   LYS A CD  1 
ATOM   82   C CE  . LYS A 1 14  ? -11.531 17.413  10.428  1.00 31.92 ? 10   LYS A CE  1 
ATOM   83   N NZ  . LYS A 1 14  ? -12.205 18.656  10.971  1.00 33.09 ? 10   LYS A NZ  1 
ATOM   84   N N   . ARG A 1 15  ? -10.777 10.756  12.545  1.00 25.12 ? 11   ARG A N   1 
ATOM   85   C CA  . ARG A 1 15  ? -10.572 9.748   13.583  1.00 25.89 ? 11   ARG A CA  1 
ATOM   86   C C   . ARG A 1 15  ? -9.468  8.791   13.137  1.00 24.29 ? 11   ARG A C   1 
ATOM   87   O O   . ARG A 1 15  ? -8.633  8.351   13.944  1.00 23.79 ? 11   ARG A O   1 
ATOM   88   C CB  . ARG A 1 15  ? -11.906 9.026   13.761  1.00 26.77 ? 11   ARG A CB  1 
ATOM   89   C CG  . ARG A 1 15  ? -11.928 7.688   14.530  1.00 30.76 ? 11   ARG A CG  1 
ATOM   90   C CD  . ARG A 1 15  ? -13.389 7.111   14.625  1.00 33.82 ? 11   ARG A CD  1 
ATOM   91   N NE  . ARG A 1 15  ? -14.301 8.172   15.076  1.00 38.12 ? 11   ARG A NE  1 
ATOM   92   C CZ  . ARG A 1 15  ? -15.453 8.534   14.498  1.00 41.51 ? 11   ARG A CZ  1 
ATOM   93   N NH1 . ARG A 1 15  ? -15.966 7.902   13.438  1.00 40.85 ? 11   ARG A NH1 1 
ATOM   94   N NH2 . ARG A 1 15  ? -16.147 9.530   15.043  1.00 44.13 ? 11   ARG A NH2 1 
ATOM   95   N N   . GLU A 1 16  ? -9.498  8.433   11.855  1.00 23.51 ? 12   GLU A N   1 
ATOM   96   C CA  . GLU A 1 16  ? -8.561  7.424   11.307  1.00 23.90 ? 12   GLU A CA  1 
ATOM   97   C C   . GLU A 1 16  ? -7.148  7.998   11.178  1.00 24.62 ? 12   GLU A C   1 
ATOM   98   O O   . GLU A 1 16  ? -6.133  7.286   11.362  1.00 24.27 ? 12   GLU A O   1 
ATOM   99   C CB  . GLU A 1 16  ? -9.069  6.864   9.995   1.00 24.29 ? 12   GLU A CB  1 
ATOM   100  C CG  . GLU A 1 16  ? -10.305 6.023   10.276  1.00 23.88 ? 12   GLU A CG  1 
ATOM   101  C CD  . GLU A 1 16  ? -10.936 5.392   9.082   1.00 25.17 ? 12   GLU A CD  1 
ATOM   102  O OE1 . GLU A 1 16  ? -10.310 5.313   7.979   1.00 25.20 ? 12   GLU A OE1 1 
ATOM   103  O OE2 . GLU A 1 16  ? -12.144 4.968   9.278   1.00 26.54 ? 12   GLU A OE2 1 
ATOM   104  N N   . PHE A 1 17  ? -7.062  9.295   10.901  1.00 23.44 ? 13   PHE A N   1 
ATOM   105  C CA  . PHE A 1 17  ? -5.768  9.984   10.893  1.00 24.72 ? 13   PHE A CA  1 
ATOM   106  C C   . PHE A 1 17  ? -5.178  9.956   12.308  1.00 24.85 ? 13   PHE A C   1 
ATOM   107  O O   . PHE A 1 17  ? -3.996  9.646   12.507  1.00 24.75 ? 13   PHE A O   1 
ATOM   108  C CB  . PHE A 1 17  ? -5.958  11.442  10.372  1.00 25.64 ? 13   PHE A CB  1 
ATOM   109  C CG  . PHE A 1 17  ? -4.701  12.082  9.790   1.00 25.61 ? 13   PHE A CG  1 
ATOM   110  C CD1 . PHE A 1 17  ? -3.743  12.600  10.600  1.00 32.28 ? 13   PHE A CD1 1 
ATOM   111  C CD2 . PHE A 1 17  ? -4.548  12.218  8.421   1.00 31.71 ? 13   PHE A CD2 1 
ATOM   112  C CE1 . PHE A 1 17  ? -2.602  13.225  10.051  1.00 32.08 ? 13   PHE A CE1 1 
ATOM   113  C CE2 . PHE A 1 17  ? -3.454  12.833  7.867   1.00 28.77 ? 13   PHE A CE2 1 
ATOM   114  C CZ  . PHE A 1 17  ? -2.467  13.316  8.672   1.00 31.38 ? 13   PHE A CZ  1 
ATOM   115  N N   . LYS A 1 18  ? -5.996  10.263  13.313  1.00 25.28 ? 14   LYS A N   1 
ATOM   116  C CA  . LYS A 1 18  ? -5.581  10.171  14.711  1.00 26.19 ? 14   LYS A CA  1 
ATOM   117  C C   . LYS A 1 18  ? -5.114  8.749   15.085  1.00 25.22 ? 14   LYS A C   1 
ATOM   118  O O   . LYS A 1 18  ? -4.086  8.578   15.766  1.00 26.76 ? 14   LYS A O   1 
ATOM   119  C CB  . LYS A 1 18  ? -6.743  10.600  15.632  1.00 26.86 ? 14   LYS A CB  1 
ATOM   120  C CG  . LYS A 1 18  ? -6.398  10.644  17.085  1.00 27.70 ? 14   LYS A CG  1 
ATOM   121  C CD  . LYS A 1 18  ? -7.501  11.316  17.921  1.00 28.59 ? 14   LYS A CD  1 
ATOM   122  C CE  . LYS A 1 18  ? -7.092  11.408  19.363  1.00 30.49 ? 14   LYS A CE  1 
ATOM   123  N NZ  . LYS A 1 18  ? -8.114  11.990  20.247  1.00 29.83 ? 14   LYS A NZ  1 
ATOM   124  N N   . GLU A 1 19  ? -5.865  7.751   14.667  1.00 26.44 ? 15   GLU A N   1 
ATOM   125  C CA  . GLU A 1 19  ? -5.519  6.337   14.905  1.00 26.34 ? 15   GLU A CA  1 
ATOM   126  C C   . GLU A 1 19  ? -4.133  5.985   14.334  1.00 25.30 ? 15   GLU A C   1 
ATOM   127  O O   . GLU A 1 19  ? -3.313  5.403   15.018  1.00 25.99 ? 15   GLU A O   1 
ATOM   128  C CB  . GLU A 1 19  ? -6.591  5.417   14.346  1.00 26.86 ? 15   GLU A CB  1 
ATOM   129  C CG  . GLU A 1 19  ? -6.243  3.957   14.495  1.00 29.08 ? 15   GLU A CG  1 
ATOM   130  C CD  . GLU A 1 19  ? -7.274  3.017   13.908  1.00 30.96 ? 15   GLU A CD  1 
ATOM   131  O OE1 . GLU A 1 19  ? -8.069  3.411   13.008  1.00 29.75 ? 15   GLU A OE1 1 
ATOM   132  O OE2 . GLU A 1 19  ? -7.223  1.820   14.315  1.00 35.54 ? 15   GLU A OE2 1 
ATOM   133  N N   . VAL A 1 20  ? -3.872  6.367   13.093  1.00 24.72 ? 16   VAL A N   1 
ATOM   134  C CA  . VAL A 1 20  ? -2.563  6.139   12.482  1.00 25.46 ? 16   VAL A CA  1 
ATOM   135  C C   . VAL A 1 20  ? -1.493  6.861   13.308  1.00 25.07 ? 16   VAL A C   1 
ATOM   136  O O   . VAL A 1 20  ? -0.480  6.252   13.716  1.00 25.36 ? 16   VAL A O   1 
ATOM   137  C CB  . VAL A 1 20  ? -2.537  6.561   10.988  1.00 25.39 ? 16   VAL A CB  1 
ATOM   138  C CG1 . VAL A 1 20  ? -1.108  6.489   10.423  1.00 27.07 ? 16   VAL A CG1 1 
ATOM   139  C CG2 . VAL A 1 20  ? -3.466  5.666   10.171  1.00 25.42 ? 16   VAL A CG2 1 
ATOM   140  N N   . LEU A 1 21  ? -1.699  8.148   13.641  1.00 25.62 ? 17   LEU A N   1 
ATOM   141  C CA  . LEU A 1 21  ? -0.712  8.868   14.460  1.00 26.03 ? 17   LEU A CA  1 
ATOM   142  C C   . LEU A 1 21  ? -0.389  8.178   15.781  1.00 26.27 ? 17   LEU A C   1 
ATOM   143  O O   . LEU A 1 21  ? 0.766   8.167   16.216  1.00 27.07 ? 17   LEU A O   1 
ATOM   144  C CB  . LEU A 1 21  ? -1.185  10.323  14.731  1.00 24.97 ? 17   LEU A CB  1 
ATOM   145  C CG  . LEU A 1 21  ? -1.089  11.264  13.523  1.00 26.60 ? 17   LEU A CG  1 
ATOM   146  C CD1 . LEU A 1 21  ? -1.882  12.557  13.746  1.00 29.32 ? 17   LEU A CD1 1 
ATOM   147  C CD2 . LEU A 1 21  ? 0.332   11.614  13.261  1.00 28.30 ? 17   LEU A CD2 1 
ATOM   148  N N   . LYS A 1 22  ? -1.418  7.656   16.449  1.00 27.34 ? 18   LYS A N   1 
ATOM   149  C CA  . LYS A 1 22  ? -1.278  7.073   17.776  1.00 28.97 ? 18   LYS A CA  1 
ATOM   150  C C   . LYS A 1 22  ? -0.875  5.604   17.792  1.00 29.36 ? 18   LYS A C   1 
ATOM   151  O O   . LYS A 1 22  ? -0.619  5.052   18.877  1.00 29.12 ? 18   LYS A O   1 
ATOM   152  C CB  . LYS A 1 22  ? -2.560  7.259   18.587  1.00 29.92 ? 18   LYS A CB  1 
ATOM   153  C CG  . LYS A 1 22  ? -2.910  8.753   18.828  1.00 32.24 ? 18   LYS A CG  1 
ATOM   154  C CD  . LYS A 1 22  ? -4.187  8.992   19.629  1.00 33.02 ? 18   LYS A CD  1 
ATOM   155  C CE  . LYS A 1 22  ? -3.930  8.768   21.106  1.00 37.72 ? 18   LYS A CE  1 
ATOM   156  N NZ  . LYS A 1 22  ? -5.124  9.077   21.976  1.00 38.74 ? 18   LYS A NZ  1 
ATOM   157  N N   . SER A 1 23  ? -0.762  4.992   16.615  1.00 30.46 ? 19   SER A N   1 
ATOM   158  C CA  . SER A 1 23  ? -0.546  3.549   16.507  1.00 31.50 ? 19   SER A CA  1 
ATOM   159  C C   . SER A 1 23  ? 0.880   3.120   16.881  1.00 32.67 ? 19   SER A C   1 
ATOM   160  O O   . SER A 1 23  ? 1.863   3.858   16.707  1.00 31.94 ? 19   SER A O   1 
ATOM   161  C CB  . SER A 1 23  ? -0.946  3.018   15.097  1.00 30.92 ? 19   SER A CB  1 
ATOM   162  O OG  . SER A 1 23  ? 0.069   3.250   14.111  1.00 31.83 ? 19   SER A OG  1 
ATOM   163  N N   . GLU A 1 24  ? 0.971   1.902   17.407  1.00 33.71 ? 20   GLU A N   1 
ATOM   164  C CA  . GLU A 1 24  ? 2.250   1.253   17.647  1.00 33.77 ? 20   GLU A CA  1 
ATOM   165  C C   . GLU A 1 24  ? 3.049   1.074   16.360  1.00 34.02 ? 20   GLU A C   1 
ATOM   166  O O   . GLU A 1 24  ? 4.290   1.192   16.380  1.00 33.06 ? 20   GLU A O   1 
ATOM   167  C CB  . GLU A 1 24  ? 2.033   -0.112  18.322  1.00 34.66 ? 20   GLU A CB  1 
ATOM   168  C CG  . GLU A 1 24  ? 3.317   -0.871  18.593  1.00 35.52 ? 20   GLU A CG  1 
ATOM   169  C CD  . GLU A 1 24  ? 4.281   -0.065  19.451  1.00 39.10 ? 20   GLU A CD  1 
ATOM   170  O OE1 . GLU A 1 24  ? 3.823   0.567   20.438  1.00 41.52 ? 20   GLU A OE1 1 
ATOM   171  O OE2 . GLU A 1 24  ? 5.493   -0.064  19.136  1.00 42.69 ? 20   GLU A OE2 1 
ATOM   172  N N   . GLU A 1 25  ? 2.346   0.839   15.236  1.00 34.36 ? 21   GLU A N   1 
ATOM   173  C CA  . GLU A 1 25  ? 3.017   0.665   13.947  1.00 34.82 ? 21   GLU A CA  1 
ATOM   174  C C   . GLU A 1 25  ? 3.677   1.960   13.430  1.00 35.38 ? 21   GLU A C   1 
ATOM   175  O O   . GLU A 1 25  ? 4.780   1.903   12.874  1.00 36.11 ? 21   GLU A O   1 
ATOM   176  C CB  . GLU A 1 25  ? 2.090   0.031   12.882  1.00 35.04 ? 21   GLU A CB  1 
ATOM   177  C CG  . GLU A 1 25  ? 1.596   -1.352  13.308  1.00 35.89 ? 21   GLU A CG  1 
ATOM   178  C CD  . GLU A 1 25  ? 0.224   -1.363  13.976  1.00 38.52 ? 21   GLU A CD  1 
ATOM   179  O OE1 . GLU A 1 25  ? -0.309  -0.285  14.380  1.00 37.47 ? 21   GLU A OE1 1 
ATOM   180  O OE2 . GLU A 1 25  ? -0.341  -2.492  14.109  1.00 39.32 ? 21   GLU A OE2 1 
ATOM   181  N N   . THR A 1 26  ? 3.072   3.121   13.663  1.00 34.93 ? 22   THR A N   1 
ATOM   182  C CA  A THR A 1 26  ? 3.755   4.373   13.313  0.50 35.59 ? 22   THR A CA  1 
ATOM   183  C CA  B THR A 1 26  ? 3.752   4.381   13.336  0.50 35.41 ? 22   THR A CA  1 
ATOM   184  C C   . THR A 1 26  ? 4.917   4.630   14.290  1.00 35.37 ? 22   THR A C   1 
ATOM   185  O O   . THR A 1 26  ? 5.914   5.195   13.902  1.00 36.39 ? 22   THR A O   1 
ATOM   186  C CB  A THR A 1 26  ? 2.787   5.591   13.259  0.50 35.21 ? 22   THR A CB  1 
ATOM   187  C CB  B THR A 1 26  ? 2.798   5.584   13.384  0.50 34.90 ? 22   THR A CB  1 
ATOM   188  O OG1 A THR A 1 26  ? 3.163   6.467   12.188  0.50 36.47 ? 22   THR A OG1 1 
ATOM   189  O OG1 B THR A 1 26  ? 2.130   5.635   14.647  0.50 36.28 ? 22   THR A OG1 1 
ATOM   190  C CG2 A THR A 1 26  ? 2.937   6.484   14.483  0.50 35.35 ? 22   THR A CG2 1 
ATOM   191  C CG2 B THR A 1 26  ? 1.711   5.435   12.384  0.50 33.46 ? 22   THR A CG2 1 
ATOM   192  N N   . SER A 1 27  ? 4.798   4.192   15.545  1.00 35.97 ? 23   SER A N   1 
ATOM   193  C CA  . SER A 1 27  ? 5.906   4.366   16.516  1.00 36.65 ? 23   SER A CA  1 
ATOM   194  C C   . SER A 1 27  ? 7.137   3.561   16.093  1.00 36.20 ? 23   SER A C   1 
ATOM   195  O O   . SER A 1 27  ? 8.284   3.896   16.444  1.00 36.70 ? 23   SER A O   1 
ATOM   196  C CB  . SER A 1 27  ? 5.498   3.939   17.930  1.00 37.97 ? 23   SER A CB  1 
ATOM   197  O OG  . SER A 1 27  ? 5.232   2.538   17.973  1.00 42.39 ? 23   SER A OG  1 
ATOM   198  N N   . LYS A 1 28  ? 6.893   2.475   15.382  1.00 35.20 ? 24   LYS A N   1 
ATOM   199  C CA  . LYS A 1 28  ? 7.948   1.679   14.798  1.00 35.68 ? 24   LYS A CA  1 
ATOM   200  C C   . LYS A 1 28  ? 8.339   2.148   13.415  1.00 34.64 ? 24   LYS A C   1 
ATOM   201  O O   . LYS A 1 28  ? 9.171   1.518   12.762  1.00 35.34 ? 24   LYS A O   1 
ATOM   202  C CB  . LYS A 1 28  ? 7.505   0.226   14.751  1.00 36.53 ? 24   LYS A CB  1 
ATOM   203  C CG  . LYS A 1 28  ? 7.681   -0.499  16.094  1.00 38.60 ? 24   LYS A CG  1 
ATOM   204  C CD  . LYS A 1 28  ? 6.763   -1.711  16.223  1.00 38.79 ? 24   LYS A CD  1 
ATOM   205  C CE  . LYS A 1 28  ? 7.052   -2.489  17.517  1.00 40.16 ? 24   LYS A CE  1 
ATOM   206  N NZ  . LYS A 1 28  ? 5.791   -2.819  18.249  1.00 41.33 ? 24   LYS A NZ  1 
ATOM   207  N N   . ASN A 1 29  ? 7.774   3.266   12.982  1.00 33.43 ? 25   ASN A N   1 
ATOM   208  C CA  . ASN A 1 29  ? 7.986   3.784   11.639  1.00 32.67 ? 25   ASN A CA  1 
ATOM   209  C C   . ASN A 1 29  ? 7.591   2.812   10.509  1.00 31.44 ? 25   ASN A C   1 
ATOM   210  O O   . ASN A 1 29  ? 8.268   2.747   9.483   1.00 31.04 ? 25   ASN A O   1 
ATOM   211  C CB  . ASN A 1 29  ? 9.435   4.272   11.500  1.00 33.95 ? 25   ASN A CB  1 
ATOM   212  C CG  . ASN A 1 29  ? 9.738   5.404   12.468  1.00 37.20 ? 25   ASN A CG  1 
ATOM   213  O OD1 . ASN A 1 29  ? 8.997   6.396   12.527  1.00 43.00 ? 25   ASN A OD1 1 
ATOM   214  N ND2 . ASN A 1 29  ? 10.796  5.254   13.255  1.00 42.36 ? 25   ASN A ND2 1 
ATOM   215  N N   A GLN A 1 30  ? 6.491   2.087   10.696  0.50 29.85 ? 26   GLN A N   1 
ATOM   216  N N   B GLN A 1 30  ? 6.504   2.068   10.705  0.50 30.30 ? 26   GLN A N   1 
ATOM   217  C CA  A GLN A 1 30  ? 6.019   1.141   9.685   0.50 29.58 ? 26   GLN A CA  1 
ATOM   218  C CA  B GLN A 1 30  ? 6.031   1.125   9.692   0.50 30.46 ? 26   GLN A CA  1 
ATOM   219  C C   A GLN A 1 30  ? 4.995   1.742   8.740   0.50 28.73 ? 26   GLN A C   1 
ATOM   220  C C   B GLN A 1 30  ? 5.031   1.769   8.739   0.50 29.18 ? 26   GLN A C   1 
ATOM   221  O O   A GLN A 1 30  ? 4.908   1.324   7.579   0.50 28.77 ? 26   GLN A O   1 
ATOM   222  O O   B GLN A 1 30  ? 5.010   1.415   7.562   0.50 29.46 ? 26   GLN A O   1 
ATOM   223  C CB  A GLN A 1 30  ? 5.388   -0.088  10.347  0.50 29.56 ? 26   GLN A CB  1 
ATOM   224  C CB  B GLN A 1 30  ? 5.361   -0.100  10.330  0.50 30.60 ? 26   GLN A CB  1 
ATOM   225  C CG  A GLN A 1 30  ? 6.387   -0.911  11.139  0.50 30.22 ? 26   GLN A CG  1 
ATOM   226  C CG  B GLN A 1 30  ? 6.286   -0.952  11.212  0.50 32.80 ? 26   GLN A CG  1 
ATOM   227  C CD  A GLN A 1 30  ? 7.508   -1.370  10.269  0.50 29.19 ? 26   GLN A CD  1 
ATOM   228  C CD  B GLN A 1 30  ? 5.553   -1.552  12.412  0.50 33.21 ? 26   GLN A CD  1 
ATOM   229  O OE1 A GLN A 1 30  ? 7.285   -2.057  9.266   0.50 28.28 ? 26   GLN A OE1 1 
ATOM   230  O OE1 B GLN A 1 30  ? 4.874   -2.571  12.309  0.50 37.40 ? 26   GLN A OE1 1 
ATOM   231  N NE2 A GLN A 1 30  ? 8.710   -0.955  10.600  0.50 29.56 ? 26   GLN A NE2 1 
ATOM   232  N NE2 B GLN A 1 30  ? 5.721   -0.929  13.557  0.50 37.43 ? 26   GLN A NE2 1 
ATOM   233  N N   . ILE A 1 31  ? 4.150   2.629   9.266   1.00 27.51 ? 27   ILE A N   1 
ATOM   234  C CA  . ILE A 1 31  ? 3.071   3.275   8.451   1.00 27.16 ? 27   ILE A CA  1 
ATOM   235  C C   . ILE A 1 31  ? 2.984   4.743   8.774   1.00 26.72 ? 27   ILE A C   1 
ATOM   236  O O   . ILE A 1 31  ? 3.366   5.146   9.850   1.00 25.58 ? 27   ILE A O   1 
ATOM   237  C CB  . ILE A 1 31  ? 1.686   2.618   8.670   1.00 25.90 ? 27   ILE A CB  1 
ATOM   238  C CG1 . ILE A 1 31  ? 1.210   2.846   10.108  1.00 25.03 ? 27   ILE A CG1 1 
ATOM   239  C CG2 . ILE A 1 31  ? 1.745   1.165   8.353   1.00 28.16 ? 27   ILE A CG2 1 
ATOM   240  C CD1 . ILE A 1 31  ? -0.226  2.405   10.364  1.00 26.05 ? 27   ILE A CD1 1 
ATOM   241  N N   . LYS A 1 32  ? 2.426   5.536   7.850   1.00 27.28 ? 28   LYS A N   1 
ATOM   242  C CA  . LYS A 1 32  ? 2.281   6.984   8.005   1.00 27.13 ? 28   LYS A CA  1 
ATOM   243  C C   . LYS A 1 32  ? 1.190   7.438   7.042   1.00 26.08 ? 28   LYS A C   1 
ATOM   244  O O   . LYS A 1 32  ? 0.984   6.809   5.995   1.00 25.58 ? 28   LYS A O   1 
ATOM   245  C CB  . LYS A 1 32  ? 3.638   7.635   7.630   1.00 28.15 ? 28   LYS A CB  1 
ATOM   246  C CG  . LYS A 1 32  ? 3.741   9.107   7.634   1.00 31.21 ? 28   LYS A CG  1 
ATOM   247  C CD  . LYS A 1 32  ? 5.188   9.494   7.364   1.00 30.56 ? 28   LYS A CD  1 
ATOM   248  C CE  . LYS A 1 32  ? 5.476   10.874  7.813   1.00 36.21 ? 28   LYS A CE  1 
ATOM   249  N NZ  . LYS A 1 32  ? 6.773   11.228  7.175   1.00 37.77 ? 28   LYS A NZ  1 
ATOM   250  N N   . VAL A 1 33  ? 0.441   8.484   7.412   1.00 26.18 ? 29   VAL A N   1 
ATOM   251  C CA  . VAL A 1 33  ? -0.482  9.101   6.476   1.00 26.01 ? 29   VAL A CA  1 
ATOM   252  C C   . VAL A 1 33  ? -0.325  10.640  6.636   1.00 25.68 ? 29   VAL A C   1 
ATOM   253  O O   . VAL A 1 33  ? -0.185  11.164  7.763   1.00 26.29 ? 29   VAL A O   1 
ATOM   254  C CB  . VAL A 1 33  ? -1.941  8.583   6.611   1.00 27.79 ? 29   VAL A CB  1 
ATOM   255  C CG1 . VAL A 1 33  ? -2.502  8.895   7.947   1.00 29.73 ? 29   VAL A CG1 1 
ATOM   256  C CG2 . VAL A 1 33  ? -2.783  9.191   5.514   1.00 27.97 ? 29   VAL A CG2 1 
ATOM   257  N N   . ASP A 1 34  ? -0.244  11.365  5.511   1.00 24.90 ? 30   ASP A N   1 
ATOM   258  C CA  . ASP A 1 34  ? -0.175  12.833  5.537   1.00 24.85 ? 30   ASP A CA  1 
ATOM   259  C C   . ASP A 1 34  ? -1.222  13.504  4.648   1.00 23.84 ? 30   ASP A C   1 
ATOM   260  O O   . ASP A 1 34  ? -1.711  12.900  3.671   1.00 24.43 ? 30   ASP A O   1 
ATOM   261  C CB  . ASP A 1 34  ? 1.176   13.320  5.062   1.00 25.54 ? 30   ASP A CB  1 
ATOM   262  C CG  . ASP A 1 34  ? 2.297   12.979  6.047   1.00 28.06 ? 30   ASP A CG  1 
ATOM   263  O OD1 . ASP A 1 34  ? 2.353   13.617  7.106   1.00 28.48 ? 30   ASP A OD1 1 
ATOM   264  O OD2 . ASP A 1 34  ? 3.087   12.058  5.832   1.00 29.55 ? 30   ASP A OD2 1 
ATOM   265  N N   . LEU A 1 35  ? -1.530  14.734  5.005   1.00 24.10 ? 31   LEU A N   1 
ATOM   266  C CA  . LEU A 1 35  ? -2.444  15.562  4.229   1.00 25.70 ? 31   LEU A CA  1 
ATOM   267  C C   . LEU A 1 35  ? -1.814  15.911  2.881   1.00 26.20 ? 31   LEU A C   1 
ATOM   268  O O   . LEU A 1 35  ? -0.603  15.976  2.748   1.00 23.63 ? 31   LEU A O   1 
ATOM   269  C CB  . LEU A 1 35  ? -2.764  16.849  4.977   1.00 26.10 ? 31   LEU A CB  1 
ATOM   270  C CG  . LEU A 1 35  ? -3.482  16.680  6.304   1.00 25.09 ? 31   LEU A CG  1 
ATOM   271  C CD1 . LEU A 1 35  ? -3.516  18.064  6.965   1.00 29.01 ? 31   LEU A CD1 1 
ATOM   272  C CD2 . LEU A 1 35  ? -4.822  16.049  6.150   1.00 29.55 ? 31   LEU A CD2 1 
ATOM   273  N N   . VAL A 1 36  ? -2.693  16.138  1.912   1.00 27.53 ? 32   VAL A N   1 
ATOM   274  C CA  . VAL A 1 36  ? -2.347  16.717  0.629   1.00 29.79 ? 32   VAL A CA  1 
ATOM   275  C C   . VAL A 1 36  ? -3.240  17.944  0.445   1.00 31.59 ? 32   VAL A C   1 
ATOM   276  O O   . VAL A 1 36  ? -2.736  18.996  0.251   1.00 33.84 ? 32   VAL A O   1 
ATOM   277  C CB  . VAL A 1 36  ? -2.641  15.771  -0.571  1.00 28.41 ? 32   VAL A CB  1 
ATOM   278  C CG1 . VAL A 1 36  ? -2.313  16.483  -1.892  1.00 30.23 ? 32   VAL A CG1 1 
ATOM   279  C CG2 . VAL A 1 36  ? -1.885  14.450  -0.422  1.00 28.40 ? 32   VAL A CG2 1 
ATOM   280  N N   . ASP A 1 37  ? -4.578  17.750  0.416   1.00 36.06 ? 33   ASP A N   1 
ATOM   281  C CA  . ASP A 1 37  ? -5.463  18.901  0.141   1.00 37.91 ? 33   ASP A CA  1 
ATOM   282  C C   . ASP A 1 37  ? -5.624  19.848  1.373   1.00 39.86 ? 33   ASP A C   1 
ATOM   283  O O   . ASP A 1 37  ? -4.954  19.674  2.409   1.00 40.10 ? 33   ASP A O   1 
ATOM   284  C CB  . ASP A 1 37  ? -6.736  18.649  -0.763  1.00 37.17 ? 33   ASP A CB  1 
ATOM   285  C CG  . ASP A 1 37  ? -7.593  17.361  -0.444  1.00 40.36 ? 33   ASP A CG  1 
ATOM   286  O OD1 . ASP A 1 37  ? -7.124  16.271  -0.105  1.00 35.01 ? 33   ASP A OD1 1 
ATOM   287  O OD2 . ASP A 1 37  ? -8.835  17.352  -0.602  1.00 41.94 ? 33   ASP A OD2 1 
ATOM   288  N N   . GLU A 1 38  ? -6.377  20.930  1.197   1.00 40.06 ? 34   GLU A N   1 
ATOM   289  C CA  . GLU A 1 38  ? -7.010  21.595  2.324   1.00 40.17 ? 34   GLU A CA  1 
ATOM   290  C C   . GLU A 1 38  ? -8.241  20.790  2.714   1.00 39.53 ? 34   GLU A C   1 
ATOM   291  O O   . GLU A 1 38  ? -8.900  21.082  3.701   1.00 41.35 ? 34   GLU A O   1 
ATOM   292  C CB  . GLU A 1 38  ? -7.388  23.065  2.008   1.00 41.03 ? 34   GLU A CB  1 
ATOM   293  C CG  . GLU A 1 38  ? -8.441  23.271  0.920   1.00 43.31 ? 34   GLU A CG  1 
ATOM   294  C CD  . GLU A 1 38  ? -7.862  23.295  -0.494  1.00 46.63 ? 34   GLU A CD  1 
ATOM   295  O OE1 . GLU A 1 38  ? -6.824  22.621  -0.727  1.00 47.50 ? 34   GLU A OE1 1 
ATOM   296  O OE2 . GLU A 1 38  ? -8.453  23.975  -1.374  1.00 46.55 ? 34   GLU A OE2 1 
ATOM   297  N N   . ASN A 1 39  ? -8.592  19.780  1.937   1.00 38.15 ? 35   ASN A N   1 
ATOM   298  C CA  . ASN A 1 39  ? -9.675  18.947  2.329   1.00 35.89 ? 35   ASN A CA  1 
ATOM   299  C C   . ASN A 1 39  ? -9.071  17.550  2.564   1.00 35.86 ? 35   ASN A C   1 
ATOM   300  O O   . ASN A 1 39  ? -7.831  17.403  2.756   1.00 37.44 ? 35   ASN A O   1 
ATOM   301  C CB  . ASN A 1 39  ? -10.820 19.000  1.316   1.00 36.98 ? 35   ASN A CB  1 
ATOM   302  C CG  . ASN A 1 39  ? -11.533 20.377  1.278   1.00 38.66 ? 35   ASN A CG  1 
ATOM   303  O OD1 . ASN A 1 39  ? -12.392 20.722  2.139   1.00 38.36 ? 35   ASN A OD1 1 
ATOM   304  N ND2 . ASN A 1 39  ? -11.209 21.144  0.266   1.00 35.43 ? 35   ASN A ND2 1 
ATOM   305  N N   . PHE A 1 40  ? -9.927  16.571  2.580   1.00 32.17 ? 36   PHE A N   1 
ATOM   306  C CA  . PHE A 1 40  ? -9.573  15.218  2.997   1.00 31.31 ? 36   PHE A CA  1 
ATOM   307  C C   . PHE A 1 40  ? -9.973  14.231  1.901   1.00 28.93 ? 36   PHE A C   1 
ATOM   308  O O   . PHE A 1 40  ? -10.198 13.072  2.180   1.00 30.67 ? 36   PHE A O   1 
ATOM   309  C CB  . PHE A 1 40  ? -10.271 14.914  4.330   1.00 32.23 ? 36   PHE A CB  1 
ATOM   310  C CG  . PHE A 1 40  ? -9.898  15.855  5.403   1.00 33.75 ? 36   PHE A CG  1 
ATOM   311  C CD1 . PHE A 1 40  ? -8.654  15.751  6.017   1.00 34.44 ? 36   PHE A CD1 1 
ATOM   312  C CD2 . PHE A 1 40  ? -10.721 16.921  5.742   1.00 36.22 ? 36   PHE A CD2 1 
ATOM   313  C CE1 . PHE A 1 40  ? -8.276  16.652  6.987   1.00 36.25 ? 36   PHE A CE1 1 
ATOM   314  C CE2 . PHE A 1 40  ? -10.349 17.824  6.716   1.00 38.38 ? 36   PHE A CE2 1 
ATOM   315  C CZ  . PHE A 1 40  ? -9.111  17.706  7.326   1.00 37.00 ? 36   PHE A CZ  1 
ATOM   316  N N   . THR A 1 41  ? -10.021 14.668  0.648   1.00 28.01 ? 37   THR A N   1 
ATOM   317  C CA  . THR A 1 41  ? -10.295 13.736  -0.452  1.00 28.24 ? 37   THR A CA  1 
ATOM   318  C C   . THR A 1 41  ? -9.055  13.012  -1.011  1.00 28.58 ? 37   THR A C   1 
ATOM   319  O O   . THR A 1 41  ? -9.194  11.950  -1.676  1.00 27.50 ? 37   THR A O   1 
ATOM   320  C CB  . THR A 1 41  ? -11.039 14.436  -1.609  1.00 29.62 ? 37   THR A CB  1 
ATOM   321  O OG1 . THR A 1 41  ? -10.164 15.302  -2.300  1.00 27.68 ? 37   THR A OG1 1 
ATOM   322  C CG2 . THR A 1 41  ? -12.150 15.343  -1.118  1.00 30.86 ? 37   THR A CG2 1 
ATOM   323  N N   . GLU A 1 42  ? -7.872  13.578  -0.788  1.00 25.38 ? 38   GLU A N   1 
ATOM   324  C CA  . GLU A 1 42  ? -6.630  12.891  -1.163  1.00 26.20 ? 38   GLU A CA  1 
ATOM   325  C C   . GLU A 1 42  ? -5.685  12.933  0.018   1.00 24.78 ? 38   GLU A C   1 
ATOM   326  O O   . GLU A 1 42  ? -5.478  14.010  0.623   1.00 23.57 ? 38   GLU A O   1 
ATOM   327  C CB  . GLU A 1 42  ? -5.927  13.543  -2.361  1.00 27.06 ? 38   GLU A CB  1 
ATOM   328  C CG  . GLU A 1 42  ? -4.882  12.606  -2.954  1.00 28.86 ? 38   GLU A CG  1 
ATOM   329  C CD  . GLU A 1 42  ? -4.129  13.207  -4.112  1.00 30.42 ? 38   GLU A CD  1 
ATOM   330  O OE1 . GLU A 1 42  ? -4.676  14.117  -4.766  1.00 36.64 ? 38   GLU A OE1 1 
ATOM   331  O OE2 . GLU A 1 42  ? -2.971  12.781  -4.352  1.00 36.54 ? 38   GLU A OE2 1 
ATOM   332  N N   . LEU A 1 43  ? -5.056  11.814  0.263   1.00 24.26 ? 39   LEU A N   1 
ATOM   333  C CA  . LEU A 1 43  ? -4.050  11.703  1.333   1.00 25.17 ? 39   LEU A CA  1 
ATOM   334  C C   . LEU A 1 43  ? -2.811  11.029  0.734   1.00 25.32 ? 39   LEU A C   1 
ATOM   335  O O   . LEU A 1 43  ? -2.897  10.356  -0.341  1.00 25.24 ? 39   LEU A O   1 
ATOM   336  C CB  . LEU A 1 43  ? -4.605  10.859  2.468   1.00 24.39 ? 39   LEU A CB  1 
ATOM   337  C CG  . LEU A 1 43  ? -5.949  11.313  3.081   1.00 26.12 ? 39   LEU A CG  1 
ATOM   338  C CD1 . LEU A 1 43  ? -6.554  10.202  4.013   1.00 28.66 ? 39   LEU A CD1 1 
ATOM   339  C CD2 . LEU A 1 43  ? -5.755  12.657  3.800   1.00 29.77 ? 39   LEU A CD2 1 
ATOM   340  N N   . ARG A 1 44  ? -1.695  11.169  1.421   1.00 25.41 ? 40   ARG A N   1 
ATOM   341  C CA  . ARG A 1 44  ? -0.483  10.442  1.051   1.00 26.38 ? 40   ARG A CA  1 
ATOM   342  C C   . ARG A 1 44  ? -0.062  9.460   2.127   1.00 25.72 ? 40   ARG A C   1 
ATOM   343  O O   . ARG A 1 44  ? 0.245   9.869   3.258   1.00 27.41 ? 40   ARG A O   1 
ATOM   344  C CB  . ARG A 1 44  ? 0.635   11.412  0.783   1.00 27.30 ? 40   ARG A CB  1 
ATOM   345  C CG  . ARG A 1 44  ? 1.920   10.710  0.325   1.00 29.88 ? 40   ARG A CG  1 
ATOM   346  C CD  . ARG A 1 44  ? 2.065   10.600  -1.183  1.00 38.72 ? 40   ARG A CD  1 
ATOM   347  N NE  . ARG A 1 44  ? 1.209   11.569  -1.885  1.00 40.76 ? 40   ARG A NE  1 
ATOM   348  C CZ  . ARG A 1 44  ? 1.599   12.534  -2.691  1.00 41.39 ? 40   ARG A CZ  1 
ATOM   349  N NH1 . ARG A 1 44  ? 2.891   12.745  -2.992  1.00 43.36 ? 40   ARG A NH1 1 
ATOM   350  N NH2 . ARG A 1 44  ? 0.668   13.308  -3.228  1.00 42.02 ? 40   ARG A NH2 1 
ATOM   351  N N   . GLY A 1 45  ? -0.028  8.190   1.777   1.00 24.81 ? 41   GLY A N   1 
ATOM   352  C CA  . GLY A 1 45  ? 0.360   7.119   2.680   1.00 25.98 ? 41   GLY A CA  1 
ATOM   353  C C   . GLY A 1 45  ? 1.810   6.760   2.462   1.00 26.36 ? 41   GLY A C   1 
ATOM   354  O O   . GLY A 1 45  ? 2.383   7.088   1.410   1.00 26.14 ? 41   GLY A O   1 
ATOM   355  N N   . GLU A 1 46  ? 2.425   6.180   3.488   1.00 27.54 ? 42   GLU A N   1 
ATOM   356  C CA  . GLU A 1 46  ? 3.747   5.579   3.314   1.00 27.89 ? 42   GLU A CA  1 
ATOM   357  C C   . GLU A 1 46  ? 3.773   4.295   4.105   1.00 28.11 ? 42   GLU A C   1 
ATOM   358  O O   . GLU A 1 46  ? 3.319   4.251   5.274   1.00 29.33 ? 42   GLU A O   1 
ATOM   359  C CB  . GLU A 1 46  ? 4.837   6.544   3.747   1.00 27.22 ? 42   GLU A CB  1 
ATOM   360  C CG  . GLU A 1 46  ? 6.253   6.123   3.413   1.00 29.48 ? 42   GLU A CG  1 
ATOM   361  C CD  . GLU A 1 46  ? 7.215   7.155   3.953   1.00 31.18 ? 42   GLU A CD  1 
ATOM   362  O OE1 . GLU A 1 46  ? 7.327   8.247   3.372   1.00 37.12 ? 42   GLU A OE1 1 
ATOM   363  O OE2 . GLU A 1 46  ? 7.762   6.913   5.043   1.00 35.55 ? 42   GLU A OE2 1 
ATOM   364  N N   . ILE A 1 47  ? 4.334   3.252   3.507   1.00 27.84 ? 43   ILE A N   1 
ATOM   365  C CA  . ILE A 1 47  ? 4.624   2.014   4.246   1.00 26.90 ? 43   ILE A CA  1 
ATOM   366  C C   . ILE A 1 47  ? 6.071   1.568   4.086   1.00 27.18 ? 43   ILE A C   1 
ATOM   367  O O   . ILE A 1 47  ? 6.700   1.806   3.045   1.00 26.34 ? 43   ILE A O   1 
ATOM   368  C CB  . ILE A 1 47  ? 3.685   0.868   3.846   1.00 27.22 ? 43   ILE A CB  1 
ATOM   369  C CG1 . ILE A 1 47  ? 3.872   0.536   2.351   1.00 26.37 ? 43   ILE A CG1 1 
ATOM   370  C CG2 . ILE A 1 47  ? 2.218   1.225   4.140   1.00 27.34 ? 43   ILE A CG2 1 
ATOM   371  C CD1 . ILE A 1 47  ? 3.017   -0.545  1.863   1.00 27.38 ? 43   ILE A CD1 1 
ATOM   372  N N   . ALA A 1 48  ? 6.599   1.018   5.173   1.00 27.22 ? 44   ALA A N   1 
ATOM   373  C CA  . ALA A 1 48  ? 7.908   0.330   5.168   1.00 27.08 ? 44   ALA A CA  1 
ATOM   374  C C   . ALA A 1 48  ? 7.814   -1.059  4.556   1.00 27.61 ? 44   ALA A C   1 
ATOM   375  O O   . ALA A 1 48  ? 6.848   -1.786  4.806   1.00 28.56 ? 44   ALA A O   1 
ATOM   376  C CB  . ALA A 1 48  ? 8.447   0.222   6.570   1.00 26.93 ? 44   ALA A CB  1 
ATOM   377  N N   . GLY A 1 49  ? 8.835   -1.453  3.783   1.00 27.87 ? 45   GLY A N   1 
ATOM   378  C CA  . GLY A 1 49  ? 8.946   -2.832  3.322   1.00 27.91 ? 45   GLY A CA  1 
ATOM   379  C C   . GLY A 1 49  ? 9.025   -3.755  4.510   1.00 28.16 ? 45   GLY A C   1 
ATOM   380  O O   . GLY A 1 49  ? 9.772   -3.475  5.442   1.00 27.48 ? 45   GLY A O   1 
ATOM   381  N N   . PRO A 1 50  ? 8.282   -4.865  4.523   1.00 28.72 ? 46   PRO A N   1 
ATOM   382  C CA  . PRO A 1 50  ? 8.367   -5.785  5.664   1.00 29.31 ? 46   PRO A CA  1 
ATOM   383  C C   . PRO A 1 50  ? 9.777   -6.409  5.759   1.00 29.69 ? 46   PRO A C   1 
ATOM   384  O O   . PRO A 1 50  ? 10.472  -6.532  4.738   1.00 27.96 ? 46   PRO A O   1 
ATOM   385  C CB  . PRO A 1 50  ? 7.325   -6.865  5.353   1.00 30.37 ? 46   PRO A CB  1 
ATOM   386  C CG  . PRO A 1 50  ? 6.598   -6.420  4.157   1.00 30.67 ? 46   PRO A CG  1 
ATOM   387  C CD  . PRO A 1 50  ? 7.355   -5.335  3.482   1.00 29.26 ? 46   PRO A CD  1 
ATOM   388  N N   . PRO A 1 51  ? 10.171  -6.834  6.959   1.00 30.35 ? 47   PRO A N   1 
ATOM   389  C CA  . PRO A 1 51  ? 11.485  -7.435  7.153   1.00 30.55 ? 47   PRO A CA  1 
ATOM   390  C C   . PRO A 1 51  ? 11.496  -8.780  6.494   1.00 30.74 ? 47   PRO A C   1 
ATOM   391  O O   . PRO A 1 51  ? 10.429  -9.374  6.293   1.00 31.48 ? 47   PRO A O   1 
ATOM   392  C CB  . PRO A 1 51  ? 11.596  -7.593  8.665   1.00 30.99 ? 47   PRO A CB  1 
ATOM   393  C CG  . PRO A 1 51  ? 10.182  -7.661  9.158   1.00 31.44 ? 47   PRO A CG  1 
ATOM   394  C CD  . PRO A 1 51  ? 9.377   -6.812  8.199   1.00 30.46 ? 47   PRO A CD  1 
ATOM   395  N N   . ASP A 1 52  ? 12.672  -9.203  6.078   1.00 31.11 ? 48   ASP A N   1 
ATOM   396  C CA  . ASP A 1 52  ? 12.886  -10.518 5.498   1.00 31.52 ? 48   ASP A CA  1 
ATOM   397  C C   . ASP A 1 52  ? 12.151  -10.679 4.159   1.00 31.30 ? 48   ASP A C   1 
ATOM   398  O O   . ASP A 1 52  ? 11.736  -11.782 3.787   1.00 32.27 ? 48   ASP A O   1 
ATOM   399  C CB  . ASP A 1 52  ? 12.505  -11.602 6.519   1.00 32.55 ? 48   ASP A CB  1 
ATOM   400  C CG  . ASP A 1 52  ? 13.365  -11.549 7.790   1.00 36.05 ? 48   ASP A CG  1 
ATOM   401  O OD1 . ASP A 1 52  ? 14.604  -11.413 7.682   1.00 39.03 ? 48   ASP A OD1 1 
ATOM   402  O OD2 . ASP A 1 52  ? 12.899  -11.649 8.942   1.00 42.65 ? 48   ASP A OD2 1 
ATOM   403  N N   . THR A 1 53  ? 11.987  -9.566  3.441   1.00 29.91 ? 49   THR A N   1 
ATOM   404  C CA  . THR A 1 53  ? 11.512  -9.594  2.057   1.00 29.34 ? 49   THR A CA  1 
ATOM   405  C C   . THR A 1 53  ? 12.468  -8.783  1.221   1.00 28.78 ? 49   THR A C   1 
ATOM   406  O O   . THR A 1 53  ? 13.299  -8.059  1.776   1.00 27.10 ? 49   THR A O   1 
ATOM   407  C CB  . THR A 1 53  ? 10.086  -8.982  1.921   1.00 29.49 ? 49   THR A CB  1 
ATOM   408  O OG1 . THR A 1 53  ? 10.145  -7.547  2.046   1.00 28.38 ? 49   THR A OG1 1 
ATOM   409  C CG2 . THR A 1 53  ? 9.141   -9.500  2.997   1.00 30.47 ? 49   THR A CG2 1 
ATOM   410  N N   . PRO A 1 54  ? 12.340  -8.855  -0.104  1.00 28.27 ? 50   PRO A N   1 
ATOM   411  C CA  . PRO A 1 54  ? 13.173  -8.029  -0.990  1.00 27.53 ? 50   PRO A CA  1 
ATOM   412  C C   . PRO A 1 54  ? 12.931  -6.531  -0.809  1.00 26.53 ? 50   PRO A C   1 
ATOM   413  O O   . PRO A 1 54  ? 13.724  -5.735  -1.243  1.00 25.23 ? 50   PRO A O   1 
ATOM   414  C CB  . PRO A 1 54  ? 12.747  -8.463  -2.405  1.00 28.12 ? 50   PRO A CB  1 
ATOM   415  C CG  . PRO A 1 54  ? 12.009  -9.728  -2.240  1.00 29.46 ? 50   PRO A CG  1 
ATOM   416  C CD  . PRO A 1 54  ? 11.416  -9.722  -0.864  1.00 28.58 ? 50   PRO A CD  1 
ATOM   417  N N   . TYR A 1 55  ? 11.824  -6.171  -0.154  1.00 25.61 ? 51   TYR A N   1 
ATOM   418  C CA  . TYR A 1 55  ? 11.436  -4.773  0.049   1.00 26.32 ? 51   TYR A CA  1 
ATOM   419  C C   . TYR A 1 55  ? 11.973  -4.163  1.341   1.00 26.38 ? 51   TYR A C   1 
ATOM   420  O O   . TYR A 1 55  ? 11.828  -2.954  1.559   1.00 24.48 ? 51   TYR A O   1 
ATOM   421  C CB  . TYR A 1 55  ? 9.903   -4.653  0.014   1.00 25.73 ? 51   TYR A CB  1 
ATOM   422  C CG  . TYR A 1 55  ? 9.306   -5.431  -1.121  1.00 25.00 ? 51   TYR A CG  1 
ATOM   423  C CD1 . TYR A 1 55  ? 9.528   -5.052  -2.449  1.00 26.21 ? 51   TYR A CD1 1 
ATOM   424  C CD2 . TYR A 1 55  ? 8.607   -6.601  -0.891  1.00 25.16 ? 51   TYR A CD2 1 
ATOM   425  C CE1 . TYR A 1 55  ? 9.050   -5.834  -3.515  1.00 25.69 ? 51   TYR A CE1 1 
ATOM   426  C CE2 . TYR A 1 55  ? 8.112   -7.384  -1.950  1.00 25.76 ? 51   TYR A CE2 1 
ATOM   427  C CZ  . TYR A 1 55  ? 8.360   -6.999  -3.265  1.00 26.70 ? 51   TYR A CZ  1 
ATOM   428  O OH  . TYR A 1 55  ? 7.877   -7.780  -4.319  1.00 26.31 ? 51   TYR A OH  1 
ATOM   429  N N   . GLU A 1 56  ? 12.614  -4.973  2.174   1.00 27.92 ? 52   GLU A N   1 
ATOM   430  C CA  . GLU A 1 56  ? 13.192  -4.489  3.441   1.00 28.57 ? 52   GLU A CA  1 
ATOM   431  C C   . GLU A 1 56  ? 14.104  -3.277  3.220   1.00 28.77 ? 52   GLU A C   1 
ATOM   432  O O   . GLU A 1 56  ? 14.922  -3.288  2.319   1.00 28.05 ? 52   GLU A O   1 
ATOM   433  C CB  . GLU A 1 56  ? 13.953  -5.609  4.127   1.00 29.31 ? 52   GLU A CB  1 
ATOM   434  C CG  . GLU A 1 56  ? 14.323  -5.289  5.559   1.00 30.28 ? 52   GLU A CG  1 
ATOM   435  C CD  . GLU A 1 56  ? 14.925  -6.456  6.309   1.00 32.21 ? 52   GLU A CD  1 
ATOM   436  O OE1 . GLU A 1 56  ? 15.040  -7.595  5.775   1.00 36.56 ? 52   GLU A OE1 1 
ATOM   437  O OE2 . GLU A 1 56  ? 15.314  -6.209  7.464   1.00 39.48 ? 52   GLU A OE2 1 
ATOM   438  N N   . GLY A 1 57  ? 13.940  -2.229  4.029   1.00 28.74 ? 53   GLY A N   1 
ATOM   439  C CA  . GLY A 1 57  ? 14.785  -1.035  3.921   1.00 28.70 ? 53   GLY A CA  1 
ATOM   440  C C   . GLY A 1 57  ? 14.125  0.022   3.053   1.00 29.16 ? 53   GLY A C   1 
ATOM   441  O O   . GLY A 1 57  ? 14.481  1.202   3.137   1.00 28.80 ? 53   GLY A O   1 
ATOM   442  N N   . GLY A 1 58  ? 13.167  -0.399  2.221   1.00 27.83 ? 54   GLY A N   1 
ATOM   443  C CA  . GLY A 1 58  ? 12.479  0.497   1.311   1.00 27.57 ? 54   GLY A CA  1 
ATOM   444  C C   . GLY A 1 58  ? 11.290  1.191   1.981   1.00 27.53 ? 54   GLY A C   1 
ATOM   445  O O   . GLY A 1 58  ? 10.743  0.703   2.972   1.00 25.32 ? 54   GLY A O   1 
ATOM   446  N N   . ARG A 1 59  ? 10.940  2.356   1.455   1.00 27.69 ? 55   ARG A N   1 
ATOM   447  C CA  . ARG A 1 59  ? 9.706   3.033   1.858   1.00 28.48 ? 55   ARG A CA  1 
ATOM   448  C C   . ARG A 1 59  ? 8.886   3.346   0.609   1.00 27.86 ? 55   ARG A C   1 
ATOM   449  O O   . ARG A 1 59  ? 9.417   3.807   -0.398  1.00 26.82 ? 55   ARG A O   1 
ATOM   450  C CB  . ARG A 1 59  ? 10.026  4.276   2.680   1.00 28.76 ? 55   ARG A CB  1 
ATOM   451  C CG  . ARG A 1 59  ? 10.757  3.913   3.991   1.00 30.21 ? 55   ARG A CG  1 
ATOM   452  C CD  . ARG A 1 59  ? 10.874  5.023   4.983   1.00 32.92 ? 55   ARG A CD  1 
ATOM   453  N NE  . ARG A 1 59  ? 9.561   5.463   5.475   1.00 39.63 ? 55   ARG A NE  1 
ATOM   454  C CZ  . ARG A 1 59  ? 8.879   4.851   6.454   1.00 40.19 ? 55   ARG A CZ  1 
ATOM   455  N NH1 . ARG A 1 59  ? 9.385   3.795   7.067   1.00 42.44 ? 55   ARG A NH1 1 
ATOM   456  N NH2 . ARG A 1 59  ? 7.698   5.313   6.848   1.00 42.37 ? 55   ARG A NH2 1 
ATOM   457  N N   . TYR A 1 60  ? 7.594   3.101   0.692   1.00 26.81 ? 56   TYR A N   1 
ATOM   458  C CA  . TYR A 1 60  ? 6.698   3.186   -0.464  1.00 27.16 ? 56   TYR A CA  1 
ATOM   459  C C   . TYR A 1 60  ? 5.604   4.226   -0.245  1.00 28.15 ? 56   TYR A C   1 
ATOM   460  O O   . TYR A 1 60  ? 4.798   4.078   0.695   1.00 28.22 ? 56   TYR A O   1 
ATOM   461  C CB  . TYR A 1 60  ? 6.100   1.788   -0.724  1.00 27.98 ? 56   TYR A CB  1 
ATOM   462  C CG  . TYR A 1 60  ? 7.185   0.845   -1.192  1.00 27.85 ? 56   TYR A CG  1 
ATOM   463  C CD1 . TYR A 1 60  ? 7.506   0.781   -2.541  1.00 29.27 ? 56   TYR A CD1 1 
ATOM   464  C CD2 . TYR A 1 60  ? 7.951   0.122   -0.300  1.00 27.85 ? 56   TYR A CD2 1 
ATOM   465  C CE1 . TYR A 1 60  ? 8.523   -0.021  -3.004  1.00 28.70 ? 56   TYR A CE1 1 
ATOM   466  C CE2 . TYR A 1 60  ? 8.983   -0.722  -0.760  1.00 28.48 ? 56   TYR A CE2 1 
ATOM   467  C CZ  . TYR A 1 60  ? 9.273   -0.757  -2.122  1.00 27.92 ? 56   TYR A CZ  1 
ATOM   468  O OH  . TYR A 1 60  ? 10.296  -1.553  -2.613  1.00 28.00 ? 56   TYR A OH  1 
ATOM   469  N N   . GLN A 1 61  ? 5.587   5.241   -1.106  1.00 27.75 ? 57   GLN A N   1 
ATOM   470  C CA  A GLN A 1 61  ? 4.590   6.299   -1.080  0.50 28.04 ? 57   GLN A CA  1 
ATOM   471  C CA  B GLN A 1 61  ? 4.592   6.309   -1.080  0.50 27.84 ? 57   GLN A CA  1 
ATOM   472  C C   . GLN A 1 61  ? 3.343   5.790   -1.791  1.00 28.15 ? 57   GLN A C   1 
ATOM   473  O O   . GLN A 1 61  ? 3.442   5.116   -2.822  1.00 27.10 ? 57   GLN A O   1 
ATOM   474  C CB  A GLN A 1 61  ? 5.108   7.547   -1.801  0.50 28.06 ? 57   GLN A CB  1 
ATOM   475  C CB  B GLN A 1 61  ? 5.109   7.573   -1.801  0.50 28.05 ? 57   GLN A CB  1 
ATOM   476  C CG  A GLN A 1 61  ? 6.184   8.352   -1.075  0.50 30.02 ? 57   GLN A CG  1 
ATOM   477  C CG  B GLN A 1 61  ? 6.417   8.188   -1.279  0.50 30.12 ? 57   GLN A CG  1 
ATOM   478  C CD  A GLN A 1 61  ? 6.387   9.707   -1.714  0.50 29.94 ? 57   GLN A CD  1 
ATOM   479  C CD  B GLN A 1 61  ? 6.338   8.632   0.165   0.50 31.47 ? 57   GLN A CD  1 
ATOM   480  O OE1 A GLN A 1 61  ? 5.476   10.236  -2.364  0.50 35.19 ? 57   GLN A OE1 1 
ATOM   481  O OE1 B GLN A 1 61  ? 5.484   9.435   0.539   0.50 33.12 ? 57   GLN A OE1 1 
ATOM   482  N NE2 A GLN A 1 61  ? 7.572   10.279  -1.541  0.50 33.45 ? 57   GLN A NE2 1 
ATOM   483  N NE2 B GLN A 1 61  ? 7.232   8.112   0.975   0.50 32.15 ? 57   GLN A NE2 1 
ATOM   484  N N   . LEU A 1 62  ? 2.168   6.108   -1.230  1.00 27.48 ? 58   LEU A N   1 
ATOM   485  C CA  . LEU A 1 62  ? 0.867   5.646   -1.735  1.00 27.36 ? 58   LEU A CA  1 
ATOM   486  C C   . LEU A 1 62  ? -0.091  6.801   -1.983  1.00 26.84 ? 58   LEU A C   1 
ATOM   487  O O   . LEU A 1 62  ? -0.176  7.729   -1.159  1.00 26.58 ? 58   LEU A O   1 
ATOM   488  C CB  . LEU A 1 62  ? 0.206   4.687   -0.730  1.00 27.12 ? 58   LEU A CB  1 
ATOM   489  C CG  . LEU A 1 62  ? 0.994   3.452   -0.256  1.00 28.53 ? 58   LEU A CG  1 
ATOM   490  C CD1 . LEU A 1 62  ? 0.346   2.788   0.963   1.00 30.89 ? 58   LEU A CD1 1 
ATOM   491  C CD2 . LEU A 1 62  ? 1.111   2.448   -1.407  1.00 30.31 ? 58   LEU A CD2 1 
ATOM   492  N N   . GLU A 1 63  ? -0.728  6.790   -3.140  1.00 26.09 ? 59   GLU A N   1 
ATOM   493  C CA  . GLU A 1 63  ? -1.733  7.810   -3.492  1.00 26.75 ? 59   GLU A CA  1 
ATOM   494  C C   . GLU A 1 63  ? -3.083  7.241   -2.962  1.00 25.87 ? 59   GLU A C   1 
ATOM   495  O O   . GLU A 1 63  ? -3.480  6.167   -3.394  1.00 26.96 ? 59   GLU A O   1 
ATOM   496  C CB  . GLU A 1 63  ? -1.768  7.969   -4.994  1.00 26.62 ? 59   GLU A CB  1 
ATOM   497  C CG  . GLU A 1 63  ? -2.867  8.869   -5.507  1.00 27.65 ? 59   GLU A CG  1 
ATOM   498  C CD  . GLU A 1 63  ? -2.994  8.758   -7.007  1.00 29.55 ? 59   GLU A CD  1 
ATOM   499  O OE1 . GLU A 1 63  ? -3.763  7.885   -7.455  1.00 30.61 ? 59   GLU A OE1 1 
ATOM   500  O OE2 . GLU A 1 63  ? -2.278  9.509   -7.683  1.00 29.06 ? 59   GLU A OE2 1 
ATOM   501  N N   . ILE A 1 64  ? -3.737  7.974   -2.053  1.00 25.26 ? 60   ILE A N   1 
ATOM   502  C CA  . ILE A 1 64  ? -4.965  7.504   -1.421  1.00 26.48 ? 60   ILE A CA  1 
ATOM   503  C C   . ILE A 1 64  ? -6.101  8.487   -1.708  1.00 26.48 ? 60   ILE A C   1 
ATOM   504  O O   . ILE A 1 64  ? -5.985  9.673   -1.323  1.00 26.76 ? 60   ILE A O   1 
ATOM   505  C CB  . ILE A 1 64  ? -4.759  7.360   0.108   1.00 26.12 ? 60   ILE A CB  1 
ATOM   506  C CG1 . ILE A 1 64  ? -3.732  6.313   0.482   1.00 26.02 ? 60   ILE A CG1 1 
ATOM   507  C CG2 . ILE A 1 64  ? -6.066  6.997   0.791   1.00 25.03 ? 60   ILE A CG2 1 
ATOM   508  C CD1 . ILE A 1 64  ? -3.354  6.306   1.990   1.00 28.29 ? 60   ILE A CD1 1 
ATOM   509  N N   . LYS A 1 65  ? -7.153  8.047   -2.430  1.00 25.42 ? 61   LYS A N   1 
ATOM   510  C CA  . LYS A 1 65  ? -8.272  8.934   -2.786  1.00 26.34 ? 61   LYS A CA  1 
ATOM   511  C C   . LYS A 1 65  ? -9.523  8.426   -2.058  1.00 25.98 ? 61   LYS A C   1 
ATOM   512  O O   . LYS A 1 65  ? -9.903  7.252   -2.181  1.00 25.82 ? 61   LYS A O   1 
ATOM   513  C CB  . LYS A 1 65  ? -8.461  8.970   -4.305  1.00 27.91 ? 61   LYS A CB  1 
ATOM   514  C CG  . LYS A 1 65  ? -7.312  9.712   -5.006  1.00 29.42 ? 61   LYS A CG  1 
ATOM   515  C CD  . LYS A 1 65  ? -7.452  9.785   -6.476  1.00 31.08 ? 61   LYS A CD  1 
ATOM   516  C CE  . LYS A 1 65  ? -6.411  10.748  -7.071  1.00 34.56 ? 61   LYS A CE  1 
ATOM   517  N NZ  . LYS A 1 65  ? -6.977  11.311  -8.288  1.00 39.28 ? 61   LYS A NZ  1 
ATOM   518  N N   . ILE A 1 66  ? -10.117 9.290   -1.267  1.00 24.78 ? 62   ILE A N   1 
ATOM   519  C CA  . ILE A 1 66  ? -11.242 8.931   -0.391  1.00 24.72 ? 62   ILE A CA  1 
ATOM   520  C C   . ILE A 1 66  ? -12.520 9.291   -1.139  1.00 23.43 ? 62   ILE A C   1 
ATOM   521  O O   . ILE A 1 66  ? -12.724 10.453  -1.591  1.00 22.14 ? 62   ILE A O   1 
ATOM   522  C CB  . ILE A 1 66  ? -11.163 9.739   0.948   1.00 25.28 ? 62   ILE A CB  1 
ATOM   523  C CG1 . ILE A 1 66  ? -9.857  9.491   1.687   1.00 26.75 ? 62   ILE A CG1 1 
ATOM   524  C CG2 . ILE A 1 66  ? -12.378 9.462   1.832   1.00 26.14 ? 62   ILE A CG2 1 
ATOM   525  C CD1 . ILE A 1 66  ? -9.563  8.102   1.920   1.00 27.17 ? 62   ILE A CD1 1 
ATOM   526  N N   . PRO A 1 67  ? -13.415 8.319   -1.325  1.00 24.15 ? 63   PRO A N   1 
ATOM   527  C CA  . PRO A 1 67  ? -14.654 8.621   -1.981  1.00 23.30 ? 63   PRO A CA  1 
ATOM   528  C C   . PRO A 1 67  ? -15.679 9.384   -1.117  1.00 22.75 ? 63   PRO A C   1 
ATOM   529  O O   . PRO A 1 67  ? -15.666 9.265   0.084   1.00 21.67 ? 63   PRO A O   1 
ATOM   530  C CB  . PRO A 1 67  ? -15.169 7.248   -2.400  1.00 25.58 ? 63   PRO A CB  1 
ATOM   531  C CG  . PRO A 1 67  ? -14.721 6.403   -1.402  1.00 24.84 ? 63   PRO A CG  1 
ATOM   532  C CD  . PRO A 1 67  ? -13.337 6.917   -0.890  1.00 24.15 ? 63   PRO A CD  1 
ATOM   533  N N   . GLU A 1 68  ? -16.611 10.044  -1.770  1.00 22.49 ? 64   GLU A N   1 
ATOM   534  C CA  . GLU A 1 68  ? -17.647 10.858  -1.103  1.00 23.96 ? 64   GLU A CA  1 
ATOM   535  C C   . GLU A 1 68  ? -18.555 9.965   -0.246  1.00 23.08 ? 64   GLU A C   1 
ATOM   536  O O   . GLU A 1 68  ? -19.252 10.453  0.644   1.00 21.99 ? 64   GLU A O   1 
ATOM   537  C CB  . GLU A 1 68  ? -18.455 11.671  -2.111  1.00 25.57 ? 64   GLU A CB  1 
ATOM   538  C CG  . GLU A 1 68  ? -17.563 12.731  -2.763  1.00 28.29 ? 64   GLU A CG  1 
ATOM   539  C CD  . GLU A 1 68  ? -18.193 13.515  -3.842  1.00 28.61 ? 64   GLU A CD  1 
ATOM   540  O OE1 . GLU A 1 68  ? -18.351 12.936  -4.946  1.00 38.63 ? 64   GLU A OE1 1 
ATOM   541  O OE2 . GLU A 1 68  ? -18.529 14.728  -3.628  1.00 30.04 ? 64   GLU A OE2 1 
ATOM   542  N N   . THR A 1 69  ? -18.540 8.669   -0.586  1.00 21.89 ? 65   THR A N   1 
ATOM   543  C CA  . THR A 1 69  ? -19.345 7.617   0.065   1.00 23.36 ? 65   THR A CA  1 
ATOM   544  C C   . THR A 1 69  ? -18.639 6.892   1.202   1.00 24.43 ? 65   THR A C   1 
ATOM   545  O O   . THR A 1 69  ? -19.189 5.955   1.759   1.00 25.18 ? 65   THR A O   1 
ATOM   546  C CB  . THR A 1 69  ? -19.751 6.552   -1.005  1.00 23.10 ? 65   THR A CB  1 
ATOM   547  O OG1 . THR A 1 69  ? -18.580 6.087   -1.686  1.00 24.03 ? 65   THR A OG1 1 
ATOM   548  C CG2 . THR A 1 69  ? -20.653 7.114   -2.018  1.00 22.96 ? 65   THR A CG2 1 
ATOM   549  N N   . TYR A 1 70  ? -17.437 7.328   1.567   1.00 23.46 ? 66   TYR A N   1 
ATOM   550  C CA  . TYR A 1 70  ? -16.694 6.761   2.686   1.00 23.69 ? 66   TYR A CA  1 
ATOM   551  C C   . TYR A 1 70  ? -17.578 6.863   3.954   1.00 23.46 ? 66   TYR A C   1 
ATOM   552  O O   . TYR A 1 70  ? -18.221 7.934   4.194   1.00 23.60 ? 66   TYR A O   1 
ATOM   553  C CB  . TYR A 1 70  ? -15.338 7.488   2.858   1.00 23.23 ? 66   TYR A CB  1 
ATOM   554  C CG  . TYR A 1 70  ? -14.311 6.702   3.629   1.00 24.63 ? 66   TYR A CG  1 
ATOM   555  C CD1 . TYR A 1 70  ? -13.707 5.608   3.029   1.00 24.51 ? 66   TYR A CD1 1 
ATOM   556  C CD2 . TYR A 1 70  ? -13.984 7.035   4.951   1.00 23.25 ? 66   TYR A CD2 1 
ATOM   557  C CE1 . TYR A 1 70  ? -12.754 4.880   3.720   1.00 24.12 ? 66   TYR A CE1 1 
ATOM   558  C CE2 . TYR A 1 70  ? -13.016 6.293   5.688   1.00 24.04 ? 66   TYR A CE2 1 
ATOM   559  C CZ  . TYR A 1 70  ? -12.426 5.194   5.044   1.00 26.09 ? 66   TYR A CZ  1 
ATOM   560  O OH  . TYR A 1 70  ? -11.453 4.470   5.734   1.00 26.91 ? 66   TYR A OH  1 
ATOM   561  N N   . PRO A 1 71  ? -17.619 5.832   4.828   1.00 24.61 ? 67   PRO A N   1 
ATOM   562  C CA  . PRO A 1 71  ? -16.815 4.616   4.816   1.00 24.36 ? 67   PRO A CA  1 
ATOM   563  C C   . PRO A 1 71  ? -17.448 3.434   4.106   1.00 24.63 ? 67   PRO A C   1 
ATOM   564  O O   . PRO A 1 71  ? -17.040 2.279   4.361   1.00 24.76 ? 67   PRO A O   1 
ATOM   565  C CB  . PRO A 1 71  ? -16.728 4.278   6.308   1.00 24.17 ? 67   PRO A CB  1 
ATOM   566  C CG  . PRO A 1 71  ? -18.139 4.640   6.797   1.00 24.11 ? 67   PRO A CG  1 
ATOM   567  C CD  . PRO A 1 71  ? -18.454 5.905   6.035   1.00 23.82 ? 67   PRO A CD  1 
ATOM   568  N N   . PHE A 1 72  ? -18.450 3.659   3.257   1.00 24.44 ? 68   PHE A N   1 
ATOM   569  C CA  . PHE A 1 72  ? -19.175 2.522   2.625   1.00 25.49 ? 68   PHE A CA  1 
ATOM   570  C C   . PHE A 1 72  ? -18.593 1.999   1.328   1.00 27.09 ? 68   PHE A C   1 
ATOM   571  O O   . PHE A 1 72  ? -19.145 1.052   0.734   1.00 30.06 ? 68   PHE A O   1 
ATOM   572  C CB  . PHE A 1 72  ? -20.642 2.869   2.490   1.00 25.51 ? 68   PHE A CB  1 
ATOM   573  C CG  . PHE A 1 72  ? -21.241 3.260   3.786   1.00 24.68 ? 68   PHE A CG  1 
ATOM   574  C CD1 . PHE A 1 72  ? -21.264 2.354   4.849   1.00 27.59 ? 68   PHE A CD1 1 
ATOM   575  C CD2 . PHE A 1 72  ? -21.710 4.541   4.006   1.00 24.56 ? 68   PHE A CD2 1 
ATOM   576  C CE1 . PHE A 1 72  ? -21.787 2.728   6.079   1.00 26.48 ? 68   PHE A CE1 1 
ATOM   577  C CE2 . PHE A 1 72  ? -22.241 4.907   5.233   1.00 26.60 ? 68   PHE A CE2 1 
ATOM   578  C CZ  . PHE A 1 72  ? -22.275 4.009   6.272   1.00 26.80 ? 68   PHE A CZ  1 
ATOM   579  N N   . ASN A 1 73  ? -17.545 2.636   0.854   1.00 26.16 ? 69   ASN A N   1 
ATOM   580  C CA  . ASN A 1 73  ? -16.776 2.174   -0.316  1.00 27.14 ? 69   ASN A CA  1 
ATOM   581  C C   . ASN A 1 73  ? -15.327 2.396   0.030   1.00 26.73 ? 69   ASN A C   1 
ATOM   582  O O   . ASN A 1 73  ? -15.018 3.266   0.876   1.00 25.84 ? 69   ASN A O   1 
ATOM   583  C CB  . ASN A 1 73  ? -17.162 2.970   -1.595  1.00 26.99 ? 69   ASN A CB  1 
ATOM   584  C CG  . ASN A 1 73  ? -18.481 2.535   -2.188  1.00 32.71 ? 69   ASN A CG  1 
ATOM   585  O OD1 . ASN A 1 73  ? -19.379 3.340   -2.376  1.00 33.99 ? 69   ASN A OD1 1 
ATOM   586  N ND2 . ASN A 1 73  ? -18.605 1.240   -2.486  1.00 34.12 ? 69   ASN A ND2 1 
ATOM   587  N N   . PRO A 1 74  ? -14.428 1.571   -0.531  1.00 26.51 ? 70   PRO A N   1 
ATOM   588  C CA  . PRO A 1 74  ? -13.029 1.638   -0.176  1.00 26.88 ? 70   PRO A CA  1 
ATOM   589  C C   . PRO A 1 74  ? -12.314 2.901   -0.711  1.00 26.79 ? 70   PRO A C   1 
ATOM   590  O O   . PRO A 1 74  ? -12.738 3.467   -1.724  1.00 25.37 ? 70   PRO A O   1 
ATOM   591  C CB  . PRO A 1 74  ? -12.435 0.356   -0.811  1.00 26.78 ? 70   PRO A CB  1 
ATOM   592  C CG  . PRO A 1 74  ? -13.298 0.067   -1.960  1.00 25.12 ? 70   PRO A CG  1 
ATOM   593  C CD  . PRO A 1 74  ? -14.681 0.508   -1.526  1.00 27.02 ? 70   PRO A CD  1 
ATOM   594  N N   . PRO A 1 75  ? -11.201 3.263   -0.081  1.00 27.39 ? 71   PRO A N   1 
ATOM   595  C CA  . PRO A 1 75  ? -10.301 4.242   -0.688  1.00 28.33 ? 71   PRO A CA  1 
ATOM   596  C C   . PRO A 1 75  ? -9.784  3.653   -1.989  1.00 27.55 ? 71   PRO A C   1 
ATOM   597  O O   . PRO A 1 75  ? -9.697  2.422   -2.140  1.00 27.55 ? 71   PRO A O   1 
ATOM   598  C CB  . PRO A 1 75  ? -9.180  4.427   0.313   1.00 28.92 ? 71   PRO A CB  1 
ATOM   599  C CG  . PRO A 1 75  ? -9.301  3.307   1.263   1.00 32.86 ? 71   PRO A CG  1 
ATOM   600  C CD  . PRO A 1 75  ? -10.642 2.636   1.111   1.00 29.52 ? 71   PRO A CD  1 
ATOM   601  N N   . LYS A 1 76  ? -9.496  4.524   -2.932  1.00 27.89 ? 72   LYS A N   1 
ATOM   602  C CA  . LYS A 1 76  ? -8.726  4.132   -4.111  1.00 28.58 ? 72   LYS A CA  1 
ATOM   603  C C   . LYS A 1 76  ? -7.229  4.334   -3.798  1.00 27.86 ? 72   LYS A C   1 
ATOM   604  O O   . LYS A 1 76  ? -6.819  5.436   -3.421  1.00 28.20 ? 72   LYS A O   1 
ATOM   605  C CB  . LYS A 1 76  ? -9.158  4.961   -5.319  1.00 28.66 ? 72   LYS A CB  1 
ATOM   606  C CG  . LYS A 1 76  ? -10.448 4.490   -5.966  1.00 33.06 ? 72   LYS A CG  1 
ATOM   607  C CD  . LYS A 1 76  ? -10.934 5.407   -7.042  1.00 34.28 ? 72   LYS A CD  1 
ATOM   608  C CE  . LYS A 1 76  ? -12.007 4.715   -7.894  1.00 39.75 ? 72   LYS A CE  1 
ATOM   609  N NZ  . LYS A 1 76  ? -12.284 5.416   -9.214  1.00 42.99 ? 72   LYS A NZ  1 
ATOM   610  N N   . VAL A 1 77  ? -6.409  3.295   -3.966  1.00 27.53 ? 73   VAL A N   1 
ATOM   611  C CA  . VAL A 1 77  ? -5.029  3.370   -3.568  1.00 26.95 ? 73   VAL A CA  1 
ATOM   612  C C   . VAL A 1 77  ? -4.171  2.891   -4.736  1.00 28.22 ? 73   VAL A C   1 
ATOM   613  O O   . VAL A 1 77  ? -4.537  1.898   -5.392  1.00 26.96 ? 73   VAL A O   1 
ATOM   614  C CB  . VAL A 1 77  ? -4.757  2.498   -2.341  1.00 28.33 ? 73   VAL A CB  1 
ATOM   615  C CG1 . VAL A 1 77  ? -3.305  2.704   -1.798  1.00 29.31 ? 73   VAL A CG1 1 
ATOM   616  C CG2 . VAL A 1 77  ? -5.764  2.766   -1.213  1.00 29.59 ? 73   VAL A CG2 1 
ATOM   617  N N   . ARG A 1 78  ? -3.037  3.565   -4.944  1.00 27.60 ? 74   ARG A N   1 
ATOM   618  C CA  . ARG A 1 78  ? -2.068  3.237   -5.989  1.00 28.59 ? 74   ARG A CA  1 
ATOM   619  C C   . ARG A 1 78  ? -0.656  3.480   -5.428  1.00 28.59 ? 74   ARG A C   1 
ATOM   620  O O   . ARG A 1 78  ? -0.455  4.448   -4.667  1.00 27.38 ? 74   ARG A O   1 
ATOM   621  C CB  . ARG A 1 78  ? -2.334  4.191   -7.153  1.00 29.45 ? 74   ARG A CB  1 
ATOM   622  C CG  . ARG A 1 78  ? -1.553  3.938   -8.386  1.00 31.05 ? 74   ARG A CG  1 
ATOM   623  C CD  . ARG A 1 78  ? -1.865  4.934   -9.459  1.00 31.13 ? 74   ARG A CD  1 
ATOM   624  N NE  . ARG A 1 78  ? -1.397  6.260   -9.102  1.00 32.41 ? 74   ARG A NE  1 
ATOM   625  C CZ  . ARG A 1 78  ? -0.150  6.699   -9.262  1.00 33.27 ? 74   ARG A CZ  1 
ATOM   626  N NH1 . ARG A 1 78  ? 0.809   5.961   -9.840  1.00 32.51 ? 74   ARG A NH1 1 
ATOM   627  N NH2 . ARG A 1 78  ? 0.138   7.918   -8.863  1.00 33.98 ? 74   ARG A NH2 1 
ATOM   628  N N   . PHE A 1 79  ? 0.311   2.655   -5.825  1.00 27.63 ? 75   PHE A N   1 
ATOM   629  C CA  . PHE A 1 79  ? 1.708   2.905   -5.440  1.00 27.26 ? 75   PHE A CA  1 
ATOM   630  C C   . PHE A 1 79  ? 2.268   4.021   -6.309  1.00 27.03 ? 75   PHE A C   1 
ATOM   631  O O   . PHE A 1 79  ? 2.331   3.884   -7.537  1.00 26.53 ? 75   PHE A O   1 
ATOM   632  C CB  . PHE A 1 79  ? 2.577   1.631   -5.586  1.00 26.70 ? 75   PHE A CB  1 
ATOM   633  C CG  . PHE A 1 79  ? 2.480   0.670   -4.416  1.00 26.31 ? 75   PHE A CG  1 
ATOM   634  C CD1 . PHE A 1 79  ? 1.331   -0.078  -4.204  1.00 26.73 ? 75   PHE A CD1 1 
ATOM   635  C CD2 . PHE A 1 79  ? 3.543   0.508   -3.540  1.00 27.99 ? 75   PHE A CD2 1 
ATOM   636  C CE1 . PHE A 1 79  ? 1.246   -0.994  -3.145  1.00 26.64 ? 75   PHE A CE1 1 
ATOM   637  C CE2 . PHE A 1 79  ? 3.463   -0.380  -2.465  1.00 27.18 ? 75   PHE A CE2 1 
ATOM   638  C CZ  . PHE A 1 79  ? 2.310   -1.122  -2.260  1.00 27.35 ? 75   PHE A CZ  1 
ATOM   639  N N   . ILE A 1 80  ? 2.703   5.112   -5.678  1.00 27.38 ? 76   ILE A N   1 
ATOM   640  C CA  . ILE A 1 80  ? 3.441   6.148   -6.369  1.00 27.05 ? 76   ILE A CA  1 
ATOM   641  C C   . ILE A 1 80  ? 4.847   5.635   -6.599  1.00 26.06 ? 76   ILE A C   1 
ATOM   642  O O   . ILE A 1 80  ? 5.389   5.811   -7.687  1.00 26.38 ? 76   ILE A O   1 
ATOM   643  C CB  . ILE A 1 80  ? 3.471   7.427   -5.529  1.00 27.48 ? 76   ILE A CB  1 
ATOM   644  C CG1 . ILE A 1 80  ? 2.035   7.949   -5.338  1.00 28.77 ? 76   ILE A CG1 1 
ATOM   645  C CG2 . ILE A 1 80  ? 4.335   8.454   -6.146  1.00 28.18 ? 76   ILE A CG2 1 
ATOM   646  C CD1 . ILE A 1 80  ? 1.905   8.971   -4.221  1.00 30.33 ? 76   ILE A CD1 1 
ATOM   647  N N   . THR A 1 81  ? 5.456   5.111   -5.540  1.00 25.65 ? 77   THR A N   1 
ATOM   648  C CA  . THR A 1 81  ? 6.797   4.508   -5.583  1.00 25.97 ? 77   THR A CA  1 
ATOM   649  C C   . THR A 1 81  ? 6.762   3.200   -6.377  1.00 26.35 ? 77   THR A C   1 
ATOM   650  O O   . THR A 1 81  ? 6.034   2.302   -6.025  1.00 25.52 ? 77   THR A O   1 
ATOM   651  C CB  . THR A 1 81  ? 7.311   4.255   -4.146  1.00 26.20 ? 77   THR A CB  1 
ATOM   652  O OG1 . THR A 1 81  ? 7.339   5.508   -3.438  1.00 24.82 ? 77   THR A OG1 1 
ATOM   653  C CG2 . THR A 1 81  ? 8.809   3.747   -4.137  1.00 24.75 ? 77   THR A CG2 1 
ATOM   654  N N   . LYS A 1 82  ? 7.599   3.095   -7.424  1.00 26.98 ? 78   LYS A N   1 
ATOM   655  C CA  . LYS A 1 82  ? 7.633   1.891   -8.272  1.00 27.33 ? 78   LYS A CA  1 
ATOM   656  C C   . LYS A 1 82  ? 8.112   0.667   -7.485  1.00 26.79 ? 78   LYS A C   1 
ATOM   657  O O   . LYS A 1 82  ? 8.991   0.770   -6.627  1.00 26.64 ? 78   LYS A O   1 
ATOM   658  C CB  . LYS A 1 82  ? 8.493   2.126   -9.556  1.00 28.55 ? 78   LYS A CB  1 
ATOM   659  C CG  . LYS A 1 82  ? 7.710   2.654   -10.757 1.00 29.15 ? 78   LYS A CG  1 
ATOM   660  C CD  . LYS A 1 82  ? 8.560   2.687   -11.992 1.00 32.19 ? 78   LYS A CD  1 
ATOM   661  C CE  . LYS A 1 82  ? 7.835   3.268   -13.204 1.00 36.12 ? 78   LYS A CE  1 
ATOM   662  N NZ  . LYS A 1 82  ? 7.038   4.495   -12.869 1.00 38.44 ? 78   LYS A NZ  1 
ATOM   663  N N   . ILE A 1 83  ? 7.491   -0.475  -7.769  1.00 26.24 ? 79   ILE A N   1 
ATOM   664  C CA  . ILE A 1 83  ? 7.738   -1.728  -7.074  1.00 26.77 ? 79   ILE A CA  1 
ATOM   665  C C   . ILE A 1 83  ? 7.534   -2.952  -8.015  1.00 26.52 ? 79   ILE A C   1 
ATOM   666  O O   . ILE A 1 83  ? 6.758   -2.874  -8.971  1.00 25.58 ? 79   ILE A O   1 
ATOM   667  C CB  . ILE A 1 83  ? 6.783   -1.833  -5.876  1.00 26.51 ? 79   ILE A CB  1 
ATOM   668  C CG1 . ILE A 1 83  ? 7.206   -2.946  -4.926  1.00 26.77 ? 79   ILE A CG1 1 
ATOM   669  C CG2 . ILE A 1 83  ? 5.318   -2.043  -6.350  1.00 27.06 ? 79   ILE A CG2 1 
ATOM   670  C CD1 . ILE A 1 83  ? 6.474   -2.908  -3.560  1.00 27.56 ? 79   ILE A CD1 1 
ATOM   671  N N   . TRP A 1 84  ? 8.302   -4.022  -7.741  1.00 25.74 ? 80   TRP A N   1 
ATOM   672  C CA  . TRP A 1 84  ? 8.361   -5.233  -8.540  1.00 25.15 ? 80   TRP A CA  1 
ATOM   673  C C   . TRP A 1 84  ? 7.712   -6.309  -7.658  1.00 25.13 ? 80   TRP A C   1 
ATOM   674  O O   . TRP A 1 84  ? 8.360   -6.839  -6.738  1.00 24.11 ? 80   TRP A O   1 
ATOM   675  C CB  . TRP A 1 84  ? 9.836   -5.574  -8.880  1.00 25.42 ? 80   TRP A CB  1 
ATOM   676  C CG  . TRP A 1 84  ? 10.024  -6.652  -9.907  1.00 25.36 ? 80   TRP A CG  1 
ATOM   677  C CD1 . TRP A 1 84  ? 10.401  -7.953  -9.693  1.00 25.73 ? 80   TRP A CD1 1 
ATOM   678  C CD2 . TRP A 1 84  ? 9.825   -6.526  -11.307 1.00 22.34 ? 80   TRP A CD2 1 
ATOM   679  N NE1 . TRP A 1 84  ? 10.476  -8.635  -10.888 1.00 24.82 ? 80   TRP A NE1 1 
ATOM   680  C CE2 . TRP A 1 84  ? 10.093  -7.791  -11.894 1.00 24.21 ? 80   TRP A CE2 1 
ATOM   681  C CE3 . TRP A 1 84  ? 9.420   -5.480  -12.136 1.00 25.06 ? 80   TRP A CE3 1 
ATOM   682  C CZ2 . TRP A 1 84  ? 10.028  -8.012  -13.277 1.00 24.72 ? 80   TRP A CZ2 1 
ATOM   683  C CZ3 . TRP A 1 84  ? 9.358   -5.702  -13.527 1.00 26.13 ? 80   TRP A CZ3 1 
ATOM   684  C CH2 . TRP A 1 84  ? 9.648   -6.962  -14.071 1.00 25.63 ? 80   TRP A CH2 1 
ATOM   685  N N   . HIS A 1 85  ? 6.421   -6.561  -7.892  1.00 25.73 ? 81   HIS A N   1 
ATOM   686  C CA  . HIS A 1 85  ? 5.594   -7.435  -7.052  1.00 25.98 ? 81   HIS A CA  1 
ATOM   687  C C   . HIS A 1 85  ? 4.472   -7.999  -7.936  1.00 26.51 ? 81   HIS A C   1 
ATOM   688  O O   . HIS A 1 85  ? 3.904   -7.222  -8.688  1.00 27.03 ? 81   HIS A O   1 
ATOM   689  C CB  . HIS A 1 85  ? 4.965   -6.658  -5.884  1.00 26.22 ? 81   HIS A CB  1 
ATOM   690  C CG  . HIS A 1 85  ? 4.234   -7.528  -4.900  1.00 26.07 ? 81   HIS A CG  1 
ATOM   691  N ND1 . HIS A 1 85  ? 2.989   -8.067  -5.154  1.00 25.41 ? 81   HIS A ND1 1 
ATOM   692  C CD2 . HIS A 1 85  ? 4.577   -7.937  -3.653  1.00 26.16 ? 81   HIS A CD2 1 
ATOM   693  C CE1 . HIS A 1 85  ? 2.611   -8.787  -4.112  1.00 25.92 ? 81   HIS A CE1 1 
ATOM   694  N NE2 . HIS A 1 85  ? 3.554   -8.718  -3.186  1.00 27.56 ? 81   HIS A NE2 1 
ATOM   695  N N   . PRO A 1 86  ? 4.160   -9.309  -7.871  1.00 26.11 ? 82   PRO A N   1 
ATOM   696  C CA  . PRO A 1 86  ? 3.144   -9.896  -8.768  1.00 26.24 ? 82   PRO A CA  1 
ATOM   697  C C   . PRO A 1 86  ? 1.732   -9.281  -8.723  1.00 25.92 ? 82   PRO A C   1 
ATOM   698  O O   . PRO A 1 86  ? 0.984   -9.379  -9.705  1.00 25.43 ? 82   PRO A O   1 
ATOM   699  C CB  . PRO A 1 86  ? 3.088   -11.362 -8.319  1.00 26.78 ? 82   PRO A CB  1 
ATOM   700  C CG  . PRO A 1 86  ? 4.444   -11.642 -7.732  1.00 27.51 ? 82   PRO A CG  1 
ATOM   701  C CD  . PRO A 1 86  ? 4.757   -10.351 -7.016  1.00 26.23 ? 82   PRO A CD  1 
ATOM   702  N N   . ASN A 1 87  ? 1.374   -8.648  -7.608  1.00 26.30 ? 83   ASN A N   1 
ATOM   703  C CA  . ASN A 1 87  ? 0.011   -8.115  -7.413  1.00 26.73 ? 83   ASN A CA  1 
ATOM   704  C C   . ASN A 1 87  ? -0.057  -6.582  -7.503  1.00 27.19 ? 83   ASN A C   1 
ATOM   705  O O   . ASN A 1 87  ? -1.063  -5.962  -7.109  1.00 27.67 ? 83   ASN A O   1 
ATOM   706  C CB  . ASN A 1 87  ? -0.563  -8.611  -6.086  1.00 27.03 ? 83   ASN A CB  1 
ATOM   707  C CG  . ASN A 1 87  ? -0.538  -10.090 -5.972  1.00 27.15 ? 83   ASN A CG  1 
ATOM   708  O OD1 . ASN A 1 87  ? 0.305   -10.649 -5.250  1.00 29.60 ? 83   ASN A OD1 1 
ATOM   709  N ND2 . ASN A 1 87  ? -1.403  -10.770 -6.747  1.00 27.20 ? 83   ASN A ND2 1 
ATOM   710  N N   . ILE A 1 88  ? 1.016   -5.971  -8.007  1.00 27.07 ? 84   ILE A N   1 
ATOM   711  C CA  . ILE A 1 88  ? 1.071   -4.511  -8.227  1.00 27.37 ? 84   ILE A CA  1 
ATOM   712  C C   . ILE A 1 88  ? 1.681   -4.231  -9.601  1.00 27.23 ? 84   ILE A C   1 
ATOM   713  O O   . ILE A 1 88  ? 2.696   -4.861  -9.963  1.00 26.12 ? 84   ILE A O   1 
ATOM   714  C CB  . ILE A 1 88  ? 1.894   -3.815  -7.099  1.00 27.38 ? 84   ILE A CB  1 
ATOM   715  C CG1 . ILE A 1 88  ? 1.277   -4.097  -5.702  1.00 29.21 ? 84   ILE A CG1 1 
ATOM   716  C CG2 . ILE A 1 88  ? 1.947   -2.324  -7.329  1.00 28.30 ? 84   ILE A CG2 1 
ATOM   717  C CD1 . ILE A 1 88  ? 2.292   -3.953  -4.642  1.00 30.31 ? 84   ILE A CD1 1 
ATOM   718  N N   . SER A 1 89  ? 1.076   -3.329  -10.387 1.00 27.40 ? 85   SER A N   1 
ATOM   719  C CA  . SER A 1 89  ? 1.630   -3.003  -11.724 1.00 26.71 ? 85   SER A CA  1 
ATOM   720  C C   . SER A 1 89  ? 2.972   -2.327  -11.572 1.00 26.38 ? 85   SER A C   1 
ATOM   721  O O   . SER A 1 89  ? 3.084   -1.300  -10.912 1.00 28.05 ? 85   SER A O   1 
ATOM   722  C CB  . SER A 1 89  ? 0.713   -2.065  -12.517 1.00 26.62 ? 85   SER A CB  1 
ATOM   723  O OG  . SER A 1 89  ? 1.348   -1.576  -13.668 1.00 25.74 ? 85   SER A OG  1 
ATOM   724  N N   . SER A 1 90  ? 3.972   -2.899  -12.226 1.00 25.46 ? 86   SER A N   1 
ATOM   725  C CA  . SER A 1 90  ? 5.328   -2.353  -12.326 1.00 25.42 ? 86   SER A CA  1 
ATOM   726  C C   . SER A 1 90  ? 5.388   -1.081  -13.159 1.00 25.63 ? 86   SER A C   1 
ATOM   727  O O   . SER A 1 90  ? 6.409   -0.368  -13.177 1.00 26.58 ? 86   SER A O   1 
ATOM   728  C CB  . SER A 1 90  ? 6.242   -3.452  -12.885 1.00 23.91 ? 86   SER A CB  1 
ATOM   729  O OG  . SER A 1 90  ? 5.969   -3.717  -14.263 1.00 23.86 ? 86   SER A OG  1 
ATOM   730  N N   . VAL A 1 91  ? 4.286   -0.799  -13.862 1.00 25.73 ? 87   VAL A N   1 
ATOM   731  C CA  . VAL A 1 91  ? 4.163   0.405   -14.683 1.00 25.64 ? 87   VAL A CA  1 
ATOM   732  C C   . VAL A 1 91  ? 3.376   1.529   -14.008 1.00 26.40 ? 87   VAL A C   1 
ATOM   733  O O   . VAL A 1 91  ? 3.857   2.647   -13.949 1.00 26.43 ? 87   VAL A O   1 
ATOM   734  C CB  . VAL A 1 91  ? 3.526   0.043   -16.070 1.00 25.31 ? 87   VAL A CB  1 
ATOM   735  C CG1 . VAL A 1 91  ? 3.330   1.266   -16.926 1.00 26.01 ? 87   VAL A CG1 1 
ATOM   736  C CG2 . VAL A 1 91  ? 4.394   -1.023  -16.836 1.00 26.60 ? 87   VAL A CG2 1 
ATOM   737  N N   . THR A 1 92  ? 2.166   1.231   -13.515 1.00 26.14 ? 88   THR A N   1 
ATOM   738  C CA  . THR A 1 92  ? 1.239   2.246   -12.950 1.00 27.33 ? 88   THR A CA  1 
ATOM   739  C C   . THR A 1 92  ? 1.111   2.278   -11.441 1.00 27.85 ? 88   THR A C   1 
ATOM   740  O O   . THR A 1 92  ? 0.515   3.218   -10.908 1.00 29.88 ? 88   THR A O   1 
ATOM   741  C CB  . THR A 1 92  ? -0.211  2.019   -13.437 1.00 26.90 ? 88   THR A CB  1 
ATOM   742  O OG1 . THR A 1 92  ? -0.673  0.740   -12.963 1.00 27.02 ? 88   THR A OG1 1 
ATOM   743  C CG2 . THR A 1 92  ? -0.290  1.962   -14.961 1.00 28.95 ? 88   THR A CG2 1 
ATOM   744  N N   . GLY A 1 93  ? 1.527   1.217   -10.769 1.00 27.36 ? 89   GLY A N   1 
ATOM   745  C CA  . GLY A 1 93  ? 1.373   1.094   -9.316  1.00 27.50 ? 89   GLY A CA  1 
ATOM   746  C C   . GLY A 1 93  ? -0.026  0.618   -8.909  1.00 27.32 ? 89   GLY A C   1 
ATOM   747  O O   . GLY A 1 93  ? -0.349  0.557   -7.705  1.00 28.52 ? 89   GLY A O   1 
ATOM   748  N N   . ALA A 1 94  ? -0.858  0.261   -9.897  1.00 26.55 ? 90   ALA A N   1 
ATOM   749  C CA  . ALA A 1 94  ? -2.195  -0.311  -9.625  1.00 27.87 ? 90   ALA A CA  1 
ATOM   750  C C   . ALA A 1 94  ? -2.111  -1.600  -8.797  1.00 28.17 ? 90   ALA A C   1 
ATOM   751  O O   . ALA A 1 94  ? -1.206  -2.422  -9.004  1.00 27.34 ? 90   ALA A O   1 
ATOM   752  C CB  . ALA A 1 94  ? -2.993  -0.521  -10.934 1.00 28.13 ? 90   ALA A CB  1 
ATOM   753  N N   . ILE A 1 95  ? -3.036  -1.758  -7.835  1.00 27.89 ? 91   ILE A N   1 
ATOM   754  C CA  . ILE A 1 95  ? -3.006  -2.817  -6.849  1.00 28.03 ? 91   ILE A CA  1 
ATOM   755  C C   . ILE A 1 95  ? -4.172  -3.806  -7.029  1.00 29.08 ? 91   ILE A C   1 
ATOM   756  O O   . ILE A 1 95  ? -5.347  -3.412  -7.189  1.00 29.62 ? 91   ILE A O   1 
ATOM   757  C CB  . ILE A 1 95  ? -3.106  -2.205  -5.415  1.00 27.43 ? 91   ILE A CB  1 
ATOM   758  C CG1 . ILE A 1 95  ? -1.986  -1.192  -5.137  1.00 28.86 ? 91   ILE A CG1 1 
ATOM   759  C CG2 . ILE A 1 95  ? -3.176  -3.277  -4.351  1.00 28.76 ? 91   ILE A CG2 1 
ATOM   760  C CD1 . ILE A 1 95  ? -2.299  -0.245  -3.934  1.00 26.57 ? 91   ILE A CD1 1 
ATOM   761  N N   . CYS A 1 96  ? -3.841  -5.090  -7.006  1.00 28.79 ? 92   CYS A N   1 
ATOM   762  C CA  . CYS A 1 96  ? -4.829  -6.181  -6.926  1.00 28.48 ? 92   CYS A CA  1 
ATOM   763  C C   . CYS A 1 96  ? -4.929  -6.664  -5.493  1.00 28.59 ? 92   CYS A C   1 
ATOM   764  O O   . CYS A 1 96  ? -4.019  -7.338  -4.986  1.00 29.05 ? 92   CYS A O   1 
ATOM   765  C CB  . CYS A 1 96  ? -4.374  -7.349  -7.782  1.00 28.94 ? 92   CYS A CB  1 
ATOM   766  S SG  . CYS A 1 96  ? -5.480  -8.776  -7.618  1.00 34.05 ? 92   CYS A SG  1 
ATOM   767  N N   . LEU A 1 97  ? -6.007  -6.289  -4.807  1.00 27.54 ? 93   LEU A N   1 
ATOM   768  C CA  . LEU A 1 97  ? -6.240  -6.737  -3.422  1.00 27.08 ? 93   LEU A CA  1 
ATOM   769  C C   . LEU A 1 97  ? -7.711  -6.665  -3.082  1.00 26.64 ? 93   LEU A C   1 
ATOM   770  O O   . LEU A 1 97  ? -8.364  -5.632  -3.306  1.00 26.23 ? 93   LEU A O   1 
ATOM   771  C CB  . LEU A 1 97  ? -5.456  -5.885  -2.442  1.00 26.56 ? 93   LEU A CB  1 
ATOM   772  C CG  . LEU A 1 97  ? -5.589  -6.305  -0.945  1.00 26.78 ? 93   LEU A CG  1 
ATOM   773  C CD1 . LEU A 1 97  ? -5.041  -7.711  -0.691  1.00 30.27 ? 93   LEU A CD1 1 
ATOM   774  C CD2 . LEU A 1 97  ? -4.889  -5.242  -0.087  1.00 29.02 ? 93   LEU A CD2 1 
ATOM   775  N N   . ASP A 1 98  ? -8.244  -7.754  -2.542  1.00 26.49 ? 94   ASP A N   1 
ATOM   776  C CA  . ASP A 1 98  ? -9.697  -7.877  -2.426  1.00 26.25 ? 94   ASP A CA  1 
ATOM   777  C C   . ASP A 1 98  ? -10.352 -6.787  -1.574  1.00 25.58 ? 94   ASP A C   1 
ATOM   778  O O   . ASP A 1 98  ? -11.466 -6.303  -1.896  1.00 25.37 ? 94   ASP A O   1 
ATOM   779  C CB  . ASP A 1 98  ? -10.144 -9.316  -1.983  1.00 26.19 ? 94   ASP A CB  1 
ATOM   780  C CG  . ASP A 1 98  ? -9.740  -9.692  -0.534  1.00 28.58 ? 94   ASP A CG  1 
ATOM   781  O OD1 . ASP A 1 98  ? -8.857  -9.008  0.075   1.00 29.76 ? 94   ASP A OD1 1 
ATOM   782  O OD2 . ASP A 1 98  ? -10.320 -10.707 0.012   1.00 28.67 ? 94   ASP A OD2 1 
ATOM   783  N N   . ILE A 1 99  ? -9.685  -6.362  -0.519  1.00 25.28 ? 95   ILE A N   1 
ATOM   784  C CA  . ILE A 1 99  ? -10.278 -5.345  0.359   1.00 26.98 ? 95   ILE A CA  1 
ATOM   785  C C   . ILE A 1 99  ? -10.486 -3.998  -0.345  1.00 27.06 ? 95   ILE A C   1 
ATOM   786  O O   . ILE A 1 99  ? -11.269 -3.169  0.131   1.00 27.25 ? 95   ILE A O   1 
ATOM   787  C CB  . ILE A 1 99  ? -9.510  -5.142  1.675   1.00 25.81 ? 95   ILE A CB  1 
ATOM   788  C CG1 . ILE A 1 99  ? -8.122  -4.516  1.431   1.00 27.57 ? 95   ILE A CG1 1 
ATOM   789  C CG2 . ILE A 1 99  ? -9.503  -6.455  2.464   1.00 27.89 ? 95   ILE A CG2 1 
ATOM   790  C CD1 . ILE A 1 99  ? -7.405  -3.929  2.710   1.00 28.30 ? 95   ILE A CD1 1 
ATOM   791  N N   . LEU A 1 100 ? -9.772  -3.795  -1.461  1.00 26.76 ? 96   LEU A N   1 
ATOM   792  C CA  . LEU A 1 100 ? -9.900  -2.565  -2.263  1.00 27.50 ? 96   LEU A CA  1 
ATOM   793  C C   . LEU A 1 100 ? -10.956 -2.705  -3.363  1.00 28.46 ? 96   LEU A C   1 
ATOM   794  O O   . LEU A 1 100 ? -11.167 -1.760  -4.148  1.00 26.94 ? 96   LEU A O   1 
ATOM   795  C CB  . LEU A 1 100 ? -8.534  -2.144  -2.871  1.00 27.81 ? 96   LEU A CB  1 
ATOM   796  C CG  . LEU A 1 100 ? -7.462  -1.840  -1.853  1.00 28.50 ? 96   LEU A CG  1 
ATOM   797  C CD1 . LEU A 1 100 ? -6.183  -1.386  -2.527  1.00 31.74 ? 96   LEU A CD1 1 
ATOM   798  C CD2 . LEU A 1 100 ? -7.932  -0.782  -0.857  1.00 32.28 ? 96   LEU A CD2 1 
ATOM   799  N N   . LYS A 1 101 ? -11.628 -3.871  -3.426  1.00 28.95 ? 97   LYS A N   1 
ATOM   800  C CA  . LYS A 1 101 ? -12.723 -4.073  -4.364  1.00 30.50 ? 97   LYS A CA  1 
ATOM   801  C C   . LYS A 1 101 ? -13.901 -4.737  -3.647  1.00 30.36 ? 97   LYS A C   1 
ATOM   802  O O   . LYS A 1 101 ? -14.580 -4.095  -2.816  1.00 32.57 ? 97   LYS A O   1 
ATOM   803  C CB  . LYS A 1 101 ? -12.226 -4.818  -5.571  1.00 31.43 ? 97   LYS A CB  1 
ATOM   804  C CG  . LYS A 1 101 ? -13.289 -4.993  -6.649  1.00 32.78 ? 97   LYS A CG  1 
ATOM   805  C CD  . LYS A 1 101 ? -12.587 -5.150  -7.984  1.00 34.77 ? 97   LYS A CD  1 
ATOM   806  C CE  . LYS A 1 101 ? -13.540 -5.064  -9.168  1.00 39.07 ? 97   LYS A CE  1 
ATOM   807  N NZ  . LYS A 1 101 ? -13.954 -6.409  -9.633  1.00 44.43 ? 97   LYS A NZ  1 
ATOM   808  N N   . ASP A 1 102 ? -14.128 -6.020  -3.855  1.00 28.69 ? 98   ASP A N   1 
ATOM   809  C CA  . ASP A 1 102 ? -15.381 -6.609  -3.367  1.00 29.14 ? 98   ASP A CA  1 
ATOM   810  C C   . ASP A 1 102 ? -15.426 -6.972  -1.883  1.00 28.92 ? 98   ASP A C   1 
ATOM   811  O O   . ASP A 1 102 ? -16.531 -7.274  -1.345  1.00 28.80 ? 98   ASP A O   1 
ATOM   812  C CB  . ASP A 1 102 ? -15.716 -7.845  -4.177  1.00 29.65 ? 98   ASP A CB  1 
ATOM   813  C CG  . ASP A 1 102 ? -16.068 -7.513  -5.615  1.00 34.32 ? 98   ASP A CG  1 
ATOM   814  O OD1 . ASP A 1 102 ? -16.583 -6.396  -5.852  1.00 40.49 ? 98   ASP A OD1 1 
ATOM   815  O OD2 . ASP A 1 102 ? -15.875 -8.301  -6.558  1.00 42.38 ? 98   ASP A OD2 1 
ATOM   816  N N   . GLN A 1 103 ? -14.265 -6.971  -1.217  1.00 26.82 ? 99   GLN A N   1 
ATOM   817  C CA  . GLN A 1 103 ? -14.218 -7.370  0.185   1.00 27.65 ? 99   GLN A CA  1 
ATOM   818  C C   . GLN A 1 103 ? -13.948 -6.191  1.146   1.00 26.96 ? 99   GLN A C   1 
ATOM   819  O O   . GLN A 1 103 ? -13.537 -6.392  2.299   1.00 26.74 ? 99   GLN A O   1 
ATOM   820  C CB  . GLN A 1 103 ? -13.177 -8.475  0.379   1.00 28.24 ? 99   GLN A CB  1 
ATOM   821  C CG  . GLN A 1 103 ? -13.530 -9.823  -0.161  1.00 31.00 ? 99   GLN A CG  1 
ATOM   822  C CD  . GLN A 1 103 ? -14.809 -10.421 0.370   1.00 38.22 ? 99   GLN A CD  1 
ATOM   823  O OE1 . GLN A 1 103 ? -15.192 -10.260 1.557   1.00 44.30 ? 99   GLN A OE1 1 
ATOM   824  N NE2 . GLN A 1 103 ? -15.485 -11.116 -0.508  1.00 39.64 ? 99   GLN A NE2 1 
ATOM   825  N N   . TRP A 1 104 ? -14.177 -4.953  0.708   1.00 25.83 ? 100  TRP A N   1 
ATOM   826  C CA  . TRP A 1 104 ? -14.175 -3.814  1.609   1.00 25.87 ? 100  TRP A CA  1 
ATOM   827  C C   . TRP A 1 104 ? -15.307 -3.980  2.639   1.00 25.60 ? 100  TRP A C   1 
ATOM   828  O O   . TRP A 1 104 ? -16.429 -4.379  2.292   1.00 24.95 ? 100  TRP A O   1 
ATOM   829  C CB  . TRP A 1 104 ? -14.351 -2.476  0.842   1.00 26.93 ? 100  TRP A CB  1 
ATOM   830  C CG  . TRP A 1 104 ? -14.508 -1.349  1.735   1.00 24.62 ? 100  TRP A CG  1 
ATOM   831  C CD1 . TRP A 1 104 ? -15.709 -0.712  2.070   1.00 29.84 ? 100  TRP A CD1 1 
ATOM   832  C CD2 . TRP A 1 104 ? -13.490 -0.686  2.504   1.00 28.16 ? 100  TRP A CD2 1 
ATOM   833  N NE1 . TRP A 1 104 ? -15.462 0.284   2.991   1.00 27.58 ? 100  TRP A NE1 1 
ATOM   834  C CE2 . TRP A 1 104 ? -14.133 0.336   3.274   1.00 26.77 ? 100  TRP A CE2 1 
ATOM   835  C CE3 . TRP A 1 104 ? -12.094 -0.834  2.622   1.00 27.84 ? 100  TRP A CE3 1 
ATOM   836  C CZ2 . TRP A 1 104 ? -13.429 1.172   4.115   1.00 25.96 ? 100  TRP A CZ2 1 
ATOM   837  C CZ3 . TRP A 1 104 ? -11.394 0.041   3.487   1.00 28.82 ? 100  TRP A CZ3 1 
ATOM   838  C CH2 . TRP A 1 104 ? -12.096 1.001   4.240   1.00 27.57 ? 100  TRP A CH2 1 
ATOM   839  N N   . ALA A 1 105 ? -15.010 -3.671  3.890   1.00 25.13 ? 101  ALA A N   1 
ATOM   840  C CA  . ALA A 1 105 ? -16.023 -3.605  4.960   1.00 25.51 ? 101  ALA A CA  1 
ATOM   841  C C   . ALA A 1 105 ? -15.919 -2.243  5.590   1.00 25.17 ? 101  ALA A C   1 
ATOM   842  O O   . ALA A 1 105 ? -14.807 -1.744  5.768   1.00 24.08 ? 101  ALA A O   1 
ATOM   843  C CB  . ALA A 1 105 ? -15.807 -4.664  6.020   1.00 26.97 ? 101  ALA A CB  1 
ATOM   844  N N   . ALA A 1 106 ? -17.060 -1.697  6.001   1.00 25.33 ? 102  ALA A N   1 
ATOM   845  C CA  . ALA A 1 106 ? -17.100 -0.320  6.561   1.00 25.89 ? 102  ALA A CA  1 
ATOM   846  C C   . ALA A 1 106 ? -16.298 -0.181  7.857   1.00 24.83 ? 102  ALA A C   1 
ATOM   847  O O   . ALA A 1 106 ? -15.872 0.922   8.191   1.00 27.15 ? 102  ALA A O   1 
ATOM   848  C CB  . ALA A 1 106 ? -18.512 0.138   6.778   1.00 27.38 ? 102  ALA A CB  1 
ATOM   849  N N   . ALA A 1 107 ? -16.085 -1.260  8.592   1.00 23.00 ? 103  ALA A N   1 
ATOM   850  C CA  . ALA A 1 107 ? -15.267 -1.222  9.789   1.00 24.62 ? 103  ALA A CA  1 
ATOM   851  C C   . ALA A 1 107 ? -13.770 -0.968  9.569   1.00 25.04 ? 103  ALA A C   1 
ATOM   852  O O   . ALA A 1 107 ? -13.033 -0.648  10.539  1.00 24.57 ? 103  ALA A O   1 
ATOM   853  C CB  . ALA A 1 107 ? -15.449 -2.494  10.624  1.00 26.28 ? 103  ALA A CB  1 
ATOM   854  N N   . MET A 1 108 ? -13.315 -1.177  8.332   1.00 23.30 ? 104  MET A N   1 
ATOM   855  C CA  . MET A 1 108 ? -11.889 -1.018  7.969   1.00 24.65 ? 104  MET A CA  1 
ATOM   856  C C   . MET A 1 108 ? -11.498 0.426   8.009   1.00 24.97 ? 104  MET A C   1 
ATOM   857  O O   . MET A 1 108 ? -12.352 1.314   7.961   1.00 24.21 ? 104  MET A O   1 
ATOM   858  C CB  . MET A 1 108 ? -11.637 -1.594  6.554   1.00 23.78 ? 104  MET A CB  1 
ATOM   859  C CG  . MET A 1 108 ? -11.858 -3.123  6.515   1.00 23.31 ? 104  MET A CG  1 
ATOM   860  S SD  . MET A 1 108 ? -11.638 -3.871  4.890   1.00 25.76 ? 104  MET A SD  1 
ATOM   861  C CE  . MET A 1 108 ? -11.830 -5.613  5.220   1.00 26.35 ? 104  MET A CE  1 
ATOM   862  N N   . THR A 1 109 ? -10.189 0.650   8.072   1.00 24.17 ? 105  THR A N   1 
ATOM   863  C CA  . THR A 1 109 ? -9.693  1.997   8.309   1.00 24.49 ? 105  THR A CA  1 
ATOM   864  C C   . THR A 1 109 ? -8.466  2.284   7.456   1.00 24.66 ? 105  THR A C   1 
ATOM   865  O O   . THR A 1 109 ? -7.835  1.365   6.906   1.00 24.62 ? 105  THR A O   1 
ATOM   866  C CB  . THR A 1 109 ? -9.331  2.218   9.793   1.00 24.08 ? 105  THR A CB  1 
ATOM   867  O OG1 . THR A 1 109 ? -8.235  1.326   10.190  1.00 23.68 ? 105  THR A OG1 1 
ATOM   868  C CG2 . THR A 1 109 ? -10.519 1.919   10.776  1.00 25.89 ? 105  THR A CG2 1 
ATOM   869  N N   . LEU A 1 110 ? -8.001  3.544   7.476   1.00 24.90 ? 106  LEU A N   1 
ATOM   870  C CA  . LEU A 1 110 ? -6.714  3.871   6.872   1.00 24.84 ? 106  LEU A CA  1 
ATOM   871  C C   . LEU A 1 110 ? -5.607  2.951   7.434   1.00 24.24 ? 106  LEU A C   1 
ATOM   872  O O   . LEU A 1 110 ? -4.831  2.389   6.664   1.00 24.31 ? 106  LEU A O   1 
ATOM   873  C CB  . LEU A 1 110 ? -6.323  5.328   7.128   1.00 25.17 ? 106  LEU A CB  1 
ATOM   874  C CG  . LEU A 1 110 ? -7.273  6.386   6.523   1.00 26.52 ? 106  LEU A CG  1 
ATOM   875  C CD1 . LEU A 1 110 ? -6.774  7.774   6.895   1.00 27.68 ? 106  LEU A CD1 1 
ATOM   876  C CD2 . LEU A 1 110 ? -7.449  6.278   5.067   1.00 29.74 ? 106  LEU A CD2 1 
ATOM   877  N N   . ARG A 1 111 ? -5.579  2.815   8.763   1.00 23.22 ? 107  ARG A N   1 
ATOM   878  C CA  . ARG A 1 111 ? -4.567  1.997   9.424   1.00 24.55 ? 107  ARG A CA  1 
ATOM   879  C C   . ARG A 1 111 ? -4.623  0.560   8.844   1.00 24.80 ? 107  ARG A C   1 
ATOM   880  O O   . ARG A 1 111 ? -3.588  0.005   8.424   1.00 23.85 ? 107  ARG A O   1 
ATOM   881  C CB  . ARG A 1 111 ? -4.753  1.990   10.937  1.00 23.30 ? 107  ARG A CB  1 
ATOM   882  C CG  . ARG A 1 111 ? -3.797  1.029   11.632  1.00 24.65 ? 107  ARG A CG  1 
ATOM   883  C CD  . ARG A 1 111 ? -3.813  1.112   13.130  1.00 24.57 ? 107  ARG A CD  1 
ATOM   884  N NE  . ARG A 1 111 ? -3.248  -0.124  13.723  1.00 26.63 ? 107  ARG A NE  1 
ATOM   885  C CZ  . ARG A 1 111 ? -3.985  -1.232  13.974  1.00 27.08 ? 107  ARG A CZ  1 
ATOM   886  N NH1 . ARG A 1 111 ? -5.306  -1.251  13.675  1.00 25.86 ? 107  ARG A NH1 1 
ATOM   887  N NH2 . ARG A 1 111 ? -3.378  -2.308  14.469  1.00 28.70 ? 107  ARG A NH2 1 
ATOM   888  N N   . THR A 1 112 ? -5.805  -0.062  8.816   1.00 24.88 ? 108  THR A N   1 
ATOM   889  C CA  . THR A 1 112 ? -5.836  -1.488  8.391   1.00 24.88 ? 108  THR A CA  1 
ATOM   890  C C   . THR A 1 112 ? -5.542  -1.647  6.908   1.00 25.10 ? 108  THR A C   1 
ATOM   891  O O   . THR A 1 112 ? -4.953  -2.672  6.499   1.00 26.04 ? 108  THR A O   1 
ATOM   892  C CB  . THR A 1 112 ? -7.122  -2.225  8.816   1.00 25.25 ? 108  THR A CB  1 
ATOM   893  O OG1 . THR A 1 112 ? -8.267  -1.686  8.149   1.00 24.83 ? 108  THR A OG1 1 
ATOM   894  C CG2 . THR A 1 112 ? -7.329  -2.115  10.291  1.00 25.77 ? 108  THR A CG2 1 
ATOM   895  N N   . VAL A 1 113 ? -5.913  -0.649  6.087   1.00 25.86 ? 109  VAL A N   1 
ATOM   896  C CA  . VAL A 1 113 ? -5.533  -0.652  4.674   1.00 25.63 ? 109  VAL A CA  1 
ATOM   897  C C   . VAL A 1 113 ? -3.976  -0.644  4.506   1.00 26.12 ? 109  VAL A C   1 
ATOM   898  O O   . VAL A 1 113 ? -3.411  -1.438  3.727   1.00 27.07 ? 109  VAL A O   1 
ATOM   899  C CB  . VAL A 1 113 ? -6.201  0.481   3.860   1.00 25.47 ? 109  VAL A CB  1 
ATOM   900  C CG1 . VAL A 1 113 ? -5.576  0.536   2.430   1.00 28.35 ? 109  VAL A CG1 1 
ATOM   901  C CG2 . VAL A 1 113 ? -7.728  0.296   3.765   1.00 30.11 ? 109  VAL A CG2 1 
ATOM   902  N N   . LEU A 1 114 ? -3.314  0.279   5.196   1.00 24.70 ? 110  LEU A N   1 
ATOM   903  C CA  . LEU A 1 114 ? -1.820  0.378   5.138   1.00 24.96 ? 110  LEU A CA  1 
ATOM   904  C C   . LEU A 1 114 ? -1.194  -0.947  5.577   1.00 24.36 ? 110  LEU A C   1 
ATOM   905  O O   . LEU A 1 114 ? -0.289  -1.486  4.924   1.00 26.59 ? 110  LEU A O   1 
ATOM   906  C CB  . LEU A 1 114 ? -1.396  1.513   6.023   1.00 25.15 ? 110  LEU A CB  1 
ATOM   907  C CG  . LEU A 1 114 ? -1.816  2.871   5.452   1.00 27.64 ? 110  LEU A CG  1 
ATOM   908  C CD1 . LEU A 1 114 ? -1.651  3.999   6.455   1.00 31.98 ? 110  LEU A CD1 1 
ATOM   909  C CD2 . LEU A 1 114 ? -1.064  3.143   4.202   1.00 33.24 ? 110  LEU A CD2 1 
ATOM   910  N N   . LEU A 1 115 ? -1.669  -1.484  6.699   1.00 25.37 ? 111  LEU A N   1 
ATOM   911  C CA  . LEU A 1 115 ? -1.136  -2.750  7.272   1.00 24.88 ? 111  LEU A CA  1 
ATOM   912  C C   . LEU A 1 115 ? -1.400  -3.945  6.346   1.00 24.08 ? 111  LEU A C   1 
ATOM   913  O O   . LEU A 1 115 ? -0.529  -4.869  6.231   1.00 24.62 ? 111  LEU A O   1 
ATOM   914  C CB  . LEU A 1 115 ? -1.667  -3.028  8.695   1.00 24.71 ? 111  LEU A CB  1 
ATOM   915  C CG  . LEU A 1 115 ? -1.269  -2.026  9.791   1.00 24.23 ? 111  LEU A CG  1 
ATOM   916  C CD1 . LEU A 1 115 ? -2.039  -2.287  11.107  1.00 22.47 ? 111  LEU A CD1 1 
ATOM   917  C CD2 . LEU A 1 115 ? 0.201   -2.003  10.024  1.00 27.97 ? 111  LEU A CD2 1 
ATOM   918  N N   . SER A 1 116 ? -2.554  -3.932  5.677   1.00 26.25 ? 112  SER A N   1 
ATOM   919  C CA  . SER A 1 116 ? -2.889  -4.978  4.697   1.00 25.81 ? 112  SER A CA  1 
ATOM   920  C C   . SER A 1 116 ? -1.981  -4.929  3.428   1.00 26.31 ? 112  SER A C   1 
ATOM   921  O O   . SER A 1 116 ? -1.606  -5.972  2.844   1.00 27.41 ? 112  SER A O   1 
ATOM   922  C CB  . SER A 1 116 ? -4.391  -4.866  4.290   1.00 25.90 ? 112  SER A CB  1 
ATOM   923  O OG  . SER A 1 116 ? -5.227  -5.182  5.374   1.00 25.75 ? 112  SER A OG  1 
ATOM   924  N N   . LEU A 1 117 ? -1.610  -3.727  3.024   1.00 25.87 ? 113  LEU A N   1 
ATOM   925  C CA  . LEU A 1 117 ? -0.701  -3.540  1.914   1.00 27.17 ? 113  LEU A CA  1 
ATOM   926  C C   . LEU A 1 117 ? 0.704   -4.032  2.250   1.00 27.24 ? 113  LEU A C   1 
ATOM   927  O O   . LEU A 1 117 ? 1.354   -4.695  1.415   1.00 26.42 ? 113  LEU A O   1 
ATOM   928  C CB  . LEU A 1 117 ? -0.695  -2.087  1.461   1.00 27.09 ? 113  LEU A CB  1 
ATOM   929  C CG  . LEU A 1 117 ? -1.990  -1.701  0.774   1.00 29.21 ? 113  LEU A CG  1 
ATOM   930  C CD1 . LEU A 1 117 ? -2.055  -0.192  0.568   1.00 30.54 ? 113  LEU A CD1 1 
ATOM   931  C CD2 . LEU A 1 117 ? -2.252  -2.471  -0.561  1.00 30.14 ? 113  LEU A CD2 1 
ATOM   932  N N   . GLN A 1 118 ? 1.168   -3.735  3.467   1.00 28.12 ? 114  GLN A N   1 
ATOM   933  C CA  . GLN A 1 118 ? 2.419   -4.324  3.954   1.00 28.62 ? 114  GLN A CA  1 
ATOM   934  C C   . GLN A 1 118 ? 2.337   -5.838  3.917   1.00 28.65 ? 114  GLN A C   1 
ATOM   935  O O   . GLN A 1 118 ? 3.295   -6.513  3.478   1.00 28.09 ? 114  GLN A O   1 
ATOM   936  C CB  . GLN A 1 118 ? 2.776   -3.920  5.378   1.00 30.20 ? 114  GLN A CB  1 
ATOM   937  C CG  . GLN A 1 118 ? 3.228   -2.536  5.580   1.00 31.70 ? 114  GLN A CG  1 
ATOM   938  C CD  . GLN A 1 118 ? 3.853   -2.398  6.954   1.00 34.39 ? 114  GLN A CD  1 
ATOM   939  O OE1 . GLN A 1 118 ? 3.191   -2.645  7.971   1.00 35.30 ? 114  GLN A OE1 1 
ATOM   940  N NE2 . GLN A 1 118 ? 5.176   -2.137  6.996   1.00 34.45 ? 114  GLN A NE2 1 
ATOM   941  N N   . ALA A 1 119 ? 1.219   -6.401  4.384   1.00 27.91 ? 115  ALA A N   1 
ATOM   942  C CA  . ALA A 1 119 ? 1.096   -7.868  4.451   1.00 28.10 ? 115  ALA A CA  1 
ATOM   943  C C   . ALA A 1 119 ? 1.127   -8.472  3.039   1.00 26.45 ? 115  ALA A C   1 
ATOM   944  O O   . ALA A 1 119 ? 1.698   -9.555  2.805   1.00 27.42 ? 115  ALA A O   1 
ATOM   945  C CB  . ALA A 1 119 ? -0.158  -8.244  5.148   1.00 28.71 ? 115  ALA A CB  1 
ATOM   946  N N   . LEU A 1 120 ? 0.554   -7.744  2.100   1.00 26.64 ? 116  LEU A N   1 
ATOM   947  C CA  . LEU A 1 120 ? 0.577   -8.146  0.675   1.00 27.74 ? 116  LEU A CA  1 
ATOM   948  C C   . LEU A 1 120 ? 2.017   -8.207  0.156   1.00 27.53 ? 116  LEU A C   1 
ATOM   949  O O   . LEU A 1 120 ? 2.379   -9.167  -0.528  1.00 28.27 ? 116  LEU A O   1 
ATOM   950  C CB  . LEU A 1 120 ? -0.228  -7.176  -0.170  1.00 27.33 ? 116  LEU A CB  1 
ATOM   951  C CG  . LEU A 1 120 ? -0.264  -7.425  -1.685  1.00 27.26 ? 116  LEU A CG  1 
ATOM   952  C CD1 . LEU A 1 120 ? -0.761  -8.815  -2.053  1.00 30.86 ? 116  LEU A CD1 1 
ATOM   953  C CD2 . LEU A 1 120 ? -0.996  -6.385  -2.425  1.00 28.60 ? 116  LEU A CD2 1 
ATOM   954  N N   . LEU A 1 121 ? 2.842   -7.220  0.520   1.00 27.87 ? 117  LEU A N   1 
ATOM   955  C CA  . LEU A 1 121 ? 4.284   -7.234  0.172   1.00 28.33 ? 117  LEU A CA  1 
ATOM   956  C C   . LEU A 1 121 ? 4.998   -8.486  0.665   1.00 28.20 ? 117  LEU A C   1 
ATOM   957  O O   . LEU A 1 121 ? 5.886   -8.997  -0.040  1.00 28.19 ? 117  LEU A O   1 
ATOM   958  C CB  . LEU A 1 121 ? 4.994   -5.989  0.715   1.00 27.93 ? 117  LEU A CB  1 
ATOM   959  C CG  . LEU A 1 121 ? 5.067   -4.829  -0.294  1.00 30.66 ? 117  LEU A CG  1 
ATOM   960  C CD1 . LEU A 1 121 ? 3.828   -4.516  -0.988  1.00 31.32 ? 117  LEU A CD1 1 
ATOM   961  C CD2 . LEU A 1 121 ? 5.665   -3.599  0.385   1.00 29.90 ? 117  LEU A CD2 1 
ATOM   962  N N   . ALA A 1 122 ? 4.607   -8.980  1.848   1.00 27.78 ? 118  ALA A N   1 
ATOM   963  C CA  . ALA A 1 122 ? 5.149   -10.216 2.407   1.00 28.34 ? 118  ALA A CA  1 
ATOM   964  C C   . ALA A 1 122 ? 4.538   -11.552 1.912   1.00 28.67 ? 118  ALA A C   1 
ATOM   965  O O   . ALA A 1 122 ? 5.060   -12.625 2.227   1.00 28.67 ? 118  ALA A O   1 
ATOM   966  C CB  . ALA A 1 122 ? 5.115   -10.146 3.903   1.00 28.75 ? 118  ALA A CB  1 
ATOM   967  N N   . ALA A 1 123 ? 3.487   -11.488 1.117   1.00 29.73 ? 119  ALA A N   1 
ATOM   968  C CA  . ALA A 1 123 ? 2.709   -12.688 0.750   1.00 30.46 ? 119  ALA A CA  1 
ATOM   969  C C   . ALA A 1 123 ? 2.064   -12.476 -0.601  1.00 31.05 ? 119  ALA A C   1 
ATOM   970  O O   . ALA A 1 123 ? 0.855   -12.215 -0.698  1.00 29.76 ? 119  ALA A O   1 
ATOM   971  C CB  . ALA A 1 123 ? 1.633   -12.957 1.795   1.00 31.56 ? 119  ALA A CB  1 
ATOM   972  N N   . ALA A 1 124 ? 2.876   -12.567 -1.648  1.00 31.22 ? 120  ALA A N   1 
ATOM   973  C CA  . ALA A 1 124 ? 2.385   -12.449 -3.039  1.00 31.70 ? 120  ALA A CA  1 
ATOM   974  C C   . ALA A 1 124 ? 1.426   -13.587 -3.393  1.00 32.78 ? 120  ALA A C   1 
ATOM   975  O O   . ALA A 1 124 ? 1.559   -14.705 -2.879  1.00 31.64 ? 120  ALA A O   1 
ATOM   976  C CB  . ALA A 1 124 ? 3.560   -12.403 -4.023  1.00 32.35 ? 120  ALA A CB  1 
ATOM   977  N N   . GLU A 1 125 ? 0.425   -13.276 -4.221  1.00 33.28 ? 121  GLU A N   1 
ATOM   978  C CA  . GLU A 1 125 ? -0.427  -14.304 -4.829  1.00 34.27 ? 121  GLU A CA  1 
ATOM   979  C C   . GLU A 1 125 ? -0.243  -14.312 -6.349  1.00 34.00 ? 121  GLU A C   1 
ATOM   980  O O   . GLU A 1 125 ? -1.036  -13.709 -7.056  1.00 33.47 ? 121  GLU A O   1 
ATOM   981  C CB  . GLU A 1 125 ? -1.911  -14.057 -4.478  1.00 34.50 ? 121  GLU A CB  1 
ATOM   982  C CG  . GLU A 1 125 ? -2.276  -14.278 -3.010  1.00 37.44 ? 121  GLU A CG  1 
ATOM   983  C CD  . GLU A 1 125 ? -3.777  -14.576 -2.815  1.00 38.21 ? 121  GLU A CD  1 
ATOM   984  O OE1 . GLU A 1 125 ? -4.222  -15.729 -3.057  1.00 45.98 ? 121  GLU A OE1 1 
ATOM   985  O OE2 . GLU A 1 125 ? -4.520  -13.671 -2.420  1.00 39.82 ? 121  GLU A OE2 1 
ATOM   986  N N   . PRO A 1 126 ? 0.789   -14.989 -6.862  1.00 34.07 ? 122  PRO A N   1 
ATOM   987  C CA  . PRO A 1 126 ? 1.102   -14.905 -8.299  1.00 34.63 ? 122  PRO A CA  1 
ATOM   988  C C   . PRO A 1 126 ? 0.077   -15.574 -9.226  1.00 35.00 ? 122  PRO A C   1 
ATOM   989  O O   . PRO A 1 126 ? 0.164   -15.408 -10.446 1.00 35.01 ? 122  PRO A O   1 
ATOM   990  C CB  . PRO A 1 126 ? 2.447   -15.631 -8.406  1.00 34.40 ? 122  PRO A CB  1 
ATOM   991  C CG  . PRO A 1 126 ? 2.415   -16.606 -7.286  1.00 34.24 ? 122  PRO A CG  1 
ATOM   992  C CD  . PRO A 1 126 ? 1.745   -15.869 -6.160  1.00 33.95 ? 122  PRO A CD  1 
ATOM   993  N N   . ASP A 1 127 ? -0.835  -16.371 -8.665  1.00 35.53 ? 123  ASP A N   1 
ATOM   994  C CA  . ASP A 1 127 ? -1.808  -17.094 -9.490  1.00 36.06 ? 123  ASP A CA  1 
ATOM   995  C C   . ASP A 1 127 ? -3.012  -16.236 -9.841  1.00 36.13 ? 123  ASP A C   1 
ATOM   996  O O   . ASP A 1 127 ? -3.790  -16.613 -10.722 1.00 37.00 ? 123  ASP A O   1 
ATOM   997  C CB  . ASP A 1 127 ? -2.252  -18.413 -8.835  1.00 36.65 ? 123  ASP A CB  1 
ATOM   998  C CG  . ASP A 1 127 ? -1.158  -19.471 -8.842  1.00 38.55 ? 123  ASP A CG  1 
ATOM   999  O OD1 . ASP A 1 127 ? -0.175  -19.365 -9.626  1.00 41.36 ? 123  ASP A OD1 1 
ATOM   1000 O OD2 . ASP A 1 127 ? -1.207  -20.479 -8.101  1.00 41.85 ? 123  ASP A OD2 1 
ATOM   1001 N N   . ASP A 1 128 ? -3.160  -15.116 -9.132  1.00 36.01 ? 124  ASP A N   1 
ATOM   1002 C CA  A ASP A 1 128 ? -4.184  -14.091 -9.364  0.50 35.51 ? 124  ASP A CA  1 
ATOM   1003 C CA  B ASP A 1 128 ? -4.156  -14.106 -9.465  0.50 35.45 ? 124  ASP A CA  1 
ATOM   1004 C C   . ASP A 1 128 ? -3.445  -12.747 -9.462  1.00 35.12 ? 124  ASP A C   1 
ATOM   1005 O O   . ASP A 1 128 ? -3.594  -11.916 -8.565  1.00 34.70 ? 124  ASP A O   1 
ATOM   1006 C CB  A ASP A 1 128 ? -5.166  -14.091 -8.164  0.50 36.06 ? 124  ASP A CB  1 
ATOM   1007 C CB  B ASP A 1 128 ? -5.331  -14.189 -8.502  0.50 35.78 ? 124  ASP A CB  1 
ATOM   1008 C CG  A ASP A 1 128 ? -6.309  -13.060 -8.297  0.50 37.33 ? 124  ASP A CG  1 
ATOM   1009 C CG  B ASP A 1 128 ? -6.095  -15.504 -8.643  0.50 37.20 ? 124  ASP A CG  1 
ATOM   1010 O OD1 A ASP A 1 128 ? -6.785  -12.499 -7.264  0.50 38.95 ? 124  ASP A OD1 1 
ATOM   1011 O OD1 B ASP A 1 128 ? -6.974  -15.584 -9.535  0.50 38.35 ? 124  ASP A OD1 1 
ATOM   1012 O OD2 A ASP A 1 128 ? -6.807  -12.753 -9.392  0.50 40.40 ? 124  ASP A OD2 1 
ATOM   1013 O OD2 B ASP A 1 128 ? -5.867  -16.509 -7.927  0.50 37.24 ? 124  ASP A OD2 1 
ATOM   1014 N N   . PRO A 1 129 ? -2.636  -12.533 -10.520 1.00 34.40 ? 125  PRO A N   1 
ATOM   1015 C CA  . PRO A 1 129 ? -1.734  -11.393 -10.581 1.00 33.98 ? 125  PRO A CA  1 
ATOM   1016 C C   . PRO A 1 129 ? -2.344  -10.096 -11.113 1.00 33.48 ? 125  PRO A C   1 
ATOM   1017 O O   . PRO A 1 129 ? -3.422  -10.100 -11.718 1.00 32.86 ? 125  PRO A O   1 
ATOM   1018 C CB  . PRO A 1 129 ? -0.644  -11.885 -11.549 1.00 34.34 ? 125  PRO A CB  1 
ATOM   1019 C CG  . PRO A 1 129 ? -1.401  -12.703 -12.550 1.00 34.53 ? 125  PRO A CG  1 
ATOM   1020 C CD  . PRO A 1 129 ? -2.543  -13.335 -11.763 1.00 34.42 ? 125  PRO A CD  1 
ATOM   1021 N N   . GLN A 1 130 ? -1.661  -8.990  -10.828 1.00 31.74 ? 126  GLN A N   1 
ATOM   1022 C CA  . GLN A 1 130 ? -1.913  -7.701  -11.485 1.00 31.34 ? 126  GLN A CA  1 
ATOM   1023 C C   . GLN A 1 130 ? -0.966  -7.539  -12.667 1.00 31.18 ? 126  GLN A C   1 
ATOM   1024 O O   . GLN A 1 130 ? -1.372  -7.035  -13.722 1.00 31.19 ? 126  GLN A O   1 
ATOM   1025 C CB  . GLN A 1 130 ? -1.696  -6.533  -10.513 1.00 31.11 ? 126  GLN A CB  1 
ATOM   1026 C CG  . GLN A 1 130 ? -1.985  -5.163  -11.084 1.00 30.77 ? 126  GLN A CG  1 
ATOM   1027 C CD  . GLN A 1 130 ? -3.464  -4.954  -11.387 1.00 35.00 ? 126  GLN A CD  1 
ATOM   1028 O OE1 . GLN A 1 130 ? -4.298  -5.515  -10.697 1.00 37.81 ? 126  GLN A OE1 1 
ATOM   1029 N NE2 . GLN A 1 130 ? -3.782  -4.163  -12.426 1.00 35.56 ? 126  GLN A NE2 1 
ATOM   1030 N N   . ASP A 1 131 ? 0.284   -7.977  -12.492 1.00 30.50 ? 127  ASP A N   1 
ATOM   1031 C CA  . ASP A 1 131 ? 1.329   -7.816  -13.495 1.00 29.43 ? 127  ASP A CA  1 
ATOM   1032 C C   . ASP A 1 131 ? 1.829   -9.194  -13.940 1.00 29.28 ? 127  ASP A C   1 
ATOM   1033 O O   . ASP A 1 131 ? 2.571   -9.858  -13.212 1.00 28.56 ? 127  ASP A O   1 
ATOM   1034 C CB  . ASP A 1 131 ? 2.499   -7.008  -12.903 1.00 29.27 ? 127  ASP A CB  1 
ATOM   1035 C CG  . ASP A 1 131 ? 3.485   -6.507  -13.963 1.00 29.97 ? 127  ASP A CG  1 
ATOM   1036 O OD1 . ASP A 1 131 ? 3.940   -7.318  -14.805 1.00 29.33 ? 127  ASP A OD1 1 
ATOM   1037 O OD2 . ASP A 1 131 ? 3.859   -5.311  -14.008 1.00 26.55 ? 127  ASP A OD2 1 
ATOM   1038 N N   . ALA A 1 132 ? 1.431   -9.617  -15.129 1.00 28.98 ? 128  ALA A N   1 
ATOM   1039 C CA  . ALA A 1 132 ? 1.758   -10.958 -15.619 1.00 29.05 ? 128  ALA A CA  1 
ATOM   1040 C C   . ALA A 1 132 ? 3.244   -11.264 -15.782 1.00 29.33 ? 128  ALA A C   1 
ATOM   1041 O O   . ALA A 1 132 ? 3.696   -12.393 -15.544 1.00 29.38 ? 128  ALA A O   1 
ATOM   1042 C CB  . ALA A 1 132 ? 1.037   -11.198 -16.923 1.00 29.45 ? 128  ALA A CB  1 
ATOM   1043 N N   . VAL A 1 133 ? 4.002   -10.286 -16.245 1.00 28.93 ? 129  VAL A N   1 
ATOM   1044 C CA  . VAL A 1 133 ? 5.426   -10.499 -16.465 1.00 28.52 ? 129  VAL A CA  1 
ATOM   1045 C C   . VAL A 1 133 ? 6.128   -10.784 -15.128 1.00 28.32 ? 129  VAL A C   1 
ATOM   1046 O O   . VAL A 1 133 ? 7.004   -11.660 -15.038 1.00 28.06 ? 129  VAL A O   1 
ATOM   1047 C CB  . VAL A 1 133 ? 6.045   -9.253  -17.114 1.00 28.50 ? 129  VAL A CB  1 
ATOM   1048 C CG1 . VAL A 1 133 ? 7.559   -9.322  -17.072 1.00 29.18 ? 129  VAL A CG1 1 
ATOM   1049 C CG2 . VAL A 1 133 ? 5.513   -9.082  -18.560 1.00 28.86 ? 129  VAL A CG2 1 
ATOM   1050 N N   . VAL A 1 134 ? 5.742   -10.020 -14.104 1.00 27.72 ? 130  VAL A N   1 
ATOM   1051 C CA  . VAL A 1 134 ? 6.350   -10.126 -12.778 1.00 27.37 ? 130  VAL A CA  1 
ATOM   1052 C C   . VAL A 1 134 ? 5.940   -11.450 -12.171 1.00 27.21 ? 130  VAL A C   1 
ATOM   1053 O O   . VAL A 1 134 ? 6.758   -12.187 -11.590 1.00 26.32 ? 130  VAL A O   1 
ATOM   1054 C CB  . VAL A 1 134 ? 5.913   -8.968  -11.830 1.00 27.06 ? 130  VAL A CB  1 
ATOM   1055 C CG1 . VAL A 1 134 ? 6.587   -9.115  -10.486 1.00 27.51 ? 130  VAL A CG1 1 
ATOM   1056 C CG2 . VAL A 1 134 ? 6.300   -7.615  -12.420 1.00 26.47 ? 130  VAL A CG2 1 
ATOM   1057 N N   . ALA A 1 135 ? 4.662   -11.758 -12.318 1.00 27.14 ? 131  ALA A N   1 
ATOM   1058 C CA  . ALA A 1 135 ? 4.113   -12.982 -11.760 1.00 28.13 ? 131  ALA A CA  1 
ATOM   1059 C C   . ALA A 1 135 ? 4.760   -14.227 -12.379 1.00 28.30 ? 131  ALA A C   1 
ATOM   1060 O O   . ALA A 1 135 ? 5.090   -15.195 -11.671 1.00 29.14 ? 131  ALA A O   1 
ATOM   1061 C CB  . ALA A 1 135 ? 2.603   -12.997 -11.946 1.00 27.86 ? 131  ALA A CB  1 
ATOM   1062 N N   . ASN A 1 136 ? 4.971   -14.196 -13.694 1.00 28.64 ? 132  ASN A N   1 
ATOM   1063 C CA  . ASN A 1 136 ? 5.659   -15.293 -14.390 1.00 28.51 ? 132  ASN A CA  1 
ATOM   1064 C C   . ASN A 1 136 ? 7.071   -15.542 -13.866 1.00 28.41 ? 132  ASN A C   1 
ATOM   1065 O O   . ASN A 1 136 ? 7.477   -16.696 -13.669 1.00 27.56 ? 132  ASN A O   1 
ATOM   1066 C CB  . ASN A 1 136 ? 5.695   -15.029 -15.897 1.00 28.86 ? 132  ASN A CB  1 
ATOM   1067 C CG  . ASN A 1 136 ? 4.316   -15.154 -16.548 1.00 31.12 ? 132  ASN A CG  1 
ATOM   1068 O OD1 . ASN A 1 136 ? 3.361   -15.620 -15.919 1.00 37.50 ? 132  ASN A OD1 1 
ATOM   1069 N ND2 . ASN A 1 136 ? 4.204   -14.719 -17.803 1.00 33.66 ? 132  ASN A ND2 1 
ATOM   1070 N N   . GLN A 1 137 ? 7.805   -14.458 -13.625 1.00 28.02 ? 133  GLN A N   1 
ATOM   1071 C CA  . GLN A 1 137 ? 9.173   -14.549 -13.097 1.00 27.92 ? 133  GLN A CA  1 
ATOM   1072 C C   . GLN A 1 137 ? 9.171   -15.090 -11.670 1.00 27.63 ? 133  GLN A C   1 
ATOM   1073 O O   . GLN A 1 137 ? 9.990   -15.939 -11.320 1.00 26.78 ? 133  GLN A O   1 
ATOM   1074 C CB  . GLN A 1 137 ? 9.854   -13.181 -13.110 1.00 27.33 ? 133  GLN A CB  1 
ATOM   1075 C CG  . GLN A 1 137 ? 11.354  -13.269 -12.883 1.00 28.19 ? 133  GLN A CG  1 
ATOM   1076 C CD  . GLN A 1 137 ? 11.967  -11.912 -12.638 1.00 27.15 ? 133  GLN A CD  1 
ATOM   1077 O OE1 . GLN A 1 137 ? 11.552  -11.220 -11.749 1.00 27.45 ? 133  GLN A OE1 1 
ATOM   1078 N NE2 . GLN A 1 137 ? 12.956  -11.545 -13.424 1.00 27.98 ? 133  GLN A NE2 1 
ATOM   1079 N N   . TYR A 1 138 ? 8.247   -14.575 -10.862 1.00 27.95 ? 134  TYR A N   1 
ATOM   1080 C CA  . TYR A 1 138 ? 8.036   -15.049 -9.484  1.00 29.34 ? 134  TYR A CA  1 
ATOM   1081 C C   . TYR A 1 138 ? 7.905   -16.572 -9.478  1.00 30.05 ? 134  TYR A C   1 
ATOM   1082 O O   . TYR A 1 138 ? 8.539   -17.251 -8.685  1.00 30.53 ? 134  TYR A O   1 
ATOM   1083 C CB  . TYR A 1 138 ? 6.778   -14.407 -8.870  1.00 29.04 ? 134  TYR A CB  1 
ATOM   1084 C CG  . TYR A 1 138 ? 6.592   -14.657 -7.380  1.00 28.94 ? 134  TYR A CG  1 
ATOM   1085 C CD1 . TYR A 1 138 ? 5.969   -15.816 -6.920  1.00 30.88 ? 134  TYR A CD1 1 
ATOM   1086 C CD2 . TYR A 1 138 ? 6.993   -13.715 -6.426  1.00 28.23 ? 134  TYR A CD2 1 
ATOM   1087 C CE1 . TYR A 1 138 ? 5.774   -16.043 -5.553  1.00 29.36 ? 134  TYR A CE1 1 
ATOM   1088 C CE2 . TYR A 1 138 ? 6.814   -13.951 -5.075  1.00 30.19 ? 134  TYR A CE2 1 
ATOM   1089 C CZ  . TYR A 1 138 ? 6.191   -15.111 -4.642  1.00 28.93 ? 134  TYR A CZ  1 
ATOM   1090 O OH  . TYR A 1 138 ? 6.006   -15.360 -3.286  1.00 29.66 ? 134  TYR A OH  1 
ATOM   1091 N N   . LYS A 1 139 ? 7.105   -17.102 -10.394 1.00 31.13 ? 135  LYS A N   1 
ATOM   1092 C CA  . LYS A 1 139 ? 6.863   -18.547 -10.444 1.00 32.12 ? 135  LYS A CA  1 
ATOM   1093 C C   . LYS A 1 139 ? 8.010   -19.334 -11.071 1.00 32.19 ? 135  LYS A C   1 
ATOM   1094 O O   . LYS A 1 139 ? 8.435   -20.370 -10.535 1.00 32.96 ? 135  LYS A O   1 
ATOM   1095 C CB  . LYS A 1 139 ? 5.521   -18.830 -11.147 1.00 31.93 ? 135  LYS A CB  1 
ATOM   1096 C CG  . LYS A 1 139 ? 4.337   -18.377 -10.306 1.00 34.96 ? 135  LYS A CG  1 
ATOM   1097 C CD  . LYS A 1 139 ? 2.993   -18.368 -11.052 1.00 34.62 ? 135  LYS A CD  1 
ATOM   1098 C CE  . LYS A 1 139 ? 2.601   -19.758 -11.560 1.00 38.95 ? 135  LYS A CE  1 
ATOM   1099 N NZ  . LYS A 1 139 ? 1.096   -19.909 -11.569 1.00 40.12 ? 135  LYS A NZ  1 
ATOM   1100 N N   . GLN A 1 140 ? 8.542   -18.847 -12.190 1.00 32.10 ? 136  GLN A N   1 
ATOM   1101 C CA  . GLN A 1 140 ? 9.497   -19.621 -12.975 1.00 32.05 ? 136  GLN A CA  1 
ATOM   1102 C C   . GLN A 1 140 ? 10.958  -19.458 -12.565 1.00 31.18 ? 136  GLN A C   1 
ATOM   1103 O O   . GLN A 1 140 ? 11.781  -20.371 -12.796 1.00 31.94 ? 136  GLN A O   1 
ATOM   1104 C CB  . GLN A 1 140 ? 9.356   -19.253 -14.447 1.00 32.10 ? 136  GLN A CB  1 
ATOM   1105 C CG  . GLN A 1 140 ? 8.013   -19.627 -15.044 1.00 34.22 ? 136  GLN A CG  1 
ATOM   1106 C CD  . GLN A 1 140 ? 7.988   -19.406 -16.551 1.00 35.15 ? 136  GLN A CD  1 
ATOM   1107 O OE1 . GLN A 1 140 ? 7.801   -18.269 -17.018 1.00 41.21 ? 136  GLN A OE1 1 
ATOM   1108 N NE2 . GLN A 1 140 ? 8.172   -20.484 -17.315 1.00 38.17 ? 136  GLN A NE2 1 
ATOM   1109 N N   . ASN A 1 141 ? 11.301  -18.298 -12.018 1.00 30.11 ? 137  ASN A N   1 
ATOM   1110 C CA  . ASN A 1 141 ? 12.662  -18.023 -11.584 1.00 30.16 ? 137  ASN A CA  1 
ATOM   1111 C C   . ASN A 1 141 ? 12.648  -17.178 -10.313 1.00 29.88 ? 137  ASN A C   1 
ATOM   1112 O O   . ASN A 1 141 ? 12.872  -15.974 -10.351 1.00 29.38 ? 137  ASN A O   1 
ATOM   1113 C CB  . ASN A 1 141 ? 13.422  -17.330 -12.715 1.00 29.92 ? 137  ASN A CB  1 
ATOM   1114 C CG  . ASN A 1 141 ? 14.954  -17.394 -12.547 1.00 30.23 ? 137  ASN A CG  1 
ATOM   1115 O OD1 . ASN A 1 141 ? 15.497  -17.583 -11.447 1.00 29.16 ? 137  ASN A OD1 1 
ATOM   1116 N ND2 . ASN A 1 141 ? 15.655  -17.237 -13.664 1.00 32.33 ? 137  ASN A ND2 1 
ATOM   1117 N N   . PRO A 1 142 ? 12.332  -17.801 -9.181  1.00 30.16 ? 138  PRO A N   1 
ATOM   1118 C CA  . PRO A 1 142 ? 12.176  -17.049 -7.927  1.00 30.00 ? 138  PRO A CA  1 
ATOM   1119 C C   . PRO A 1 142 ? 13.468  -16.380 -7.452  1.00 30.04 ? 138  PRO A C   1 
ATOM   1120 O O   . PRO A 1 142 ? 13.399  -15.323 -6.820  1.00 30.67 ? 138  PRO A O   1 
ATOM   1121 C CB  . PRO A 1 142 ? 11.690  -18.099 -6.911  1.00 30.20 ? 138  PRO A CB  1 
ATOM   1122 C CG  . PRO A 1 142 ? 11.581  -19.413 -7.650  1.00 30.52 ? 138  PRO A CG  1 
ATOM   1123 C CD  . PRO A 1 142 ? 12.075  -19.245 -9.021  1.00 30.18 ? 138  PRO A CD  1 
ATOM   1124 N N   . GLU A 1 143 ? 14.620  -16.988 -7.733  1.00 29.93 ? 139  GLU A N   1 
ATOM   1125 C CA  . GLU A 1 143 ? 15.908  -16.361 -7.387  1.00 29.86 ? 139  GLU A CA  1 
ATOM   1126 C C   . GLU A 1 143 ? 16.080  -15.032 -8.108  1.00 29.07 ? 139  GLU A C   1 
ATOM   1127 O O   . GLU A 1 143 ? 16.412  -14.017 -7.470  1.00 28.12 ? 139  GLU A O   1 
ATOM   1128 C CB  . GLU A 1 143 ? 17.100  -17.282 -7.609  1.00 31.81 ? 139  GLU A CB  1 
ATOM   1129 C CG  . GLU A 1 143 ? 17.571  -17.948 -6.310  1.00 36.90 ? 139  GLU A CG  1 
ATOM   1130 C CD  . GLU A 1 143 ? 17.596  -16.968 -5.123  1.00 42.52 ? 139  GLU A CD  1 
ATOM   1131 O OE1 . GLU A 1 143 ? 18.230  -15.879 -5.235  1.00 46.95 ? 139  GLU A OE1 1 
ATOM   1132 O OE2 . GLU A 1 143 ? 16.968  -17.278 -4.081  1.00 47.00 ? 139  GLU A OE2 1 
ATOM   1133 N N   . MET A 1 144 ? 15.821  -15.013 -9.416  1.00 27.85 ? 140  MET A N   1 
ATOM   1134 C CA  A MET A 1 144 ? 15.945  -13.763 -10.142 0.50 27.81 ? 140  MET A CA  1 
ATOM   1135 C CA  B MET A 1 144 ? 15.914  -13.779 -10.207 0.50 27.65 ? 140  MET A CA  1 
ATOM   1136 C C   . MET A 1 144 ? 14.795  -12.806 -9.849  1.00 27.16 ? 140  MET A C   1 
ATOM   1137 O O   . MET A 1 144 ? 14.971  -11.607 -9.950  1.00 26.09 ? 140  MET A O   1 
ATOM   1138 C CB  A MET A 1 144 ? 16.131  -14.018 -11.623 0.50 27.62 ? 140  MET A CB  1 
ATOM   1139 C CB  B MET A 1 144 ? 15.868  -14.065 -11.705 0.50 27.28 ? 140  MET A CB  1 
ATOM   1140 C CG  A MET A 1 144 ? 17.490  -14.669 -11.914 0.50 28.58 ? 140  MET A CG  1 
ATOM   1141 C CG  B MET A 1 144 ? 15.949  -12.817 -12.606 0.50 27.36 ? 140  MET A CG  1 
ATOM   1142 S SD  A MET A 1 144 ? 18.938  -13.830 -11.155 0.50 29.32 ? 140  MET A SD  1 
ATOM   1143 S SD  B MET A 1 144 ? 17.420  -11.744 -12.400 0.50 26.83 ? 140  MET A SD  1 
ATOM   1144 C CE  A MET A 1 144 ? 19.158  -14.703 -9.605  0.50 29.59 ? 140  MET A CE  1 
ATOM   1145 C CE  B MET A 1 144 ? 18.676  -12.639 -13.287 0.50 27.62 ? 140  MET A CE  1 
ATOM   1146 N N   . PHE A 1 145 ? 13.634  -13.329 -9.452  1.00 26.95 ? 141  PHE A N   1 
ATOM   1147 C CA  . PHE A 1 145 ? 12.601  -12.439 -8.960  1.00 27.05 ? 141  PHE A CA  1 
ATOM   1148 C C   . PHE A 1 145 ? 13.114  -11.670 -7.742  1.00 26.72 ? 141  PHE A C   1 
ATOM   1149 O O   . PHE A 1 145 ? 12.945  -10.462 -7.649  1.00 26.64 ? 141  PHE A O   1 
ATOM   1150 C CB  . PHE A 1 145 ? 11.274  -13.153 -8.589  1.00 27.01 ? 141  PHE A CB  1 
ATOM   1151 C CG  . PHE A 1 145 ? 10.372  -12.274 -7.824  1.00 27.03 ? 141  PHE A CG  1 
ATOM   1152 C CD1 . PHE A 1 145 ? 9.560   -11.352 -8.474  1.00 27.83 ? 141  PHE A CD1 1 
ATOM   1153 C CD2 . PHE A 1 145 ? 10.431  -12.251 -6.426  1.00 28.27 ? 141  PHE A CD2 1 
ATOM   1154 C CE1 . PHE A 1 145 ? 8.780   -10.467 -7.752  1.00 27.06 ? 141  PHE A CE1 1 
ATOM   1155 C CE2 . PHE A 1 145 ? 9.672   -11.363 -5.687  1.00 25.05 ? 141  PHE A CE2 1 
ATOM   1156 C CZ  . PHE A 1 145 ? 8.823   -10.472 -6.344  1.00 26.17 ? 141  PHE A CZ  1 
ATOM   1157 N N   . LYS A 1 146 ? 13.722  -12.375 -6.801  1.00 27.64 ? 142  LYS A N   1 
ATOM   1158 C CA  . LYS A 1 146 ? 14.222  -11.760 -5.561  1.00 28.06 ? 142  LYS A CA  1 
ATOM   1159 C C   . LYS A 1 146 ? 15.284  -10.684 -5.839  1.00 27.48 ? 142  LYS A C   1 
ATOM   1160 O O   . LYS A 1 146 ? 15.261  -9.610  -5.232  1.00 27.15 ? 142  LYS A O   1 
ATOM   1161 C CB  . LYS A 1 146 ? 14.873  -12.822 -4.687  1.00 28.97 ? 142  LYS A CB  1 
ATOM   1162 C CG  . LYS A 1 146 ? 15.358  -12.324 -3.320  1.00 29.62 ? 142  LYS A CG  1 
ATOM   1163 C CD  . LYS A 1 146 ? 16.395  -13.291 -2.748  1.00 30.91 ? 142  LYS A CD  1 
ATOM   1164 C CE  . LYS A 1 146 ? 16.166  -13.564 -1.267  1.00 33.00 ? 142  LYS A CE  1 
ATOM   1165 N NZ  . LYS A 1 146 ? 17.412  -14.016 -0.610  1.00 33.06 ? 142  LYS A NZ  1 
ATOM   1166 N N   . GLN A 1 147 ? 16.203  -10.996 -6.744  1.00 26.85 ? 143  GLN A N   1 
ATOM   1167 C CA  . GLN A 1 147 ? 17.291  -10.062 -7.081  1.00 26.79 ? 143  GLN A CA  1 
ATOM   1168 C C   . GLN A 1 147 ? 16.735  -8.800  -7.737  1.00 26.26 ? 143  GLN A C   1 
ATOM   1169 O O   . GLN A 1 147 ? 17.186  -7.688  -7.447  1.00 25.99 ? 143  GLN A O   1 
ATOM   1170 C CB  . GLN A 1 147 ? 18.295  -10.713 -8.025  1.00 27.82 ? 143  GLN A CB  1 
ATOM   1171 C CG  . GLN A 1 147 ? 18.870  -12.023 -7.517  1.00 30.61 ? 143  GLN A CG  1 
ATOM   1172 C CD  . GLN A 1 147 ? 19.698  -11.914 -6.240  1.00 34.99 ? 143  GLN A CD  1 
ATOM   1173 O OE1 . GLN A 1 147 ? 19.883  -10.819 -5.680  1.00 37.21 ? 143  GLN A OE1 1 
ATOM   1174 N NE2 . GLN A 1 147 ? 20.245  -13.064 -5.801  1.00 36.84 ? 143  GLN A NE2 1 
ATOM   1175 N N   . THR A 1 148 ? 15.753  -8.984  -8.615  1.00 24.78 ? 144  THR A N   1 
ATOM   1176 C CA  . THR A 1 148 ? 15.087  -7.879  -9.292  1.00 24.69 ? 144  THR A CA  1 
ATOM   1177 C C   . THR A 1 148 ? 14.297  -6.986  -8.332  1.00 24.06 ? 144  THR A C   1 
ATOM   1178 O O   . THR A 1 148 ? 14.421  -5.761  -8.364  1.00 23.72 ? 144  THR A O   1 
ATOM   1179 C CB  . THR A 1 148 ? 14.181  -8.442  -10.395 1.00 24.56 ? 144  THR A CB  1 
ATOM   1180 O OG1 . THR A 1 148 ? 14.972  -9.241  -11.288 1.00 23.72 ? 144  THR A OG1 1 
ATOM   1181 C CG2 . THR A 1 148 ? 13.577  -7.329  -11.257 1.00 24.84 ? 144  THR A CG2 1 
ATOM   1182 N N   . ALA A 1 149 ? 13.529  -7.598  -7.446  1.00 23.49 ? 145  ALA A N   1 
ATOM   1183 C CA  . ALA A 1 149 ? 12.720  -6.825  -6.492  1.00 24.34 ? 145  ALA A CA  1 
ATOM   1184 C C   . ALA A 1 149 ? 13.610  -6.007  -5.531  1.00 23.71 ? 145  ALA A C   1 
ATOM   1185 O O   . ALA A 1 149 ? 13.267  -4.866  -5.213  1.00 23.17 ? 145  ALA A O   1 
ATOM   1186 C CB  . ALA A 1 149 ? 11.775  -7.735  -5.724  1.00 25.32 ? 145  ALA A CB  1 
ATOM   1187 N N   . ARG A 1 150 ? 14.738  -6.592  -5.114  1.00 23.76 ? 146  ARG A N   1 
ATOM   1188 C CA  . ARG A 1 150 ? 15.728  -5.931  -4.257  1.00 25.45 ? 146  ARG A CA  1 
ATOM   1189 C C   . ARG A 1 150 ? 16.337  -4.763  -4.965  1.00 24.14 ? 146  ARG A C   1 
ATOM   1190 O O   . ARG A 1 150 ? 16.487  -3.666  -4.411  1.00 23.49 ? 146  ARG A O   1 
ATOM   1191 C CB  . ARG A 1 150 ? 16.854  -6.881  -3.897  1.00 25.52 ? 146  ARG A CB  1 
ATOM   1192 C CG  . ARG A 1 150 ? 16.498  -7.840  -2.863  1.00 30.23 ? 146  ARG A CG  1 
ATOM   1193 C CD  . ARG A 1 150 ? 17.644  -8.641  -2.239  1.00 33.02 ? 146  ARG A CD  1 
ATOM   1194 N NE  . ARG A 1 150 ? 16.988  -9.562  -1.290  1.00 39.61 ? 146  ARG A NE  1 
ATOM   1195 C CZ  . ARG A 1 150 ? 16.486  -9.222  -0.091  1.00 40.71 ? 146  ARG A CZ  1 
ATOM   1196 N NH1 . ARG A 1 150 ? 16.579  -7.973  0.399   1.00 43.09 ? 146  ARG A NH1 1 
ATOM   1197 N NH2 . ARG A 1 150 ? 15.886  -10.150 0.635   1.00 41.47 ? 146  ARG A NH2 1 
ATOM   1198 N N   . LEU A 1 151 ? 16.730  -5.008  -6.203  1.00 23.51 ? 147  LEU A N   1 
ATOM   1199 C CA  . LEU A 1 151 ? 17.299  -3.937  -6.987  1.00 23.67 ? 147  LEU A CA  1 
ATOM   1200 C C   . LEU A 1 151 ? 16.291  -2.790  -7.073  1.00 22.99 ? 147  LEU A C   1 
ATOM   1201 O O   . LEU A 1 151 ? 16.620  -1.629  -6.843  1.00 23.11 ? 147  LEU A O   1 
ATOM   1202 C CB  . LEU A 1 151 ? 17.718  -4.427  -8.385  1.00 23.66 ? 147  LEU A CB  1 
ATOM   1203 C CG  . LEU A 1 151 ? 18.298  -3.330  -9.288  1.00 24.12 ? 147  LEU A CG  1 
ATOM   1204 C CD1 . LEU A 1 151 ? 19.535  -2.644  -8.630  1.00 22.86 ? 147  LEU A CD1 1 
ATOM   1205 C CD2 . LEU A 1 151 ? 18.675  -3.871  -10.660 1.00 24.82 ? 147  LEU A CD2 1 
ATOM   1206 N N   . TRP A 1 152 ? 15.048  -3.105  -7.389  1.00 23.27 ? 148  TRP A N   1 
ATOM   1207 C CA  . TRP A 1 152 ? 14.060  -2.020  -7.506  1.00 23.93 ? 148  TRP A CA  1 
ATOM   1208 C C   . TRP A 1 152 ? 13.793  -1.294  -6.182  1.00 24.05 ? 148  TRP A C   1 
ATOM   1209 O O   . TRP A 1 152 ? 13.492  -0.115  -6.180  1.00 24.96 ? 148  TRP A O   1 
ATOM   1210 C CB  . TRP A 1 152 ? 12.767  -2.520  -8.100  1.00 23.43 ? 148  TRP A CB  1 
ATOM   1211 C CG  . TRP A 1 152 ? 12.759  -2.667  -9.615  1.00 22.11 ? 148  TRP A CG  1 
ATOM   1212 C CD1 . TRP A 1 152 ? 13.706  -3.233  -10.407 1.00 22.01 ? 148  TRP A CD1 1 
ATOM   1213 C CD2 . TRP A 1 152 ? 11.685  -2.281  -10.473 1.00 21.72 ? 148  TRP A CD2 1 
ATOM   1214 N NE1 . TRP A 1 152 ? 13.302  -3.208  -11.727 1.00 21.94 ? 148  TRP A NE1 1 
ATOM   1215 C CE2 . TRP A 1 152 ? 12.042  -2.651  -11.787 1.00 22.46 ? 148  TRP A CE2 1 
ATOM   1216 C CE3 . TRP A 1 152 ? 10.411  -1.704  -10.250 1.00 24.02 ? 148  TRP A CE3 1 
ATOM   1217 C CZ2 . TRP A 1 152 ? 11.219  -2.399  -12.887 1.00 22.87 ? 148  TRP A CZ2 1 
ATOM   1218 C CZ3 . TRP A 1 152 ? 9.577   -1.465  -11.343 1.00 23.69 ? 148  TRP A CZ3 1 
ATOM   1219 C CH2 . TRP A 1 152 ? 9.998   -1.810  -12.652 1.00 21.85 ? 148  TRP A CH2 1 
ATOM   1220 N N   . ALA A 1 153 ? 13.925  -1.999  -5.073  1.00 24.78 ? 149  ALA A N   1 
ATOM   1221 C CA  . ALA A 1 153 ? 13.791  -1.389  -3.746  1.00 25.05 ? 149  ALA A CA  1 
ATOM   1222 C C   . ALA A 1 153 ? 14.932  -0.369  -3.564  1.00 26.09 ? 149  ALA A C   1 
ATOM   1223 O O   . ALA A 1 153 ? 14.678  0.735   -3.091  1.00 26.64 ? 149  ALA A O   1 
ATOM   1224 C CB  . ALA A 1 153 ? 13.792  -2.454  -2.648  1.00 24.55 ? 149  ALA A CB  1 
ATOM   1225 N N   . HIS A 1 154 ? 16.164  -0.706  -3.976  1.00 25.78 ? 150  HIS A N   1 
ATOM   1226 C CA  . HIS A 1 154 ? 17.259  0.270   -3.954  1.00 26.74 ? 150  HIS A CA  1 
ATOM   1227 C C   . HIS A 1 154 ? 17.081  1.406   -4.959  1.00 27.23 ? 150  HIS A C   1 
ATOM   1228 O O   . HIS A 1 154 ? 17.337  2.569   -4.635  1.00 28.33 ? 150  HIS A O   1 
ATOM   1229 C CB  . HIS A 1 154 ? 18.595  -0.405  -4.252  1.00 25.78 ? 150  HIS A CB  1 
ATOM   1230 C CG  . HIS A 1 154 ? 19.752  0.551   -4.322  1.00 27.97 ? 150  HIS A CG  1 
ATOM   1231 N ND1 . HIS A 1 154 ? 20.640  0.728   -3.280  1.00 29.35 ? 150  HIS A ND1 1 
ATOM   1232 C CD2 . HIS A 1 154 ? 20.173  1.375   -5.317  1.00 28.13 ? 150  HIS A CD2 1 
ATOM   1233 C CE1 . HIS A 1 154 ? 21.554  1.618   -3.628  1.00 28.07 ? 150  HIS A CE1 1 
ATOM   1234 N NE2 . HIS A 1 154 ? 21.301  2.019   -4.862  1.00 29.51 ? 150  HIS A NE2 1 
ATOM   1235 N N   . VAL A 1 155 ? 16.703  1.060   -6.190  1.00 27.38 ? 151  VAL A N   1 
ATOM   1236 C CA  . VAL A 1 155 ? 16.542  2.034   -7.285  1.00 27.68 ? 151  VAL A CA  1 
ATOM   1237 C C   . VAL A 1 155 ? 15.425  3.078   -6.958  1.00 27.32 ? 151  VAL A C   1 
ATOM   1238 O O   . VAL A 1 155 ? 15.646  4.286   -7.104  1.00 26.63 ? 151  VAL A O   1 
ATOM   1239 C CB  . VAL A 1 155 ? 16.175  1.311   -8.616  1.00 27.28 ? 151  VAL A CB  1 
ATOM   1240 C CG1 . VAL A 1 155 ? 15.633  2.255   -9.644  1.00 28.78 ? 151  VAL A CG1 1 
ATOM   1241 C CG2 . VAL A 1 155 ? 17.386  0.596   -9.205  1.00 28.81 ? 151  VAL A CG2 1 
ATOM   1242 N N   . TYR A 1 156 ? 14.261  2.604   -6.531  1.00 28.37 ? 152  TYR A N   1 
ATOM   1243 C CA  . TYR A 1 156 ? 13.068  3.459   -6.412  1.00 27.90 ? 152  TYR A CA  1 
ATOM   1244 C C   . TYR A 1 156 ? 12.643  3.818   -4.977  1.00 28.86 ? 152  TYR A C   1 
ATOM   1245 O O   . TYR A 1 156 ? 12.012  4.864   -4.779  1.00 29.22 ? 152  TYR A O   1 
ATOM   1246 C CB  . TYR A 1 156 ? 11.866  2.794   -7.112  1.00 29.05 ? 152  TYR A CB  1 
ATOM   1247 C CG  . TYR A 1 156 ? 11.986  2.700   -8.632  1.00 27.97 ? 152  TYR A CG  1 
ATOM   1248 C CD1 . TYR A 1 156 ? 12.033  3.851   -9.414  1.00 29.32 ? 152  TYR A CD1 1 
ATOM   1249 C CD2 . TYR A 1 156 ? 12.006  1.470   -9.283  1.00 28.98 ? 152  TYR A CD2 1 
ATOM   1250 C CE1 . TYR A 1 156 ? 12.131  3.789   -10.813 1.00 30.30 ? 152  TYR A CE1 1 
ATOM   1251 C CE2 . TYR A 1 156 ? 12.112  1.395   -10.699 1.00 28.88 ? 152  TYR A CE2 1 
ATOM   1252 C CZ  . TYR A 1 156 ? 12.152  2.552   -11.449 1.00 29.81 ? 152  TYR A CZ  1 
ATOM   1253 O OH  . TYR A 1 156 ? 12.227  2.503   -12.829 1.00 28.30 ? 152  TYR A OH  1 
ATOM   1254 N N   . ALA A 1 157 ? 12.923  2.942   -4.009  1.00 28.52 ? 153  ALA A N   1 
ATOM   1255 C CA  . ALA A 1 157 ? 12.333  3.027   -2.646  1.00 27.53 ? 153  ALA A CA  1 
ATOM   1256 C C   . ALA A 1 157 ? 13.335  3.358   -1.535  1.00 27.65 ? 153  ALA A C   1 
ATOM   1257 O O   . ALA A 1 157 ? 13.026  3.243   -0.355  1.00 27.77 ? 153  ALA A O   1 
ATOM   1258 C CB  . ALA A 1 157 ? 11.598  1.767   -2.316  1.00 27.76 ? 153  ALA A CB  1 
ATOM   1259 N N   A GLY A 1 158 ? 14.555  3.733   -1.908  0.50 26.57 ? 154  GLY A N   1 
ATOM   1260 N N   B GLY A 1 158 ? 14.509  3.855   -1.913  0.50 27.83 ? 154  GLY A N   1 
ATOM   1261 C CA  A GLY A 1 158 ? 15.546  4.162   -0.920  0.50 26.13 ? 154  GLY A CA  1 
ATOM   1262 C CA  B GLY A 1 158 ? 15.591  3.998   -0.948  0.50 28.17 ? 154  GLY A CA  1 
ATOM   1263 C C   A GLY A 1 158 ? 16.146  3.070   -0.045  0.50 25.52 ? 154  GLY A C   1 
ATOM   1264 C C   B GLY A 1 158 ? 16.089  2.596   -0.701  0.50 28.44 ? 154  GLY A C   1 
ATOM   1265 O O   A GLY A 1 158 ? 16.788  3.373   0.984   0.50 24.76 ? 154  GLY A O   1 
ATOM   1266 O O   B GLY A 1 158 ? 16.117  1.799   -1.614  0.50 28.93 ? 154  GLY A O   1 
ATOM   1267 N N   A ALA A 1 159 ? 15.934  1.808   -0.438  0.50 24.93 ? 155  ALA A N   1 
ATOM   1268 N N   B ALA A 1 159 ? 16.487  2.261   0.513   0.50 28.89 ? 155  ALA A N   1 
ATOM   1269 C CA  A ALA A 1 159 ? 16.596  0.670   0.207   0.50 25.33 ? 155  ALA A CA  1 
ATOM   1270 C CA  B ALA A 1 159 ? 16.869  0.880   0.758   0.50 28.56 ? 155  ALA A CA  1 
ATOM   1271 C C   A ALA A 1 159 ? 18.134  0.709   0.112   0.50 25.61 ? 155  ALA A C   1 
ATOM   1272 C C   B ALA A 1 159 ? 18.325  0.585   0.427   0.50 28.54 ? 155  ALA A C   1 
ATOM   1273 O O   A ALA A 1 159 ? 18.768  1.309   -0.773  0.50 25.64 ? 155  ALA A O   1 
ATOM   1274 O O   B ALA A 1 159 ? 18.984  1.211   -0.426  0.50 27.92 ? 155  ALA A O   1 
ATOM   1275 C CB  A ALA A 1 159 ? 16.087  -0.639  -0.394  0.50 25.35 ? 155  ALA A CB  1 
ATOM   1276 C CB  B ALA A 1 159 ? 16.002  -0.023  -0.069  0.50 28.86 ? 155  ALA A CB  1 
ATOM   1277 O OXT A ALA A 1 159 ? 18.799  0.080   0.941   0.50 25.44 ? 155  ALA A OXT 1 
ATOM   1278 O OXT B ALA A 1 159 ? 18.829  -0.364  1.019   0.50 28.06 ? 155  ALA A OXT 1 
HETATM 1279 C C1  . BME B 2 .   ? -7.247  -9.626  -11.047 1.00 44.41 ? 1156 BME A C1  1 
HETATM 1280 C C2  . BME B 2 .   ? -6.559  -8.429  -10.405 1.00 41.17 ? 1156 BME A C2  1 
HETATM 1281 O O1  . BME B 2 .   ? -7.022  -10.783 -10.272 1.00 47.71 ? 1156 BME A O1  1 
HETATM 1282 S S2  . BME B 2 .   ? -7.106  -8.181  -8.668  1.00 34.18 ? 1156 BME A S2  1 
HETATM 1283 O O   . HOH C 3 .   ? -19.711 20.945  1.652   1.00 62.52 ? 2001 HOH A O   1 
HETATM 1284 O O   . HOH C 3 .   ? -17.652 17.474  -0.810  1.00 58.91 ? 2002 HOH A O   1 
HETATM 1285 O O   . HOH C 3 .   ? -14.124 17.827  -0.275  1.00 47.21 ? 2003 HOH A O   1 
HETATM 1286 O O   . HOH C 3 .   ? -13.411 19.130  5.281   1.00 52.27 ? 2004 HOH A O   1 
HETATM 1287 O O   . HOH C 3 .   ? -19.174 18.091  6.634   1.00 33.94 ? 2005 HOH A O   1 
HETATM 1288 O O   . HOH C 3 .   ? -14.012 17.178  3.751   0.50 23.45 ? 2006 HOH A O   1 
HETATM 1289 O O   . HOH C 3 .   ? -23.568 8.927   11.117  1.00 30.20 ? 2007 HOH A O   1 
HETATM 1290 O O   . HOH C 3 .   ? -22.850 18.475  10.264  1.00 41.78 ? 2008 HOH A O   1 
HETATM 1291 O O   . HOH C 3 .   ? -20.930 9.333   14.545  1.00 44.56 ? 2009 HOH A O   1 
HETATM 1292 O O   . HOH C 3 .   ? -23.472 12.164  10.233  1.00 24.81 ? 2010 HOH A O   1 
HETATM 1293 O O   . HOH C 3 .   ? -20.824 16.172  13.661  1.00 71.96 ? 2011 HOH A O   1 
HETATM 1294 O O   . HOH C 3 .   ? -20.528 17.539  8.665   1.00 63.43 ? 2012 HOH A O   1 
HETATM 1295 O O   . HOH C 3 .   ? -11.424 12.194  15.944  1.00 42.50 ? 2013 HOH A O   1 
HETATM 1296 O O   . HOH C 3 .   ? -20.687 2.381   9.749   1.00 29.18 ? 2014 HOH A O   1 
HETATM 1297 O O   . HOH C 3 .   ? -17.917 4.064   13.067  1.00 43.84 ? 2015 HOH A O   1 
HETATM 1298 O O   . HOH C 3 .   ? -19.190 6.840   12.024  1.00 39.76 ? 2016 HOH A O   1 
HETATM 1299 O O   . HOH C 3 .   ? -16.316 -1.239  14.033  1.00 53.76 ? 2017 HOH A O   1 
HETATM 1300 O O   . HOH C 3 .   ? -19.013 10.943  13.126  1.00 43.94 ? 2018 HOH A O   1 
HETATM 1301 O O   . HOH C 3 .   ? -10.785 9.142   18.089  1.00 43.85 ? 2019 HOH A O   1 
HETATM 1302 O O   . HOH C 3 .   ? -7.010  7.117   18.246  1.00 30.74 ? 2020 HOH A O   1 
HETATM 1303 O O   . HOH C 3 .   ? -10.322 5.052   16.313  1.00 27.54 ? 2021 HOH A O   1 
HETATM 1304 O O   . HOH C 3 .   ? -14.585 3.932   15.957  1.00 44.11 ? 2022 HOH A O   1 
HETATM 1305 O O   . HOH C 3 .   ? -8.580  3.141   17.833  1.00 43.21 ? 2023 HOH A O   1 
HETATM 1306 O O   . HOH C 3 .   ? -6.129  4.523   18.497  1.00 35.10 ? 2024 HOH A O   1 
HETATM 1307 O O   . HOH C 3 .   ? 4.340   -11.519 8.651   1.00 31.68 ? 2025 HOH A O   1 
HETATM 1308 O O   . HOH C 3 .   ? -14.171 17.612  12.368  1.00 73.32 ? 2026 HOH A O   1 
HETATM 1309 O O   . HOH C 3 .   ? -13.709 12.283  14.129  1.00 31.21 ? 2027 HOH A O   1 
HETATM 1310 O O   . HOH C 3 .   ? 4.798   7.585   18.054  1.00 45.14 ? 2028 HOH A O   1 
HETATM 1311 O O   . HOH C 3 .   ? -12.383 15.788  -5.196  1.00 62.43 ? 2029 HOH A O   1 
HETATM 1312 O O   . HOH C 3 .   ? -18.502 1.066   10.247  1.00 25.70 ? 2030 HOH A O   1 
HETATM 1313 O O   . HOH C 3 .   ? -18.900 4.550   10.552  1.00 26.55 ? 2031 HOH A O   1 
HETATM 1314 O O   . HOH C 3 .   ? -16.666 1.436   12.554  1.00 31.53 ? 2032 HOH A O   1 
HETATM 1315 O O   . HOH C 3 .   ? 1.694   -5.697  10.733  1.00 33.98 ? 2033 HOH A O   1 
HETATM 1316 O O   . HOH C 3 .   ? -16.123 3.843   -7.881  1.00 49.65 ? 2034 HOH A O   1 
HETATM 1317 O O   . HOH C 3 .   ? -10.473 2.043   -8.944  1.00 59.78 ? 2035 HOH A O   1 
HETATM 1318 O O   . HOH C 3 .   ? -3.330  3.224   -11.781 1.00 51.89 ? 2036 HOH A O   1 
HETATM 1319 O O   . HOH C 3 .   ? 5.407   -7.109  8.786   1.00 32.57 ? 2037 HOH A O   1 
HETATM 1320 O O   . HOH C 3 .   ? -8.960  19.721  10.486  1.00 40.56 ? 2038 HOH A O   1 
HETATM 1321 O O   . HOH C 3 .   ? -11.717 20.144  8.912   1.00 57.83 ? 2039 HOH A O   1 
HETATM 1322 O O   . HOH C 3 .   ? -9.449  13.240  15.349  1.00 44.70 ? 2040 HOH A O   1 
HETATM 1323 O O   . HOH C 3 .   ? -18.107 9.115   11.522  1.00 40.36 ? 2041 HOH A O   1 
HETATM 1324 O O   . HOH C 3 .   ? -13.694 8.166   18.175  1.00 55.40 ? 2042 HOH A O   1 
HETATM 1325 O O   . HOH C 3 .   ? -9.086  7.627   16.653  1.00 22.89 ? 2043 HOH A O   1 
HETATM 1326 O O   . HOH C 3 .   ? -15.214 4.819   13.417  1.00 33.66 ? 2044 HOH A O   1 
HETATM 1327 O O   . HOH C 3 .   ? 3.830   16.028  4.688   1.00 59.91 ? 2045 HOH A O   1 
HETATM 1328 O O   . HOH C 3 .   ? 3.726   13.610  2.408   1.00 45.97 ? 2046 HOH A O   1 
HETATM 1329 O O   . HOH C 3 .   ? -12.858 4.360   11.999  1.00 20.00 ? 2047 HOH A O   1 
HETATM 1330 O O   . HOH C 3 .   ? 1.453   -17.854 6.118   1.00 51.69 ? 2048 HOH A O   1 
HETATM 1331 O O   . HOH C 3 .   ? -1.767  10.193  10.373  1.00 41.26 ? 2049 HOH A O   1 
HETATM 1332 O O   . HOH C 3 .   ? -9.973  13.649  18.918  1.00 48.30 ? 2050 HOH A O   1 
HETATM 1333 O O   . HOH C 3 .   ? -5.777  12.439  22.500  1.00 48.43 ? 2051 HOH A O   1 
HETATM 1334 O O   . HOH C 3 .   ? -10.191 9.916   20.493  1.00 45.68 ? 2052 HOH A O   1 
HETATM 1335 O O   . HOH C 3 .   ? -8.292  0.154   12.777  1.00 25.69 ? 2053 HOH A O   1 
HETATM 1336 O O   . HOH C 3 .   ? -6.908  4.558   10.845  1.00 14.91 ? 2054 HOH A O   1 
HETATM 1337 O O   . HOH C 3 .   ? -6.518  0.550   16.684  1.00 48.09 ? 2055 HOH A O   1 
HETATM 1338 O O   . HOH C 3 .   ? -10.617 4.218   13.825  1.00 21.79 ? 2056 HOH A O   1 
HETATM 1339 O O   . HOH C 3 .   ? -3.907  4.021   17.390  1.00 28.64 ? 2057 HOH A O   1 
HETATM 1340 O O   . HOH C 3 .   ? 7.657   -12.642 5.232   1.00 45.80 ? 2058 HOH A O   1 
HETATM 1341 O O   . HOH C 3 .   ? 6.764   -9.274  8.805   1.00 38.47 ? 2059 HOH A O   1 
HETATM 1342 O O   . HOH C 3 .   ? 14.872  -15.330 8.501   1.00 92.03 ? 2060 HOH A O   1 
HETATM 1343 O O   . HOH C 3 .   ? 20.150  -7.350  -0.147  1.00 87.02 ? 2061 HOH A O   1 
HETATM 1344 O O   . HOH C 3 .   ? 2.886   9.894   15.217  1.00 39.20 ? 2062 HOH A O   1 
HETATM 1345 O O   . HOH C 3 .   ? -7.152  8.230   20.612  1.00 49.93 ? 2063 HOH A O   1 
HETATM 1346 O O   . HOH C 3 .   ? -3.258  4.451   20.075  1.00 83.56 ? 2064 HOH A O   1 
HETATM 1347 O O   . HOH C 3 .   ? 2.447   6.175   17.608  1.00 34.23 ? 2065 HOH A O   1 
HETATM 1348 O O   . HOH C 3 .   ? -1.300  0.129   17.410  1.00 34.77 ? 2066 HOH A O   1 
HETATM 1349 O O   . HOH C 3 .   ? 7.528   0.579   20.374  1.00 45.16 ? 2067 HOH A O   1 
HETATM 1350 O O   . HOH C 3 .   ? -6.054  4.514   -7.995  1.00 32.75 ? 2068 HOH A O   1 
HETATM 1351 O O   . HOH C 3 .   ? -14.373 14.357  -4.137  1.00 42.59 ? 2069 HOH A O   1 
HETATM 1352 O O   . HOH C 3 .   ? -1.971  -5.065  14.273  1.00 35.67 ? 2070 HOH A O   1 
HETATM 1353 O O   . HOH C 3 .   ? -0.566  -2.173  16.727  1.00 40.65 ? 2071 HOH A O   1 
HETATM 1354 O O   . HOH C 3 .   ? 0.509   -4.713  12.992  1.00 28.06 ? 2072 HOH A O   1 
HETATM 1355 O O   . HOH C 3 .   ? -15.989 4.777   -4.977  1.00 30.41 ? 2073 HOH A O   1 
HETATM 1356 O O   . HOH C 3 .   ? 3.294   9.682   11.543  1.00 47.23 ? 2074 HOH A O   1 
HETATM 1357 O O   . HOH C 3 .   ? -12.615 1.668   -5.657  1.00 25.38 ? 2075 HOH A O   1 
HETATM 1358 O O   . HOH C 3 .   ? 8.987   6.843   16.587  1.00 58.96 ? 2076 HOH A O   1 
HETATM 1359 O O   . HOH C 3 .   ? -8.031  2.311   -7.728  1.00 25.62 ? 2077 HOH A O   1 
HETATM 1360 O O   . HOH C 3 .   ? -4.640  2.464   -9.621  1.00 32.20 ? 2078 HOH A O   1 
HETATM 1361 O O   . HOH C 3 .   ? 4.055   -2.948  15.657  1.00 40.75 ? 2079 HOH A O   1 
HETATM 1362 O O   . HOH C 3 .   ? 12.402  2.368   12.163  1.00 65.23 ? 2080 HOH A O   1 
HETATM 1363 O O   . HOH C 3 .   ? 3.576   -3.244  10.391  1.00 39.30 ? 2081 HOH A O   1 
HETATM 1364 O O   . HOH C 3 .   ? 9.197   -3.226  8.075   1.00 60.84 ? 2082 HOH A O   1 
HETATM 1365 O O   . HOH C 3 .   ? 6.425   -4.762  9.076   1.00 41.30 ? 2083 HOH A O   1 
HETATM 1366 O O   . HOH C 3 .   ? 10.737  0.917   9.825   1.00 67.12 ? 2084 HOH A O   1 
HETATM 1367 O O   . HOH C 3 .   ? 5.364   -5.804  13.187  1.00 44.26 ? 2085 HOH A O   1 
HETATM 1368 O O   . HOH C 3 .   ? -4.430  0.380   -13.821 1.00 75.31 ? 2086 HOH A O   1 
HETATM 1369 O O   . HOH C 3 .   ? -8.812  -4.665  -8.873  1.00 48.07 ? 2087 HOH A O   1 
HETATM 1370 O O   . HOH C 3 .   ? -9.829  -7.893  -6.101  1.00 30.30 ? 2088 HOH A O   1 
HETATM 1371 O O   . HOH C 3 .   ? 0.911   9.507   10.198  1.00 20.54 ? 2089 HOH A O   1 
HETATM 1372 O O   . HOH C 3 .   ? 1.404   12.647  9.637   1.00 40.00 ? 2090 HOH A O   1 
HETATM 1373 O O   . HOH C 3 .   ? -13.032 -10.973 -4.119  1.00 42.06 ? 2091 HOH A O   1 
HETATM 1374 O O   . HOH C 3 .   ? 2.860   9.895   4.236   1.00 28.81 ? 2092 HOH A O   1 
HETATM 1375 O O   . HOH C 3 .   ? -14.862 -0.741  -5.208  1.00 44.72 ? 2093 HOH A O   1 
HETATM 1376 O O   . HOH C 3 .   ? 0.053   15.637  7.337   1.00 28.36 ? 2094 HOH A O   1 
HETATM 1377 O O   . HOH C 3 .   ? 1.516   17.004  4.263   1.00 33.41 ? 2095 HOH A O   1 
HETATM 1378 O O   . HOH C 3 .   ? 1.591   14.825  1.173   1.00 32.63 ? 2096 HOH A O   1 
HETATM 1379 O O   . HOH C 3 .   ? 0.009   18.996  -0.776  1.00 48.94 ? 2097 HOH A O   1 
HETATM 1380 O O   . HOH C 3 .   ? -18.671 -2.806  13.043  1.00 38.19 ? 2098 HOH A O   1 
HETATM 1381 O O   . HOH C 3 .   ? -21.842 -2.030  9.842   1.00 28.64 ? 2099 HOH A O   1 
HETATM 1382 O O   . HOH C 3 .   ? -6.322  19.311  4.788   1.00 42.15 ? 2100 HOH A O   1 
HETATM 1383 O O   . HOH C 3 .   ? -5.496  16.124  2.279   1.00 29.00 ? 2101 HOH A O   1 
HETATM 1384 O O   . HOH C 3 .   ? -6.309  21.167  -3.873  0.50 60.91 ? 2102 HOH A O   1 
HETATM 1385 O O   . HOH C 3 .   ? -10.483 20.826  5.854   1.00 64.46 ? 2103 HOH A O   1 
HETATM 1386 O O   . HOH C 3 .   ? -9.915  20.106  -1.530  0.50 46.23 ? 2104 HOH A O   1 
HETATM 1387 O O   . HOH C 3 .   ? 2.673   -10.049 7.221   1.00 26.81 ? 2105 HOH A O   1 
HETATM 1388 O O   . HOH C 3 .   ? -0.926  -12.292 4.332   1.00 37.29 ? 2106 HOH A O   1 
HETATM 1389 O O   . HOH C 3 .   ? -13.012 16.843  2.466   0.50 22.82 ? 2107 HOH A O   1 
HETATM 1390 O O   . HOH C 3 .   ? 9.335   -12.546 -2.237  1.00 39.40 ? 2108 HOH A O   1 
HETATM 1391 O O   . HOH C 3 .   ? 9.253   -12.118 0.687   1.00 48.09 ? 2109 HOH A O   1 
HETATM 1392 O O   . HOH C 3 .   ? -10.295 11.818  -4.255  1.00 41.40 ? 2110 HOH A O   1 
HETATM 1393 O O   . HOH C 3 .   ? 1.177   -15.265 6.459   1.00 43.05 ? 2111 HOH A O   1 
HETATM 1394 O O   . HOH C 3 .   ? -1.948  -14.461 0.428   1.00 33.23 ? 2112 HOH A O   1 
HETATM 1395 O O   . HOH C 3 .   ? -1.502  11.280  -2.753  1.00 28.88 ? 2113 HOH A O   1 
HETATM 1396 O O   . HOH C 3 .   ? -10.649 -12.056 -4.867  1.00 42.80 ? 2114 HOH A O   1 
HETATM 1397 O O   . HOH C 3 .   ? -9.819  -6.144  -10.648 1.00 54.60 ? 2115 HOH A O   1 
HETATM 1398 O O   . HOH C 3 .   ? -1.232  -13.783 -16.422 1.00 58.82 ? 2116 HOH A O   1 
HETATM 1399 O O   . HOH C 3 .   ? 12.286  -5.837  -14.361 1.00 31.88 ? 2117 HOH A O   1 
HETATM 1400 O O   . HOH C 3 .   ? 9.194   8.663   6.871   1.00 56.86 ? 2118 HOH A O   1 
HETATM 1401 O O   . HOH C 3 .   ? 9.292   -17.694 -0.225  1.00 71.99 ? 2119 HOH A O   1 
HETATM 1402 O O   . HOH C 3 .   ? 8.910   -18.352 -4.773  1.00 51.27 ? 2120 HOH A O   1 
HETATM 1403 O O   . HOH C 3 .   ? 4.899   -19.396 -6.568  1.00 44.95 ? 2121 HOH A O   1 
HETATM 1404 O O   . HOH C 3 .   ? 3.343   -18.808 -4.232  1.00 50.57 ? 2122 HOH A O   1 
HETATM 1405 O O   . HOH C 3 .   ? 11.776  -12.972 -3.053  1.00 41.66 ? 2123 HOH A O   1 
HETATM 1406 O O   . HOH C 3 .   ? 11.861  -2.094  6.096   1.00 35.95 ? 2124 HOH A O   1 
HETATM 1407 O O   . HOH C 3 .   ? 20.306  -7.709  -3.611  1.00 57.86 ? 2125 HOH A O   1 
HETATM 1408 O O   . HOH C 3 .   ? 7.890   -10.277 6.573   1.00 38.97 ? 2126 HOH A O   1 
HETATM 1409 O O   . HOH C 3 .   ? 16.291  -13.034 8.596   1.00 70.38 ? 2127 HOH A O   1 
HETATM 1410 O O   . HOH C 3 .   ? 18.009  6.710   -1.939  1.00 64.46 ? 2128 HOH A O   1 
HETATM 1411 O O   . HOH C 3 .   ? 15.596  -11.735 4.055   1.00 65.14 ? 2129 HOH A O   1 
HETATM 1412 O O   . HOH C 3 .   ? 14.543  7.976   -0.482  1.00 61.47 ? 2130 HOH A O   1 
HETATM 1413 O O   . HOH C 3 .   ? 15.714  -4.716  0.048   1.00 35.76 ? 2131 HOH A O   1 
HETATM 1414 O O   . HOH C 3 .   ? 18.041  -4.877  4.072   1.00 81.38 ? 2132 HOH A O   1 
HETATM 1415 O O   . HOH C 3 .   ? 15.595  -8.201  9.309   1.00 73.47 ? 2133 HOH A O   1 
HETATM 1416 O O   . HOH C 3 .   ? 16.688  1.958   4.633   1.00 51.62 ? 2134 HOH A O   1 
HETATM 1417 O O   . HOH C 3 .   ? 13.882  3.997   2.631   1.00 46.77 ? 2135 HOH A O   1 
HETATM 1418 O O   . HOH C 3 .   ? 16.166  -1.987  7.089   1.00 52.68 ? 2136 HOH A O   1 
HETATM 1419 O O   . HOH C 3 .   ? 11.996  0.707   5.595   1.00 37.57 ? 2137 HOH A O   1 
HETATM 1420 O O   . HOH C 3 .   ? 5.669   4.181   6.488   1.00 72.63 ? 2138 HOH A O   1 
HETATM 1421 O O   . HOH C 3 .   ? 11.611  2.445   7.755   1.00 50.10 ? 2139 HOH A O   1 
HETATM 1422 O O   . HOH C 3 .   ? 6.381   5.463   9.505   1.00 32.52 ? 2140 HOH A O   1 
HETATM 1423 O O   . HOH C 3 .   ? 4.695   10.567  2.661   1.00 36.90 ? 2141 HOH A O   1 
HETATM 1424 O O   . HOH C 3 .   ? 9.502   7.138   -0.238  1.00 56.60 ? 2142 HOH A O   1 
HETATM 1425 O O   . HOH C 3 .   ? -4.628  7.971   -9.944  1.00 41.60 ? 2143 HOH A O   1 
HETATM 1426 O O   . HOH C 3 .   ? -5.348  6.256   -6.114  1.00 25.75 ? 2144 HOH A O   1 
HETATM 1427 O O   . HOH C 3 .   ? -0.314  11.349  -6.749  1.00 50.42 ? 2145 HOH A O   1 
HETATM 1428 O O   . HOH C 3 .   ? -7.701  13.378  -5.834  1.00 54.45 ? 2146 HOH A O   1 
HETATM 1429 O O   . HOH C 3 .   ? -12.154 7.060   -4.278  1.00 28.44 ? 2147 HOH A O   1 
HETATM 1430 O O   . HOH C 3 .   ? -4.517  12.645  -8.977  1.00 52.40 ? 2148 HOH A O   1 
HETATM 1431 O O   . HOH C 3 .   ? -14.329 12.562  -2.103  1.00 42.99 ? 2149 HOH A O   1 
HETATM 1432 O O   . HOH C 3 .   ? -16.671 9.931   -4.677  1.00 30.92 ? 2150 HOH A O   1 
HETATM 1433 O O   . HOH C 3 .   ? -20.208 13.155  -6.460  1.00 18.91 ? 2151 HOH A O   1 
HETATM 1434 O O   . HOH C 3 .   ? -19.312 13.218  1.000   1.00 20.90 ? 2152 HOH A O   1 
HETATM 1435 O O   . HOH C 3 .   ? -17.144 11.468  -6.449  1.00 38.01 ? 2153 HOH A O   1 
HETATM 1436 O O   . HOH C 3 .   ? -20.290 16.971  -4.294  1.00 43.60 ? 2154 HOH A O   1 
HETATM 1437 O O   . HOH C 3 .   ? -18.305 14.796  -1.026  1.00 65.60 ? 2155 HOH A O   1 
HETATM 1438 O O   . HOH C 3 .   ? -18.240 6.418   -4.341  1.00 33.70 ? 2156 HOH A O   1 
HETATM 1439 O O   . HOH C 3 .   ? -20.385 9.294   3.095   1.00 18.13 ? 2157 HOH A O   1 
HETATM 1440 O O   . HOH C 3 .   ? -20.907 3.354   -5.508  1.00 45.29 ? 2158 HOH A O   1 
HETATM 1441 O O   . HOH C 3 .   ? -17.864 -1.485  -1.220  1.00 30.01 ? 2159 HOH A O   1 
HETATM 1442 O O   . HOH C 3 .   ? -14.079 3.409   -3.983  1.00 27.70 ? 2160 HOH A O   1 
HETATM 1443 O O   . HOH C 3 .   ? -10.480 0.902   -4.250  1.00 15.71 ? 2161 HOH A O   1 
HETATM 1444 O O   . HOH C 3 .   ? -5.020  0.411   -7.655  1.00 19.56 ? 2162 HOH A O   1 
HETATM 1445 O O   . HOH C 3 .   ? -7.782  0.992   -5.333  1.00 17.89 ? 2163 HOH A O   1 
HETATM 1446 O O   . HOH C 3 .   ? -2.317  5.323   -13.104 1.00 49.44 ? 2164 HOH A O   1 
HETATM 1447 O O   . HOH C 3 .   ? 4.182   2.920   -9.358  1.00 26.44 ? 2165 HOH A O   1 
HETATM 1448 O O   . HOH C 3 .   ? 3.988   6.519   -9.876  1.00 41.30 ? 2166 HOH A O   1 
HETATM 1449 O O   . HOH C 3 .   ? 8.628   7.477   -4.413  1.00 38.22 ? 2167 HOH A O   1 
HETATM 1450 O O   . HOH C 3 .   ? 8.943   5.512   -8.419  1.00 35.54 ? 2168 HOH A O   1 
HETATM 1451 O O   . HOH C 3 .   ? 10.855  -0.732  -5.267  1.00 23.46 ? 2169 HOH A O   1 
HETATM 1452 O O   . HOH C 3 .   ? 9.410   6.349   -11.246 1.00 62.28 ? 2170 HOH A O   1 
HETATM 1453 O O   . HOH C 3 .   ? 5.339   -4.934  -10.028 1.00 23.02 ? 2171 HOH A O   1 
HETATM 1454 O O   . HOH C 3 .   ? 5.078   0.104   -9.386  1.00 30.28 ? 2172 HOH A O   1 
HETATM 1455 O O   . HOH C 3 .   ? 7.722   -3.277  -16.251 1.00 42.59 ? 2173 HOH A O   1 
HETATM 1456 O O   . HOH C 3 .   ? 7.999   0.706   -14.897 1.00 43.77 ? 2174 HOH A O   1 
HETATM 1457 O O   . HOH C 3 .   ? 4.159   4.550   -11.700 1.00 40.39 ? 2175 HOH A O   1 
HETATM 1458 O O   . HOH C 3 .   ? 5.291   4.000   -15.648 1.00 54.63 ? 2176 HOH A O   1 
HETATM 1459 O O   . HOH C 3 .   ? -2.380  -0.814  -14.516 1.00 39.85 ? 2177 HOH A O   1 
HETATM 1460 O O   . HOH C 3 .   ? -6.333  -2.787  -9.660  1.00 43.99 ? 2178 HOH A O   1 
HETATM 1461 O O   . HOH C 3 .   ? -7.015  -1.427  -6.486  1.00 22.67 ? 2179 HOH A O   1 
HETATM 1462 O O   . HOH C 3 .   ? -4.147  -9.920  -4.172  1.00 25.80 ? 2180 HOH A O   1 
HETATM 1463 O O   . HOH C 3 .   ? -8.372  -5.420  -6.398  1.00 27.74 ? 2181 HOH A O   1 
HETATM 1464 O O   . HOH C 3 .   ? -6.877  -10.282 -2.834  1.00 26.23 ? 2182 HOH A O   1 
HETATM 1465 O O   . HOH C 3 .   ? -7.269  -9.906  2.042   1.00 19.67 ? 2183 HOH A O   1 
HETATM 1466 O O   . HOH C 3 .   ? -11.660 -12.514 -1.227  1.00 30.52 ? 2184 HOH A O   1 
HETATM 1467 O O   . HOH C 3 .   ? -9.426  -2.605  -6.496  1.00 36.59 ? 2185 HOH A O   1 
HETATM 1468 O O   . HOH C 3 .   ? -16.097 -1.984  -3.243  1.00 37.18 ? 2186 HOH A O   1 
HETATM 1469 O O   . HOH C 3 .   ? -13.745 -8.675  -8.206  1.00 60.41 ? 2187 HOH A O   1 
HETATM 1470 O O   . HOH C 3 .   ? -16.374 -4.145  -1.334  1.00 41.01 ? 2188 HOH A O   1 
HETATM 1471 O O   . HOH C 3 .   ? -18.633 -5.019  -4.525  1.00 39.46 ? 2189 HOH A O   1 
HETATM 1472 O O   . HOH C 3 .   ? -17.793 -8.399  0.920   1.00 44.83 ? 2190 HOH A O   1 
HETATM 1473 O O   . HOH C 3 .   ? -12.585 -8.343  -5.027  1.00 25.75 ? 2191 HOH A O   1 
HETATM 1474 O O   . HOH C 3 .   ? -18.300 -9.815  -5.965  1.00 61.52 ? 2192 HOH A O   1 
HETATM 1475 O O   . HOH C 3 .   ? -18.956 -6.291  -2.158  1.00 56.12 ? 2193 HOH A O   1 
HETATM 1476 O O   . HOH C 3 .   ? -14.710 -7.863  4.263   1.00 21.41 ? 2194 HOH A O   1 
HETATM 1477 O O   . HOH C 3 .   ? -18.305 -2.814  0.963   1.00 38.77 ? 2195 HOH A O   1 
HETATM 1478 O O   . HOH C 3 .   ? -18.035 -6.401  3.020   1.00 48.06 ? 2196 HOH A O   1 
HETATM 1479 O O   . HOH C 3 .   ? -19.458 -3.496  6.012   1.00 21.63 ? 2197 HOH A O   1 
HETATM 1480 O O   . HOH C 3 .   ? -19.141 -1.647  10.461  1.00 24.28 ? 2198 HOH A O   1 
HETATM 1481 O O   . HOH C 3 .   ? -13.885 1.584   12.007  1.00 21.02 ? 2199 HOH A O   1 
HETATM 1482 O O   . HOH C 3 .   ? -12.623 -1.194  13.094  1.00 31.49 ? 2200 HOH A O   1 
HETATM 1483 O O   . HOH C 3 .   ? -3.760  1.501   16.605  1.00 32.07 ? 2201 HOH A O   1 
HETATM 1484 O O   . HOH C 3 .   ? -8.556  -3.560  6.069   1.00 16.02 ? 2202 HOH A O   1 
HETATM 1485 O O   . HOH C 3 .   ? 1.318   -5.833  7.998   1.00 24.88 ? 2203 HOH A O   1 
HETATM 1486 O O   . HOH C 3 .   ? -7.695  -6.307  5.807   1.00 23.05 ? 2204 HOH A O   1 
HETATM 1487 O O   . HOH C 3 .   ? -3.294  -8.255  2.940   1.00 16.29 ? 2205 HOH A O   1 
HETATM 1488 O O   . HOH C 3 .   ? -6.066  -7.689  2.974   1.00 16.22 ? 2206 HOH A O   1 
HETATM 1489 O O   . HOH C 3 .   ? 3.456   -7.149  7.131   1.00 27.96 ? 2207 HOH A O   1 
HETATM 1490 O O   . HOH C 3 .   ? 1.728   -11.343 4.954   1.00 18.62 ? 2208 HOH A O   1 
HETATM 1491 O O   . HOH C 3 .   ? 7.078   -11.537 -0.733  1.00 52.62 ? 2209 HOH A O   1 
HETATM 1492 O O   . HOH C 3 .   ? 3.314   -13.503 5.057   1.00 33.49 ? 2210 HOH A O   1 
HETATM 1493 O O   . HOH C 3 .   ? 4.195   -15.442 3.191   1.00 43.45 ? 2211 HOH A O   1 
HETATM 1494 O O   . HOH C 3 .   ? 5.602   -15.508 0.899   1.00 51.85 ? 2212 HOH A O   1 
HETATM 1495 O O   . HOH C 3 .   ? -1.494  -11.837 0.097   1.00 24.31 ? 2213 HOH A O   1 
HETATM 1496 O O   . HOH C 3 .   ? -0.006  -16.007 -1.074  1.00 43.62 ? 2214 HOH A O   1 
HETATM 1497 O O   . HOH C 3 .   ? -7.065  -12.916 -1.994  1.00 34.33 ? 2215 HOH A O   1 
HETATM 1498 O O   . HOH C 3 .   ? -3.702  -11.240 -1.644  1.00 26.74 ? 2216 HOH A O   1 
HETATM 1499 O O   . HOH C 3 .   ? 0.181   -16.314 -12.947 1.00 40.63 ? 2217 HOH A O   1 
HETATM 1500 O O   . HOH C 3 .   ? -1.315  -17.192 -5.929  1.00 31.94 ? 2218 HOH A O   1 
HETATM 1501 O O   . HOH C 3 .   ? -3.286  -20.719 -6.745  1.00 68.48 ? 2219 HOH A O   1 
HETATM 1502 O O   . HOH C 3 .   ? 0.579   -20.401 -6.066  1.00 74.96 ? 2220 HOH A O   1 
HETATM 1503 O O   . HOH C 3 .   ? -8.579  -10.252 -5.313  1.00 32.16 ? 2221 HOH A O   1 
HETATM 1504 O O   . HOH C 3 .   ? -4.057  -16.940 -5.892  1.00 48.59 ? 2222 HOH A O   1 
HETATM 1505 O O   . HOH C 3 .   ? -4.702  -11.772 -5.966  1.00 31.95 ? 2223 HOH A O   1 
HETATM 1506 O O   . HOH C 3 .   ? -2.126  -3.274  -14.608 1.00 45.28 ? 2224 HOH A O   1 
HETATM 1507 O O   . HOH C 3 .   ? -0.253  -5.126  -15.199 1.00 56.53 ? 2225 HOH A O   1 
HETATM 1508 O O   . HOH C 3 .   ? -3.780  -6.996  -15.015 1.00 64.76 ? 2226 HOH A O   1 
HETATM 1509 O O   . HOH C 3 .   ? -6.597  -5.341  -10.056 1.00 72.61 ? 2227 HOH A O   1 
HETATM 1510 O O   . HOH C 3 .   ? 4.090   -5.923  -17.132 1.00 46.39 ? 2228 HOH A O   1 
HETATM 1511 O O   . HOH C 3 .   ? 2.014   -4.020  -15.951 1.00 59.04 ? 2229 HOH A O   1 
HETATM 1512 O O   . HOH C 3 .   ? -0.067  -7.846  -16.797 1.00 43.98 ? 2230 HOH A O   1 
HETATM 1513 O O   . HOH C 3 .   ? 8.438   -13.019 -16.597 1.00 42.66 ? 2231 HOH A O   1 
HETATM 1514 O O   . HOH C 3 .   ? 2.528   -8.201  -17.993 1.00 58.34 ? 2232 HOH A O   1 
HETATM 1515 O O   . HOH C 3 .   ? 1.840   -14.377 -19.198 1.00 56.04 ? 2233 HOH A O   1 
HETATM 1516 O O   . HOH C 3 .   ? 1.185   -14.556 -14.881 1.00 48.90 ? 2234 HOH A O   1 
HETATM 1517 O O   . HOH C 3 .   ? 12.838  -8.778  -15.007 1.00 43.36 ? 2235 HOH A O   1 
HETATM 1518 O O   . HOH C 3 .   ? 13.709  -14.043 -15.456 1.00 58.74 ? 2236 HOH A O   1 
HETATM 1519 O O   . HOH C 3 .   ? 9.666   -15.358 -16.392 1.00 55.58 ? 2237 HOH A O   1 
HETATM 1520 O O   . HOH C 3 .   ? 5.591   -13.575 -1.308  1.00 30.64 ? 2238 HOH A O   1 
HETATM 1521 O O   . HOH C 3 .   ? 3.666   -16.282 -2.748  1.00 38.27 ? 2239 HOH A O   1 
HETATM 1522 O O   . HOH C 3 .   ? 9.362   -16.060 -5.928  1.00 42.72 ? 2240 HOH A O   1 
HETATM 1523 O O   . HOH C 3 .   ? 7.840   -19.154 -7.059  1.00 50.24 ? 2241 HOH A O   1 
HETATM 1524 O O   . HOH C 3 .   ? 7.004   -17.952 -2.467  1.00 48.18 ? 2242 HOH A O   1 
HETATM 1525 O O   . HOH C 3 .   ? 14.731  -20.801 -12.204 1.00 54.56 ? 2243 HOH A O   1 
HETATM 1526 O O   . HOH C 3 .   ? 18.320  -17.415 -13.716 1.00 57.47 ? 2244 HOH A O   1 
HETATM 1527 O O   . HOH C 3 .   ? 11.933  -14.995 -4.747  1.00 46.72 ? 2245 HOH A O   1 
HETATM 1528 O O   . HOH C 3 .   ? 15.178  -19.612 -8.980  1.00 48.51 ? 2246 HOH A O   1 
HETATM 1529 O O   . HOH C 3 .   ? 19.726  -7.053  -6.693  1.00 34.23 ? 2247 HOH A O   1 
HETATM 1530 O O   . HOH C 3 .   ? 15.362  -9.182  -13.982 1.00 38.54 ? 2248 HOH A O   1 
HETATM 1531 O O   . HOH C 3 .   ? 10.667  -3.760  -5.573  1.00 23.66 ? 2249 HOH A O   1 
HETATM 1532 O O   . HOH C 3 .   ? 13.981  -11.566 0.720   1.00 47.93 ? 2250 HOH A O   1 
HETATM 1533 O O   . HOH C 3 .   ? 17.572  -2.989  -1.865  1.00 45.92 ? 2251 HOH A O   1 
HETATM 1534 O O   . HOH C 3 .   ? 14.897  -4.523  -13.972 1.00 35.57 ? 2252 HOH A O   1 
HETATM 1535 O O   . HOH C 3 .   ? 18.513  3.696   -2.526  1.00 45.66 ? 2253 HOH A O   1 
HETATM 1536 O O   . HOH C 3 .   ? 15.426  5.489   -4.385  1.00 38.71 ? 2254 HOH A O   1 
HETATM 1537 O O   . HOH C 3 .   ? 10.706  0.811   -14.868 1.00 37.03 ? 2255 HOH A O   1 
HETATM 1538 O O   . HOH C 3 .   ? 11.228  4.425   -14.360 1.00 51.90 ? 2256 HOH A O   1 
HETATM 1539 O O   . HOH C 3 .   ? 13.202  7.165   -2.591  1.00 59.83 ? 2257 HOH A O   1 
HETATM 1540 O O   . HOH C 3 .   ? 10.395  6.404   -6.978  1.00 42.48 ? 2258 HOH A O   1 
HETATM 1541 O O   . HOH C 3 .   ? 21.477  0.412   0.347   1.00 67.81 ? 2259 HOH A O   1 
HETATM 1542 O O   . HOH C 3 .   ? 18.123  -2.398  2.478   1.00 62.26 ? 2260 HOH A O   1 
# 
loop_
_pdbx_poly_seq_scheme.asym_id 
_pdbx_poly_seq_scheme.entity_id 
_pdbx_poly_seq_scheme.seq_id 
_pdbx_poly_seq_scheme.mon_id 
_pdbx_poly_seq_scheme.ndb_seq_num 
_pdbx_poly_seq_scheme.pdb_seq_num 
_pdbx_poly_seq_scheme.auth_seq_num 
_pdbx_poly_seq_scheme.pdb_mon_id 
_pdbx_poly_seq_scheme.auth_mon_id 
_pdbx_poly_seq_scheme.pdb_strand_id 
_pdbx_poly_seq_scheme.pdb_ins_code 
_pdbx_poly_seq_scheme.hetero 
A 1 1   GLY 1   -3  ?   ?   ?   A . n 
A 1 2   ALA 2   -2  ?   ?   ?   A . n 
A 1 3   MET 3   -1  ?   ?   ?   A . n 
A 1 4   ALA 4   0   0   ALA ALA A . n 
A 1 5   MET 5   1   1   MET MET A . n 
A 1 6   ALA 6   2   2   ALA ALA A . n 
A 1 7   ASN 7   3   3   ASN ASN A . n 
A 1 8   ILE 8   4   4   ILE ILE A . n 
A 1 9   ALA 9   5   5   ALA ALA A . n 
A 1 10  VAL 10  6   6   VAL VAL A . n 
A 1 11  GLN 11  7   7   GLN GLN A . n 
A 1 12  ARG 12  8   8   ARG ARG A . n 
A 1 13  ILE 13  9   9   ILE ILE A . n 
A 1 14  LYS 14  10  10  LYS LYS A . n 
A 1 15  ARG 15  11  11  ARG ARG A . n 
A 1 16  GLU 16  12  12  GLU GLU A . n 
A 1 17  PHE 17  13  13  PHE PHE A . n 
A 1 18  LYS 18  14  14  LYS LYS A . n 
A 1 19  GLU 19  15  15  GLU GLU A . n 
A 1 20  VAL 20  16  16  VAL VAL A . n 
A 1 21  LEU 21  17  17  LEU LEU A . n 
A 1 22  LYS 22  18  18  LYS LYS A . n 
A 1 23  SER 23  19  19  SER SER A . n 
A 1 24  GLU 24  20  20  GLU GLU A . n 
A 1 25  GLU 25  21  21  GLU GLU A . n 
A 1 26  THR 26  22  22  THR THR A . n 
A 1 27  SER 27  23  23  SER SER A . n 
A 1 28  LYS 28  24  24  LYS LYS A . n 
A 1 29  ASN 29  25  25  ASN ASN A . n 
A 1 30  GLN 30  26  26  GLN GLN A . n 
A 1 31  ILE 31  27  27  ILE ILE A . n 
A 1 32  LYS 32  28  28  LYS LYS A . n 
A 1 33  VAL 33  29  29  VAL VAL A . n 
A 1 34  ASP 34  30  30  ASP ASP A . n 
A 1 35  LEU 35  31  31  LEU LEU A . n 
A 1 36  VAL 36  32  32  VAL VAL A . n 
A 1 37  ASP 37  33  33  ASP ASP A . n 
A 1 38  GLU 38  34  34  GLU GLU A . n 
A 1 39  ASN 39  35  35  ASN ASN A . n 
A 1 40  PHE 40  36  36  PHE PHE A . n 
A 1 41  THR 41  37  37  THR THR A . n 
A 1 42  GLU 42  38  38  GLU GLU A . n 
A 1 43  LEU 43  39  39  LEU LEU A . n 
A 1 44  ARG 44  40  40  ARG ARG A . n 
A 1 45  GLY 45  41  41  GLY GLY A . n 
A 1 46  GLU 46  42  42  GLU GLU A . n 
A 1 47  ILE 47  43  43  ILE ILE A . n 
A 1 48  ALA 48  44  44  ALA ALA A . n 
A 1 49  GLY 49  45  45  GLY GLY A . n 
A 1 50  PRO 50  46  46  PRO PRO A . n 
A 1 51  PRO 51  47  47  PRO PRO A . n 
A 1 52  ASP 52  48  48  ASP ASP A . n 
A 1 53  THR 53  49  49  THR THR A . n 
A 1 54  PRO 54  50  50  PRO PRO A . n 
A 1 55  TYR 55  51  51  TYR TYR A . n 
A 1 56  GLU 56  52  52  GLU GLU A . n 
A 1 57  GLY 57  53  53  GLY GLY A . n 
A 1 58  GLY 58  54  54  GLY GLY A . n 
A 1 59  ARG 59  55  55  ARG ARG A . n 
A 1 60  TYR 60  56  56  TYR TYR A . n 
A 1 61  GLN 61  57  57  GLN GLN A . n 
A 1 62  LEU 62  58  58  LEU LEU A . n 
A 1 63  GLU 63  59  59  GLU GLU A . n 
A 1 64  ILE 64  60  60  ILE ILE A . n 
A 1 65  LYS 65  61  61  LYS LYS A . n 
A 1 66  ILE 66  62  62  ILE ILE A . n 
A 1 67  PRO 67  63  63  PRO PRO A . n 
A 1 68  GLU 68  64  64  GLU GLU A . n 
A 1 69  THR 69  65  65  THR THR A . n 
A 1 70  TYR 70  66  66  TYR TYR A . n 
A 1 71  PRO 71  67  67  PRO PRO A . n 
A 1 72  PHE 72  68  68  PHE PHE A . n 
A 1 73  ASN 73  69  69  ASN ASN A . n 
A 1 74  PRO 74  70  70  PRO PRO A . n 
A 1 75  PRO 75  71  71  PRO PRO A . n 
A 1 76  LYS 76  72  72  LYS LYS A . n 
A 1 77  VAL 77  73  73  VAL VAL A . n 
A 1 78  ARG 78  74  74  ARG ARG A . n 
A 1 79  PHE 79  75  75  PHE PHE A . n 
A 1 80  ILE 80  76  76  ILE ILE A . n 
A 1 81  THR 81  77  77  THR THR A . n 
A 1 82  LYS 82  78  78  LYS LYS A . n 
A 1 83  ILE 83  79  79  ILE ILE A . n 
A 1 84  TRP 84  80  80  TRP TRP A . n 
A 1 85  HIS 85  81  81  HIS HIS A . n 
A 1 86  PRO 86  82  82  PRO PRO A . n 
A 1 87  ASN 87  83  83  ASN ASN A . n 
A 1 88  ILE 88  84  84  ILE ILE A . n 
A 1 89  SER 89  85  85  SER SER A . n 
A 1 90  SER 90  86  86  SER SER A . n 
A 1 91  VAL 91  87  87  VAL VAL A . n 
A 1 92  THR 92  88  88  THR THR A . n 
A 1 93  GLY 93  89  89  GLY GLY A . n 
A 1 94  ALA 94  90  90  ALA ALA A . n 
A 1 95  ILE 95  91  91  ILE ILE A . n 
A 1 96  CYS 96  92  92  CYS CYS A . n 
A 1 97  LEU 97  93  93  LEU LEU A . n 
A 1 98  ASP 98  94  94  ASP ASP A . n 
A 1 99  ILE 99  95  95  ILE ILE A . n 
A 1 100 LEU 100 96  96  LEU LEU A . n 
A 1 101 LYS 101 97  97  LYS LYS A . n 
A 1 102 ASP 102 98  98  ASP ASP A . n 
A 1 103 GLN 103 99  99  GLN GLN A . n 
A 1 104 TRP 104 100 100 TRP TRP A . n 
A 1 105 ALA 105 101 101 ALA ALA A . n 
A 1 106 ALA 106 102 102 ALA ALA A . n 
A 1 107 ALA 107 103 103 ALA ALA A . n 
A 1 108 MET 108 104 104 MET MET A . n 
A 1 109 THR 109 105 105 THR THR A . n 
A 1 110 LEU 110 106 106 LEU LEU A . n 
A 1 111 ARG 111 107 107 ARG ARG A . n 
A 1 112 THR 112 108 108 THR THR A . n 
A 1 113 VAL 113 109 109 VAL VAL A . n 
A 1 114 LEU 114 110 110 LEU LEU A . n 
A 1 115 LEU 115 111 111 LEU LEU A . n 
A 1 116 SER 116 112 112 SER SER A . n 
A 1 117 LEU 117 113 113 LEU LEU A . n 
A 1 118 GLN 118 114 114 GLN GLN A . n 
A 1 119 ALA 119 115 115 ALA ALA A . n 
A 1 120 LEU 120 116 116 LEU LEU A . n 
A 1 121 LEU 121 117 117 LEU LEU A . n 
A 1 122 ALA 122 118 118 ALA ALA A . n 
A 1 123 ALA 123 119 119 ALA ALA A . n 
A 1 124 ALA 124 120 120 ALA ALA A . n 
A 1 125 GLU 125 121 121 GLU GLU A . n 
A 1 126 PRO 126 122 122 PRO PRO A . n 
A 1 127 ASP 127 123 123 ASP ASP A . n 
A 1 128 ASP 128 124 124 ASP ASP A . n 
A 1 129 PRO 129 125 125 PRO PRO A . n 
A 1 130 GLN 130 126 126 GLN GLN A . n 
A 1 131 ASP 131 127 127 ASP ASP A . n 
A 1 132 ALA 132 128 128 ALA ALA A . n 
A 1 133 VAL 133 129 129 VAL VAL A . n 
A 1 134 VAL 134 130 130 VAL VAL A . n 
A 1 135 ALA 135 131 131 ALA ALA A . n 
A 1 136 ASN 136 132 132 ASN ASN A . n 
A 1 137 GLN 137 133 133 GLN GLN A . n 
A 1 138 TYR 138 134 134 TYR TYR A . n 
A 1 139 LYS 139 135 135 LYS LYS A . n 
A 1 140 GLN 140 136 136 GLN GLN A . n 
A 1 141 ASN 141 137 137 ASN ASN A . n 
A 1 142 PRO 142 138 138 PRO PRO A . n 
A 1 143 GLU 143 139 139 GLU GLU A . n 
A 1 144 MET 144 140 140 MET MET A . n 
A 1 145 PHE 145 141 141 PHE PHE A . n 
A 1 146 LYS 146 142 142 LYS LYS A . n 
A 1 147 GLN 147 143 143 GLN GLN A . n 
A 1 148 THR 148 144 144 THR THR A . n 
A 1 149 ALA 149 145 145 ALA ALA A . n 
A 1 150 ARG 150 146 146 ARG ARG A . n 
A 1 151 LEU 151 147 147 LEU LEU A . n 
A 1 152 TRP 152 148 148 TRP TRP A . n 
A 1 153 ALA 153 149 149 ALA ALA A . n 
A 1 154 HIS 154 150 150 HIS HIS A . n 
A 1 155 VAL 155 151 151 VAL VAL A . n 
A 1 156 TYR 156 152 152 TYR TYR A . n 
A 1 157 ALA 157 153 153 ALA ALA A . n 
A 1 158 GLY 158 154 154 GLY GLY A . n 
A 1 159 ALA 159 155 155 ALA ALA A . n 
# 
loop_
_pdbx_nonpoly_scheme.asym_id 
_pdbx_nonpoly_scheme.entity_id 
_pdbx_nonpoly_scheme.mon_id 
_pdbx_nonpoly_scheme.ndb_seq_num 
_pdbx_nonpoly_scheme.pdb_seq_num 
_pdbx_nonpoly_scheme.auth_seq_num 
_pdbx_nonpoly_scheme.pdb_mon_id 
_pdbx_nonpoly_scheme.auth_mon_id 
_pdbx_nonpoly_scheme.pdb_strand_id 
_pdbx_nonpoly_scheme.pdb_ins_code 
B 2 BME 1   1156 1156 BME BME A . 
C 3 HOH 1   2001 2001 HOH HOH A . 
C 3 HOH 2   2002 2002 HOH HOH A . 
C 3 HOH 3   2003 2003 HOH HOH A . 
C 3 HOH 4   2004 2004 HOH HOH A . 
C 3 HOH 5   2005 2005 HOH HOH A . 
C 3 HOH 6   2006 2006 HOH HOH A . 
C 3 HOH 7   2007 2007 HOH HOH A . 
C 3 HOH 8   2008 2008 HOH HOH A . 
C 3 HOH 9   2009 2009 HOH HOH A . 
C 3 HOH 10  2010 2010 HOH HOH A . 
C 3 HOH 11  2011 2011 HOH HOH A . 
C 3 HOH 12  2012 2012 HOH HOH A . 
C 3 HOH 13  2013 2013 HOH HOH A . 
C 3 HOH 14  2014 2014 HOH HOH A . 
C 3 HOH 15  2015 2015 HOH HOH A . 
C 3 HOH 16  2016 2016 HOH HOH A . 
C 3 HOH 17  2017 2017 HOH HOH A . 
C 3 HOH 18  2018 2018 HOH HOH A . 
C 3 HOH 19  2019 2019 HOH HOH A . 
C 3 HOH 20  2020 2020 HOH HOH A . 
C 3 HOH 21  2021 2021 HOH HOH A . 
C 3 HOH 22  2022 2022 HOH HOH A . 
C 3 HOH 23  2023 2023 HOH HOH A . 
C 3 HOH 24  2024 2024 HOH HOH A . 
C 3 HOH 25  2025 2025 HOH HOH A . 
C 3 HOH 26  2026 2026 HOH HOH A . 
C 3 HOH 27  2027 2027 HOH HOH A . 
C 3 HOH 28  2028 2028 HOH HOH A . 
C 3 HOH 29  2029 2029 HOH HOH A . 
C 3 HOH 30  2030 2030 HOH HOH A . 
C 3 HOH 31  2031 2031 HOH HOH A . 
C 3 HOH 32  2032 2032 HOH HOH A . 
C 3 HOH 33  2033 2033 HOH HOH A . 
C 3 HOH 34  2034 2034 HOH HOH A . 
C 3 HOH 35  2035 2035 HOH HOH A . 
C 3 HOH 36  2036 2036 HOH HOH A . 
C 3 HOH 37  2037 2037 HOH HOH A . 
C 3 HOH 38  2038 2038 HOH HOH A . 
C 3 HOH 39  2039 2039 HOH HOH A . 
C 3 HOH 40  2040 2040 HOH HOH A . 
C 3 HOH 41  2041 2041 HOH HOH A . 
C 3 HOH 42  2042 2042 HOH HOH A . 
C 3 HOH 43  2043 2043 HOH HOH A . 
C 3 HOH 44  2044 2044 HOH HOH A . 
C 3 HOH 45  2045 2045 HOH HOH A . 
C 3 HOH 46  2046 2046 HOH HOH A . 
C 3 HOH 47  2047 2047 HOH HOH A . 
C 3 HOH 48  2048 2048 HOH HOH A . 
C 3 HOH 49  2049 2049 HOH HOH A . 
C 3 HOH 50  2050 2050 HOH HOH A . 
C 3 HOH 51  2051 2051 HOH HOH A . 
C 3 HOH 52  2052 2052 HOH HOH A . 
C 3 HOH 53  2053 2053 HOH HOH A . 
C 3 HOH 54  2054 2054 HOH HOH A . 
C 3 HOH 55  2055 2055 HOH HOH A . 
C 3 HOH 56  2056 2056 HOH HOH A . 
C 3 HOH 57  2057 2057 HOH HOH A . 
C 3 HOH 58  2058 2058 HOH HOH A . 
C 3 HOH 59  2059 2059 HOH HOH A . 
C 3 HOH 60  2060 2060 HOH HOH A . 
C 3 HOH 61  2061 2061 HOH HOH A . 
C 3 HOH 62  2062 2062 HOH HOH A . 
C 3 HOH 63  2063 2063 HOH HOH A . 
C 3 HOH 64  2064 2064 HOH HOH A . 
C 3 HOH 65  2065 2065 HOH HOH A . 
C 3 HOH 66  2066 2066 HOH HOH A . 
C 3 HOH 67  2067 2067 HOH HOH A . 
C 3 HOH 68  2068 2068 HOH HOH A . 
C 3 HOH 69  2069 2069 HOH HOH A . 
C 3 HOH 70  2070 2070 HOH HOH A . 
C 3 HOH 71  2071 2071 HOH HOH A . 
C 3 HOH 72  2072 2072 HOH HOH A . 
C 3 HOH 73  2073 2073 HOH HOH A . 
C 3 HOH 74  2074 2074 HOH HOH A . 
C 3 HOH 75  2075 2075 HOH HOH A . 
C 3 HOH 76  2076 2076 HOH HOH A . 
C 3 HOH 77  2077 2077 HOH HOH A . 
C 3 HOH 78  2078 2078 HOH HOH A . 
C 3 HOH 79  2079 2079 HOH HOH A . 
C 3 HOH 80  2080 2080 HOH HOH A . 
C 3 HOH 81  2081 2081 HOH HOH A . 
C 3 HOH 82  2082 2082 HOH HOH A . 
C 3 HOH 83  2083 2083 HOH HOH A . 
C 3 HOH 84  2084 2084 HOH HOH A . 
C 3 HOH 85  2085 2085 HOH HOH A . 
C 3 HOH 86  2086 2086 HOH HOH A . 
C 3 HOH 87  2087 2087 HOH HOH A . 
C 3 HOH 88  2088 2088 HOH HOH A . 
C 3 HOH 89  2089 2089 HOH HOH A . 
C 3 HOH 90  2090 2090 HOH HOH A . 
C 3 HOH 91  2091 2091 HOH HOH A . 
C 3 HOH 92  2092 2092 HOH HOH A . 
C 3 HOH 93  2093 2093 HOH HOH A . 
C 3 HOH 94  2094 2094 HOH HOH A . 
C 3 HOH 95  2095 2095 HOH HOH A . 
C 3 HOH 96  2096 2096 HOH HOH A . 
C 3 HOH 97  2097 2097 HOH HOH A . 
C 3 HOH 98  2098 2098 HOH HOH A . 
C 3 HOH 99  2099 2099 HOH HOH A . 
C 3 HOH 100 2100 2100 HOH HOH A . 
C 3 HOH 101 2101 2101 HOH HOH A . 
C 3 HOH 102 2102 2102 HOH HOH A . 
C 3 HOH 103 2103 2103 HOH HOH A . 
C 3 HOH 104 2104 2104 HOH HOH A . 
C 3 HOH 105 2105 2105 HOH HOH A . 
C 3 HOH 106 2106 2106 HOH HOH A . 
C 3 HOH 107 2107 2107 HOH HOH A . 
C 3 HOH 108 2108 2108 HOH HOH A . 
C 3 HOH 109 2109 2109 HOH HOH A . 
C 3 HOH 110 2110 2110 HOH HOH A . 
C 3 HOH 111 2111 2111 HOH HOH A . 
C 3 HOH 112 2112 2112 HOH HOH A . 
C 3 HOH 113 2113 2113 HOH HOH A . 
C 3 HOH 114 2114 2114 HOH HOH A . 
C 3 HOH 115 2115 2115 HOH HOH A . 
C 3 HOH 116 2116 2116 HOH HOH A . 
C 3 HOH 117 2117 2117 HOH HOH A . 
C 3 HOH 118 2118 2118 HOH HOH A . 
C 3 HOH 119 2119 2119 HOH HOH A . 
C 3 HOH 120 2120 2120 HOH HOH A . 
C 3 HOH 121 2121 2121 HOH HOH A . 
C 3 HOH 122 2122 2122 HOH HOH A . 
C 3 HOH 123 2123 2123 HOH HOH A . 
C 3 HOH 124 2124 2124 HOH HOH A . 
C 3 HOH 125 2125 2125 HOH HOH A . 
C 3 HOH 126 2126 2126 HOH HOH A . 
C 3 HOH 127 2127 2127 HOH HOH A . 
C 3 HOH 128 2128 2128 HOH HOH A . 
C 3 HOH 129 2129 2129 HOH HOH A . 
C 3 HOH 130 2130 2130 HOH HOH A . 
C 3 HOH 131 2131 2131 HOH HOH A . 
C 3 HOH 132 2132 2132 HOH HOH A . 
C 3 HOH 133 2133 2133 HOH HOH A . 
C 3 HOH 134 2134 2134 HOH HOH A . 
C 3 HOH 135 2135 2135 HOH HOH A . 
C 3 HOH 136 2136 2136 HOH HOH A . 
C 3 HOH 137 2137 2137 HOH HOH A . 
C 3 HOH 138 2138 2138 HOH HOH A . 
C 3 HOH 139 2139 2139 HOH HOH A . 
C 3 HOH 140 2140 2140 HOH HOH A . 
C 3 HOH 141 2141 2141 HOH HOH A . 
C 3 HOH 142 2142 2142 HOH HOH A . 
C 3 HOH 143 2143 2143 HOH HOH A . 
C 3 HOH 144 2144 2144 HOH HOH A . 
C 3 HOH 145 2145 2145 HOH HOH A . 
C 3 HOH 146 2146 2146 HOH HOH A . 
C 3 HOH 147 2147 2147 HOH HOH A . 
C 3 HOH 148 2148 2148 HOH HOH A . 
C 3 HOH 149 2149 2149 HOH HOH A . 
C 3 HOH 150 2150 2150 HOH HOH A . 
C 3 HOH 151 2151 2151 HOH HOH A . 
C 3 HOH 152 2152 2152 HOH HOH A . 
C 3 HOH 153 2153 2153 HOH HOH A . 
C 3 HOH 154 2154 2154 HOH HOH A . 
C 3 HOH 155 2155 2155 HOH HOH A . 
C 3 HOH 156 2156 2156 HOH HOH A . 
C 3 HOH 157 2157 2157 HOH HOH A . 
C 3 HOH 158 2158 2158 HOH HOH A . 
C 3 HOH 159 2159 2159 HOH HOH A . 
C 3 HOH 160 2160 2160 HOH HOH A . 
C 3 HOH 161 2161 2161 HOH HOH A . 
C 3 HOH 162 2162 2162 HOH HOH A . 
C 3 HOH 163 2163 2163 HOH HOH A . 
C 3 HOH 164 2164 2164 HOH HOH A . 
C 3 HOH 165 2165 2165 HOH HOH A . 
C 3 HOH 166 2166 2166 HOH HOH A . 
C 3 HOH 167 2167 2167 HOH HOH A . 
C 3 HOH 168 2168 2168 HOH HOH A . 
C 3 HOH 169 2169 2169 HOH HOH A . 
C 3 HOH 170 2170 2170 HOH HOH A . 
C 3 HOH 171 2171 2171 HOH HOH A . 
C 3 HOH 172 2172 2172 HOH HOH A . 
C 3 HOH 173 2173 2173 HOH HOH A . 
C 3 HOH 174 2174 2174 HOH HOH A . 
C 3 HOH 175 2175 2175 HOH HOH A . 
C 3 HOH 176 2176 2176 HOH HOH A . 
C 3 HOH 177 2177 2177 HOH HOH A . 
C 3 HOH 178 2178 2178 HOH HOH A . 
C 3 HOH 179 2179 2179 HOH HOH A . 
C 3 HOH 180 2180 2180 HOH HOH A . 
C 3 HOH 181 2181 2181 HOH HOH A . 
C 3 HOH 182 2182 2182 HOH HOH A . 
C 3 HOH 183 2183 2183 HOH HOH A . 
C 3 HOH 184 2184 2184 HOH HOH A . 
C 3 HOH 185 2185 2185 HOH HOH A . 
C 3 HOH 186 2186 2186 HOH HOH A . 
C 3 HOH 187 2187 2187 HOH HOH A . 
C 3 HOH 188 2188 2188 HOH HOH A . 
C 3 HOH 189 2189 2189 HOH HOH A . 
C 3 HOH 190 2190 2190 HOH HOH A . 
C 3 HOH 191 2191 2191 HOH HOH A . 
C 3 HOH 192 2192 2192 HOH HOH A . 
C 3 HOH 193 2193 2193 HOH HOH A . 
C 3 HOH 194 2194 2194 HOH HOH A . 
C 3 HOH 195 2195 2195 HOH HOH A . 
C 3 HOH 196 2196 2196 HOH HOH A . 
C 3 HOH 197 2197 2197 HOH HOH A . 
C 3 HOH 198 2198 2198 HOH HOH A . 
C 3 HOH 199 2199 2199 HOH HOH A . 
C 3 HOH 200 2200 2200 HOH HOH A . 
C 3 HOH 201 2201 2201 HOH HOH A . 
C 3 HOH 202 2202 2202 HOH HOH A . 
C 3 HOH 203 2203 2203 HOH HOH A . 
C 3 HOH 204 2204 2204 HOH HOH A . 
C 3 HOH 205 2205 2205 HOH HOH A . 
C 3 HOH 206 2206 2206 HOH HOH A . 
C 3 HOH 207 2207 2207 HOH HOH A . 
C 3 HOH 208 2208 2208 HOH HOH A . 
C 3 HOH 209 2209 2209 HOH HOH A . 
C 3 HOH 210 2210 2210 HOH HOH A . 
C 3 HOH 211 2211 2211 HOH HOH A . 
C 3 HOH 212 2212 2212 HOH HOH A . 
C 3 HOH 213 2213 2213 HOH HOH A . 
C 3 HOH 214 2214 2214 HOH HOH A . 
C 3 HOH 215 2215 2215 HOH HOH A . 
C 3 HOH 216 2216 2216 HOH HOH A . 
C 3 HOH 217 2217 2217 HOH HOH A . 
C 3 HOH 218 2218 2218 HOH HOH A . 
C 3 HOH 219 2219 2219 HOH HOH A . 
C 3 HOH 220 2220 2220 HOH HOH A . 
C 3 HOH 221 2221 2221 HOH HOH A . 
C 3 HOH 222 2222 2222 HOH HOH A . 
C 3 HOH 223 2223 2223 HOH HOH A . 
C 3 HOH 224 2224 2224 HOH HOH A . 
C 3 HOH 225 2225 2225 HOH HOH A . 
C 3 HOH 226 2226 2226 HOH HOH A . 
C 3 HOH 227 2227 2227 HOH HOH A . 
C 3 HOH 228 2228 2228 HOH HOH A . 
C 3 HOH 229 2229 2229 HOH HOH A . 
C 3 HOH 230 2230 2230 HOH HOH A . 
C 3 HOH 231 2231 2231 HOH HOH A . 
C 3 HOH 232 2232 2232 HOH HOH A . 
C 3 HOH 233 2233 2233 HOH HOH A . 
C 3 HOH 234 2234 2234 HOH HOH A . 
C 3 HOH 235 2235 2235 HOH HOH A . 
C 3 HOH 236 2236 2236 HOH HOH A . 
C 3 HOH 237 2237 2237 HOH HOH A . 
C 3 HOH 238 2238 2238 HOH HOH A . 
C 3 HOH 239 2239 2239 HOH HOH A . 
C 3 HOH 240 2240 2240 HOH HOH A . 
C 3 HOH 241 2241 2241 HOH HOH A . 
C 3 HOH 242 2242 2242 HOH HOH A . 
C 3 HOH 243 2243 2243 HOH HOH A . 
C 3 HOH 244 2244 2244 HOH HOH A . 
C 3 HOH 245 2245 2245 HOH HOH A . 
C 3 HOH 246 2246 2246 HOH HOH A . 
C 3 HOH 247 2247 2247 HOH HOH A . 
C 3 HOH 248 2248 2248 HOH HOH A . 
C 3 HOH 249 2249 2249 HOH HOH A . 
C 3 HOH 250 2250 2250 HOH HOH A . 
C 3 HOH 251 2251 2251 HOH HOH A . 
C 3 HOH 252 2252 2252 HOH HOH A . 
C 3 HOH 253 2253 2253 HOH HOH A . 
C 3 HOH 254 2254 2254 HOH HOH A . 
C 3 HOH 255 2255 2255 HOH HOH A . 
C 3 HOH 256 2256 2256 HOH HOH A . 
C 3 HOH 257 2257 2257 HOH HOH A . 
C 3 HOH 258 2258 2258 HOH HOH A . 
C 3 HOH 259 2259 2259 HOH HOH A . 
C 3 HOH 260 2260 2260 HOH HOH A . 
# 
_pdbx_struct_assembly.id                   1 
_pdbx_struct_assembly.details              author_and_software_defined_assembly 
_pdbx_struct_assembly.method_details       PQS 
_pdbx_struct_assembly.oligomeric_details   monomeric 
_pdbx_struct_assembly.oligomeric_count     1 
# 
_pdbx_struct_assembly_gen.assembly_id       1 
_pdbx_struct_assembly_gen.oper_expression   1 
_pdbx_struct_assembly_gen.asym_id_list      A,B,C 
# 
_pdbx_struct_oper_list.id                   1 
_pdbx_struct_oper_list.type                 'identity operation' 
_pdbx_struct_oper_list.name                 1_555 
_pdbx_struct_oper_list.symmetry_operation   x,y,z 
_pdbx_struct_oper_list.matrix[1][1]         1.0000000000 
_pdbx_struct_oper_list.matrix[1][2]         0.0000000000 
_pdbx_struct_oper_list.matrix[1][3]         0.0000000000 
_pdbx_struct_oper_list.vector[1]            0.0000000000 
_pdbx_struct_oper_list.matrix[2][1]         0.0000000000 
_pdbx_struct_oper_list.matrix[2][2]         1.0000000000 
_pdbx_struct_oper_list.matrix[2][3]         0.0000000000 
_pdbx_struct_oper_list.vector[2]            0.0000000000 
_pdbx_struct_oper_list.matrix[3][1]         0.0000000000 
_pdbx_struct_oper_list.matrix[3][2]         0.0000000000 
_pdbx_struct_oper_list.matrix[3][3]         1.0000000000 
_pdbx_struct_oper_list.vector[3]            0.0000000000 
# 
loop_
_pdbx_audit_revision_history.ordinal 
_pdbx_audit_revision_history.data_content_type 
_pdbx_audit_revision_history.major_revision 
_pdbx_audit_revision_history.minor_revision 
_pdbx_audit_revision_history.revision_date 
1 'Structure model' 1 0 2005-02-16 
2 'Structure model' 1 1 2011-07-13 
3 'Structure model' 1 2 2023-12-13 
# 
_pdbx_audit_revision_details.ordinal             1 
_pdbx_audit_revision_details.revision_ordinal    1 
_pdbx_audit_revision_details.data_content_type   'Structure model' 
_pdbx_audit_revision_details.provider            repository 
_pdbx_audit_revision_details.type                'Initial release' 
_pdbx_audit_revision_details.description         ? 
_pdbx_audit_revision_details.details             ? 
# 
loop_
_pdbx_audit_revision_group.ordinal 
_pdbx_audit_revision_group.revision_ordinal 
_pdbx_audit_revision_group.data_content_type 
_pdbx_audit_revision_group.group 
1 2 'Structure model' Advisory                    
2 2 'Structure model' 'Version format compliance' 
3 3 'Structure model' 'Data collection'           
4 3 'Structure model' 'Database references'       
5 3 'Structure model' 'Derived calculations'      
6 3 'Structure model' Other                       
7 3 'Structure model' 'Refinement description'    
# 
loop_
_pdbx_audit_revision_category.ordinal 
_pdbx_audit_revision_category.revision_ordinal 
_pdbx_audit_revision_category.data_content_type 
_pdbx_audit_revision_category.category 
1 3 'Structure model' chem_comp_atom                
2 3 'Structure model' chem_comp_bond                
3 3 'Structure model' database_2                    
4 3 'Structure model' pdbx_database_status          
5 3 'Structure model' pdbx_initial_refinement_model 
6 3 'Structure model' struct_conn                   
# 
loop_
_pdbx_audit_revision_item.ordinal 
_pdbx_audit_revision_item.revision_ordinal 
_pdbx_audit_revision_item.data_content_type 
_pdbx_audit_revision_item.item 
1 3 'Structure model' '_database_2.pdbx_DOI'                 
2 3 'Structure model' '_database_2.pdbx_database_accession'  
3 3 'Structure model' '_pdbx_database_status.status_code_sf' 
4 3 'Structure model' '_struct_conn.pdbx_leaving_atom_flag'  
# 
_pdbx_refine_tls.pdbx_refine_id   'X-RAY DIFFRACTION' 
_pdbx_refine_tls.id               1 
_pdbx_refine_tls.details          ? 
_pdbx_refine_tls.method           refined 
_pdbx_refine_tls.origin_x         -0.6124 
_pdbx_refine_tls.origin_y         0.3813 
_pdbx_refine_tls.origin_z         0.1892 
_pdbx_refine_tls.T[1][1]          -0.1966 
_pdbx_refine_tls.T[2][2]          -0.1451 
_pdbx_refine_tls.T[3][3]          -0.1699 
_pdbx_refine_tls.T[1][2]          -0.0159 
_pdbx_refine_tls.T[1][3]          0.0072 
_pdbx_refine_tls.T[2][3]          0.0304 
_pdbx_refine_tls.L[1][1]          4.3485 
_pdbx_refine_tls.L[2][2]          2.8378 
_pdbx_refine_tls.L[3][3]          2.3572 
_pdbx_refine_tls.L[1][2]          -1.1327 
_pdbx_refine_tls.L[1][3]          -1.1681 
_pdbx_refine_tls.L[2][3]          0.5244 
_pdbx_refine_tls.S[1][1]          -0.0048 
_pdbx_refine_tls.S[1][2]          0.0775 
_pdbx_refine_tls.S[1][3]          0.0955 
_pdbx_refine_tls.S[2][1]          -0.1934 
_pdbx_refine_tls.S[2][2]          -0.0404 
_pdbx_refine_tls.S[2][3]          -0.3998 
_pdbx_refine_tls.S[3][1]          -0.0379 
_pdbx_refine_tls.S[3][2]          0.2748 
_pdbx_refine_tls.S[3][3]          0.0452 
# 
_pdbx_refine_tls_group.pdbx_refine_id      'X-RAY DIFFRACTION' 
_pdbx_refine_tls_group.id                  1 
_pdbx_refine_tls_group.refine_tls_id       1 
_pdbx_refine_tls_group.beg_auth_asym_id    A 
_pdbx_refine_tls_group.beg_auth_seq_id     0 
_pdbx_refine_tls_group.beg_label_asym_id   ? 
_pdbx_refine_tls_group.beg_label_seq_id    ? 
_pdbx_refine_tls_group.end_auth_asym_id    A 
_pdbx_refine_tls_group.end_auth_seq_id     155 
_pdbx_refine_tls_group.end_label_asym_id   ? 
_pdbx_refine_tls_group.end_label_seq_id    ? 
_pdbx_refine_tls_group.selection           ? 
_pdbx_refine_tls_group.selection_details   ? 
# 
loop_
_software.name 
_software.classification 
_software.version 
_software.citation_id 
_software.pdbx_ordinal 
REFMAC refinement       5.2.0005 ? 1 
MOSFLM 'data reduction' .        ? 2 
SCALA  'data scaling'   .        ? 3 
AMoRE  phasing          .        ? 4 
# 
_pdbx_entry_details.entry_id                 2BEP 
_pdbx_entry_details.compound_details         
;ATP + UBIQUITIN + PROTEIN LYSINE = AMP + DIPHOSPHATE +
  PROTEIN N-UBIQUITYLLYSINE.
;
_pdbx_entry_details.source_details           ? 
_pdbx_entry_details.nonpolymer_details       ? 
_pdbx_entry_details.sequence_details         ? 
_pdbx_entry_details.has_ligand_of_interest   ? 
# 
_pdbx_validate_close_contact.id               1 
_pdbx_validate_close_contact.PDB_model_num    1 
_pdbx_validate_close_contact.auth_atom_id_1   OD2 
_pdbx_validate_close_contact.auth_asym_id_1   A 
_pdbx_validate_close_contact.auth_comp_id_1   ASP 
_pdbx_validate_close_contact.auth_seq_id_1    124 
_pdbx_validate_close_contact.PDB_ins_code_1   ? 
_pdbx_validate_close_contact.label_alt_id_1   A 
_pdbx_validate_close_contact.auth_atom_id_2   O1 
_pdbx_validate_close_contact.auth_asym_id_2   A 
_pdbx_validate_close_contact.auth_comp_id_2   BME 
_pdbx_validate_close_contact.auth_seq_id_2    1156 
_pdbx_validate_close_contact.PDB_ins_code_2   ? 
_pdbx_validate_close_contact.label_alt_id_2   ? 
_pdbx_validate_close_contact.dist             2.17 
# 
_pdbx_validate_rmsd_angle.id                         1 
_pdbx_validate_rmsd_angle.PDB_model_num              1 
_pdbx_validate_rmsd_angle.auth_atom_id_1             CB 
_pdbx_validate_rmsd_angle.auth_asym_id_1             A 
_pdbx_validate_rmsd_angle.auth_comp_id_1             ASP 
_pdbx_validate_rmsd_angle.auth_seq_id_1              33 
_pdbx_validate_rmsd_angle.PDB_ins_code_1             ? 
_pdbx_validate_rmsd_angle.label_alt_id_1             ? 
_pdbx_validate_rmsd_angle.auth_atom_id_2             CG 
_pdbx_validate_rmsd_angle.auth_asym_id_2             A 
_pdbx_validate_rmsd_angle.auth_comp_id_2             ASP 
_pdbx_validate_rmsd_angle.auth_seq_id_2              33 
_pdbx_validate_rmsd_angle.PDB_ins_code_2             ? 
_pdbx_validate_rmsd_angle.label_alt_id_2             ? 
_pdbx_validate_rmsd_angle.auth_atom_id_3             OD1 
_pdbx_validate_rmsd_angle.auth_asym_id_3             A 
_pdbx_validate_rmsd_angle.auth_comp_id_3             ASP 
_pdbx_validate_rmsd_angle.auth_seq_id_3              33 
_pdbx_validate_rmsd_angle.PDB_ins_code_3             ? 
_pdbx_validate_rmsd_angle.label_alt_id_3             ? 
_pdbx_validate_rmsd_angle.angle_value                124.73 
_pdbx_validate_rmsd_angle.angle_target_value         118.30 
_pdbx_validate_rmsd_angle.angle_deviation            6.43 
_pdbx_validate_rmsd_angle.angle_standard_deviation   0.90 
_pdbx_validate_rmsd_angle.linker_flag                N 
# 
loop_
_pdbx_validate_torsion.id 
_pdbx_validate_torsion.PDB_model_num 
_pdbx_validate_torsion.auth_comp_id 
_pdbx_validate_torsion.auth_asym_id 
_pdbx_validate_torsion.auth_seq_id 
_pdbx_validate_torsion.PDB_ins_code 
_pdbx_validate_torsion.label_alt_id 
_pdbx_validate_torsion.phi 
_pdbx_validate_torsion.psi 
1 1 VAL A 32  ? ? -124.57 -61.17  
2 1 ASN A 35  ? ? -115.87 -162.35 
3 1 LYS A 97  ? ? -134.34 -104.30 
4 1 ALA A 119 ? ? -152.42 75.34   
# 
loop_
_pdbx_distant_solvent_atoms.id 
_pdbx_distant_solvent_atoms.PDB_model_num 
_pdbx_distant_solvent_atoms.auth_atom_id 
_pdbx_distant_solvent_atoms.label_alt_id 
_pdbx_distant_solvent_atoms.auth_asym_id 
_pdbx_distant_solvent_atoms.auth_comp_id 
_pdbx_distant_solvent_atoms.auth_seq_id 
_pdbx_distant_solvent_atoms.PDB_ins_code 
_pdbx_distant_solvent_atoms.neighbor_macromolecule_distance 
_pdbx_distant_solvent_atoms.neighbor_ligand_distance 
1 1 O ? A HOH 2025 ? 6.56 . 
2 1 O ? A HOH 2048 ? 7.45 . 
3 1 O ? A HOH 2099 ? 5.94 . 
4 1 O ? A HOH 2111 ? 6.32 . 
# 
loop_
_pdbx_unobs_or_zero_occ_residues.id 
_pdbx_unobs_or_zero_occ_residues.PDB_model_num 
_pdbx_unobs_or_zero_occ_residues.polymer_flag 
_pdbx_unobs_or_zero_occ_residues.occupancy_flag 
_pdbx_unobs_or_zero_occ_residues.auth_asym_id 
_pdbx_unobs_or_zero_occ_residues.auth_comp_id 
_pdbx_unobs_or_zero_occ_residues.auth_seq_id 
_pdbx_unobs_or_zero_occ_residues.PDB_ins_code 
_pdbx_unobs_or_zero_occ_residues.label_asym_id 
_pdbx_unobs_or_zero_occ_residues.label_comp_id 
_pdbx_unobs_or_zero_occ_residues.label_seq_id 
1 1 Y 1 A GLY -3 ? A GLY 1 
2 1 Y 1 A ALA -2 ? A ALA 2 
3 1 Y 1 A MET -1 ? A MET 3 
# 
loop_
_chem_comp_atom.comp_id 
_chem_comp_atom.atom_id 
_chem_comp_atom.type_symbol 
_chem_comp_atom.pdbx_aromatic_flag 
_chem_comp_atom.pdbx_stereo_config 
_chem_comp_atom.pdbx_ordinal 
ALA N    N N N 1   
ALA CA   C N S 2   
ALA C    C N N 3   
ALA O    O N N 4   
ALA CB   C N N 5   
ALA OXT  O N N 6   
ALA H    H N N 7   
ALA H2   H N N 8   
ALA HA   H N N 9   
ALA HB1  H N N 10  
ALA HB2  H N N 11  
ALA HB3  H N N 12  
ALA HXT  H N N 13  
ARG N    N N N 14  
ARG CA   C N S 15  
ARG C    C N N 16  
ARG O    O N N 17  
ARG CB   C N N 18  
ARG CG   C N N 19  
ARG CD   C N N 20  
ARG NE   N N N 21  
ARG CZ   C N N 22  
ARG NH1  N N N 23  
ARG NH2  N N N 24  
ARG OXT  O N N 25  
ARG H    H N N 26  
ARG H2   H N N 27  
ARG HA   H N N 28  
ARG HB2  H N N 29  
ARG HB3  H N N 30  
ARG HG2  H N N 31  
ARG HG3  H N N 32  
ARG HD2  H N N 33  
ARG HD3  H N N 34  
ARG HE   H N N 35  
ARG HH11 H N N 36  
ARG HH12 H N N 37  
ARG HH21 H N N 38  
ARG HH22 H N N 39  
ARG HXT  H N N 40  
ASN N    N N N 41  
ASN CA   C N S 42  
ASN C    C N N 43  
ASN O    O N N 44  
ASN CB   C N N 45  
ASN CG   C N N 46  
ASN OD1  O N N 47  
ASN ND2  N N N 48  
ASN OXT  O N N 49  
ASN H    H N N 50  
ASN H2   H N N 51  
ASN HA   H N N 52  
ASN HB2  H N N 53  
ASN HB3  H N N 54  
ASN HD21 H N N 55  
ASN HD22 H N N 56  
ASN HXT  H N N 57  
ASP N    N N N 58  
ASP CA   C N S 59  
ASP C    C N N 60  
ASP O    O N N 61  
ASP CB   C N N 62  
ASP CG   C N N 63  
ASP OD1  O N N 64  
ASP OD2  O N N 65  
ASP OXT  O N N 66  
ASP H    H N N 67  
ASP H2   H N N 68  
ASP HA   H N N 69  
ASP HB2  H N N 70  
ASP HB3  H N N 71  
ASP HD2  H N N 72  
ASP HXT  H N N 73  
BME C1   C N N 74  
BME C2   C N N 75  
BME O1   O N N 76  
BME S2   S N N 77  
BME H11  H N N 78  
BME H12  H N N 79  
BME H21  H N N 80  
BME H22  H N N 81  
BME HO1  H N N 82  
BME HS2  H N N 83  
CYS N    N N N 84  
CYS CA   C N R 85  
CYS C    C N N 86  
CYS O    O N N 87  
CYS CB   C N N 88  
CYS SG   S N N 89  
CYS OXT  O N N 90  
CYS H    H N N 91  
CYS H2   H N N 92  
CYS HA   H N N 93  
CYS HB2  H N N 94  
CYS HB3  H N N 95  
CYS HG   H N N 96  
CYS HXT  H N N 97  
GLN N    N N N 98  
GLN CA   C N S 99  
GLN C    C N N 100 
GLN O    O N N 101 
GLN CB   C N N 102 
GLN CG   C N N 103 
GLN CD   C N N 104 
GLN OE1  O N N 105 
GLN NE2  N N N 106 
GLN OXT  O N N 107 
GLN H    H N N 108 
GLN H2   H N N 109 
GLN HA   H N N 110 
GLN HB2  H N N 111 
GLN HB3  H N N 112 
GLN HG2  H N N 113 
GLN HG3  H N N 114 
GLN HE21 H N N 115 
GLN HE22 H N N 116 
GLN HXT  H N N 117 
GLU N    N N N 118 
GLU CA   C N S 119 
GLU C    C N N 120 
GLU O    O N N 121 
GLU CB   C N N 122 
GLU CG   C N N 123 
GLU CD   C N N 124 
GLU OE1  O N N 125 
GLU OE2  O N N 126 
GLU OXT  O N N 127 
GLU H    H N N 128 
GLU H2   H N N 129 
GLU HA   H N N 130 
GLU HB2  H N N 131 
GLU HB3  H N N 132 
GLU HG2  H N N 133 
GLU HG3  H N N 134 
GLU HE2  H N N 135 
GLU HXT  H N N 136 
GLY N    N N N 137 
GLY CA   C N N 138 
GLY C    C N N 139 
GLY O    O N N 140 
GLY OXT  O N N 141 
GLY H    H N N 142 
GLY H2   H N N 143 
GLY HA2  H N N 144 
GLY HA3  H N N 145 
GLY HXT  H N N 146 
HIS N    N N N 147 
HIS CA   C N S 148 
HIS C    C N N 149 
HIS O    O N N 150 
HIS CB   C N N 151 
HIS CG   C Y N 152 
HIS ND1  N Y N 153 
HIS CD2  C Y N 154 
HIS CE1  C Y N 155 
HIS NE2  N Y N 156 
HIS OXT  O N N 157 
HIS H    H N N 158 
HIS H2   H N N 159 
HIS HA   H N N 160 
HIS HB2  H N N 161 
HIS HB3  H N N 162 
HIS HD1  H N N 163 
HIS HD2  H N N 164 
HIS HE1  H N N 165 
HIS HE2  H N N 166 
HIS HXT  H N N 167 
HOH O    O N N 168 
HOH H1   H N N 169 
HOH H2   H N N 170 
ILE N    N N N 171 
ILE CA   C N S 172 
ILE C    C N N 173 
ILE O    O N N 174 
ILE CB   C N S 175 
ILE CG1  C N N 176 
ILE CG2  C N N 177 
ILE CD1  C N N 178 
ILE OXT  O N N 179 
ILE H    H N N 180 
ILE H2   H N N 181 
ILE HA   H N N 182 
ILE HB   H N N 183 
ILE HG12 H N N 184 
ILE HG13 H N N 185 
ILE HG21 H N N 186 
ILE HG22 H N N 187 
ILE HG23 H N N 188 
ILE HD11 H N N 189 
ILE HD12 H N N 190 
ILE HD13 H N N 191 
ILE HXT  H N N 192 
LEU N    N N N 193 
LEU CA   C N S 194 
LEU C    C N N 195 
LEU O    O N N 196 
LEU CB   C N N 197 
LEU CG   C N N 198 
LEU CD1  C N N 199 
LEU CD2  C N N 200 
LEU OXT  O N N 201 
LEU H    H N N 202 
LEU H2   H N N 203 
LEU HA   H N N 204 
LEU HB2  H N N 205 
LEU HB3  H N N 206 
LEU HG   H N N 207 
LEU HD11 H N N 208 
LEU HD12 H N N 209 
LEU HD13 H N N 210 
LEU HD21 H N N 211 
LEU HD22 H N N 212 
LEU HD23 H N N 213 
LEU HXT  H N N 214 
LYS N    N N N 215 
LYS CA   C N S 216 
LYS C    C N N 217 
LYS O    O N N 218 
LYS CB   C N N 219 
LYS CG   C N N 220 
LYS CD   C N N 221 
LYS CE   C N N 222 
LYS NZ   N N N 223 
LYS OXT  O N N 224 
LYS H    H N N 225 
LYS H2   H N N 226 
LYS HA   H N N 227 
LYS HB2  H N N 228 
LYS HB3  H N N 229 
LYS HG2  H N N 230 
LYS HG3  H N N 231 
LYS HD2  H N N 232 
LYS HD3  H N N 233 
LYS HE2  H N N 234 
LYS HE3  H N N 235 
LYS HZ1  H N N 236 
LYS HZ2  H N N 237 
LYS HZ3  H N N 238 
LYS HXT  H N N 239 
MET N    N N N 240 
MET CA   C N S 241 
MET C    C N N 242 
MET O    O N N 243 
MET CB   C N N 244 
MET CG   C N N 245 
MET SD   S N N 246 
MET CE   C N N 247 
MET OXT  O N N 248 
MET H    H N N 249 
MET H2   H N N 250 
MET HA   H N N 251 
MET HB2  H N N 252 
MET HB3  H N N 253 
MET HG2  H N N 254 
MET HG3  H N N 255 
MET HE1  H N N 256 
MET HE2  H N N 257 
MET HE3  H N N 258 
MET HXT  H N N 259 
PHE N    N N N 260 
PHE CA   C N S 261 
PHE C    C N N 262 
PHE O    O N N 263 
PHE CB   C N N 264 
PHE CG   C Y N 265 
PHE CD1  C Y N 266 
PHE CD2  C Y N 267 
PHE CE1  C Y N 268 
PHE CE2  C Y N 269 
PHE CZ   C Y N 270 
PHE OXT  O N N 271 
PHE H    H N N 272 
PHE H2   H N N 273 
PHE HA   H N N 274 
PHE HB2  H N N 275 
PHE HB3  H N N 276 
PHE HD1  H N N 277 
PHE HD2  H N N 278 
PHE HE1  H N N 279 
PHE HE2  H N N 280 
PHE HZ   H N N 281 
PHE HXT  H N N 282 
PRO N    N N N 283 
PRO CA   C N S 284 
PRO C    C N N 285 
PRO O    O N N 286 
PRO CB   C N N 287 
PRO CG   C N N 288 
PRO CD   C N N 289 
PRO OXT  O N N 290 
PRO H    H N N 291 
PRO HA   H N N 292 
PRO HB2  H N N 293 
PRO HB3  H N N 294 
PRO HG2  H N N 295 
PRO HG3  H N N 296 
PRO HD2  H N N 297 
PRO HD3  H N N 298 
PRO HXT  H N N 299 
SER N    N N N 300 
SER CA   C N S 301 
SER C    C N N 302 
SER O    O N N 303 
SER CB   C N N 304 
SER OG   O N N 305 
SER OXT  O N N 306 
SER H    H N N 307 
SER H2   H N N 308 
SER HA   H N N 309 
SER HB2  H N N 310 
SER HB3  H N N 311 
SER HG   H N N 312 
SER HXT  H N N 313 
THR N    N N N 314 
THR CA   C N S 315 
THR C    C N N 316 
THR O    O N N 317 
THR CB   C N R 318 
THR OG1  O N N 319 
THR CG2  C N N 320 
THR OXT  O N N 321 
THR H    H N N 322 
THR H2   H N N 323 
THR HA   H N N 324 
THR HB   H N N 325 
THR HG1  H N N 326 
THR HG21 H N N 327 
THR HG22 H N N 328 
THR HG23 H N N 329 
THR HXT  H N N 330 
TRP N    N N N 331 
TRP CA   C N S 332 
TRP C    C N N 333 
TRP O    O N N 334 
TRP CB   C N N 335 
TRP CG   C Y N 336 
TRP CD1  C Y N 337 
TRP CD2  C Y N 338 
TRP NE1  N Y N 339 
TRP CE2  C Y N 340 
TRP CE3  C Y N 341 
TRP CZ2  C Y N 342 
TRP CZ3  C Y N 343 
TRP CH2  C Y N 344 
TRP OXT  O N N 345 
TRP H    H N N 346 
TRP H2   H N N 347 
TRP HA   H N N 348 
TRP HB2  H N N 349 
TRP HB3  H N N 350 
TRP HD1  H N N 351 
TRP HE1  H N N 352 
TRP HE3  H N N 353 
TRP HZ2  H N N 354 
TRP HZ3  H N N 355 
TRP HH2  H N N 356 
TRP HXT  H N N 357 
TYR N    N N N 358 
TYR CA   C N S 359 
TYR C    C N N 360 
TYR O    O N N 361 
TYR CB   C N N 362 
TYR CG   C Y N 363 
TYR CD1  C Y N 364 
TYR CD2  C Y N 365 
TYR CE1  C Y N 366 
TYR CE2  C Y N 367 
TYR CZ   C Y N 368 
TYR OH   O N N 369 
TYR OXT  O N N 370 
TYR H    H N N 371 
TYR H2   H N N 372 
TYR HA   H N N 373 
TYR HB2  H N N 374 
TYR HB3  H N N 375 
TYR HD1  H N N 376 
TYR HD2  H N N 377 
TYR HE1  H N N 378 
TYR HE2  H N N 379 
TYR HH   H N N 380 
TYR HXT  H N N 381 
VAL N    N N N 382 
VAL CA   C N S 383 
VAL C    C N N 384 
VAL O    O N N 385 
VAL CB   C N N 386 
VAL CG1  C N N 387 
VAL CG2  C N N 388 
VAL OXT  O N N 389 
VAL H    H N N 390 
VAL H2   H N N 391 
VAL HA   H N N 392 
VAL HB   H N N 393 
VAL HG11 H N N 394 
VAL HG12 H N N 395 
VAL HG13 H N N 396 
VAL HG21 H N N 397 
VAL HG22 H N N 398 
VAL HG23 H N N 399 
VAL HXT  H N N 400 
# 
loop_
_chem_comp_bond.comp_id 
_chem_comp_bond.atom_id_1 
_chem_comp_bond.atom_id_2 
_chem_comp_bond.value_order 
_chem_comp_bond.pdbx_aromatic_flag 
_chem_comp_bond.pdbx_stereo_config 
_chem_comp_bond.pdbx_ordinal 
ALA N   CA   sing N N 1   
ALA N   H    sing N N 2   
ALA N   H2   sing N N 3   
ALA CA  C    sing N N 4   
ALA CA  CB   sing N N 5   
ALA CA  HA   sing N N 6   
ALA C   O    doub N N 7   
ALA C   OXT  sing N N 8   
ALA CB  HB1  sing N N 9   
ALA CB  HB2  sing N N 10  
ALA CB  HB3  sing N N 11  
ALA OXT HXT  sing N N 12  
ARG N   CA   sing N N 13  
ARG N   H    sing N N 14  
ARG N   H2   sing N N 15  
ARG CA  C    sing N N 16  
ARG CA  CB   sing N N 17  
ARG CA  HA   sing N N 18  
ARG C   O    doub N N 19  
ARG C   OXT  sing N N 20  
ARG CB  CG   sing N N 21  
ARG CB  HB2  sing N N 22  
ARG CB  HB3  sing N N 23  
ARG CG  CD   sing N N 24  
ARG CG  HG2  sing N N 25  
ARG CG  HG3  sing N N 26  
ARG CD  NE   sing N N 27  
ARG CD  HD2  sing N N 28  
ARG CD  HD3  sing N N 29  
ARG NE  CZ   sing N N 30  
ARG NE  HE   sing N N 31  
ARG CZ  NH1  sing N N 32  
ARG CZ  NH2  doub N N 33  
ARG NH1 HH11 sing N N 34  
ARG NH1 HH12 sing N N 35  
ARG NH2 HH21 sing N N 36  
ARG NH2 HH22 sing N N 37  
ARG OXT HXT  sing N N 38  
ASN N   CA   sing N N 39  
ASN N   H    sing N N 40  
ASN N   H2   sing N N 41  
ASN CA  C    sing N N 42  
ASN CA  CB   sing N N 43  
ASN CA  HA   sing N N 44  
ASN C   O    doub N N 45  
ASN C   OXT  sing N N 46  
ASN CB  CG   sing N N 47  
ASN CB  HB2  sing N N 48  
ASN CB  HB3  sing N N 49  
ASN CG  OD1  doub N N 50  
ASN CG  ND2  sing N N 51  
ASN ND2 HD21 sing N N 52  
ASN ND2 HD22 sing N N 53  
ASN OXT HXT  sing N N 54  
ASP N   CA   sing N N 55  
ASP N   H    sing N N 56  
ASP N   H2   sing N N 57  
ASP CA  C    sing N N 58  
ASP CA  CB   sing N N 59  
ASP CA  HA   sing N N 60  
ASP C   O    doub N N 61  
ASP C   OXT  sing N N 62  
ASP CB  CG   sing N N 63  
ASP CB  HB2  sing N N 64  
ASP CB  HB3  sing N N 65  
ASP CG  OD1  doub N N 66  
ASP CG  OD2  sing N N 67  
ASP OD2 HD2  sing N N 68  
ASP OXT HXT  sing N N 69  
BME C1  C2   sing N N 70  
BME C1  O1   sing N N 71  
BME C1  H11  sing N N 72  
BME C1  H12  sing N N 73  
BME C2  S2   sing N N 74  
BME C2  H21  sing N N 75  
BME C2  H22  sing N N 76  
BME O1  HO1  sing N N 77  
BME S2  HS2  sing N N 78  
CYS N   CA   sing N N 79  
CYS N   H    sing N N 80  
CYS N   H2   sing N N 81  
CYS CA  C    sing N N 82  
CYS CA  CB   sing N N 83  
CYS CA  HA   sing N N 84  
CYS C   O    doub N N 85  
CYS C   OXT  sing N N 86  
CYS CB  SG   sing N N 87  
CYS CB  HB2  sing N N 88  
CYS CB  HB3  sing N N 89  
CYS SG  HG   sing N N 90  
CYS OXT HXT  sing N N 91  
GLN N   CA   sing N N 92  
GLN N   H    sing N N 93  
GLN N   H2   sing N N 94  
GLN CA  C    sing N N 95  
GLN CA  CB   sing N N 96  
GLN CA  HA   sing N N 97  
GLN C   O    doub N N 98  
GLN C   OXT  sing N N 99  
GLN CB  CG   sing N N 100 
GLN CB  HB2  sing N N 101 
GLN CB  HB3  sing N N 102 
GLN CG  CD   sing N N 103 
GLN CG  HG2  sing N N 104 
GLN CG  HG3  sing N N 105 
GLN CD  OE1  doub N N 106 
GLN CD  NE2  sing N N 107 
GLN NE2 HE21 sing N N 108 
GLN NE2 HE22 sing N N 109 
GLN OXT HXT  sing N N 110 
GLU N   CA   sing N N 111 
GLU N   H    sing N N 112 
GLU N   H2   sing N N 113 
GLU CA  C    sing N N 114 
GLU CA  CB   sing N N 115 
GLU CA  HA   sing N N 116 
GLU C   O    doub N N 117 
GLU C   OXT  sing N N 118 
GLU CB  CG   sing N N 119 
GLU CB  HB2  sing N N 120 
GLU CB  HB3  sing N N 121 
GLU CG  CD   sing N N 122 
GLU CG  HG2  sing N N 123 
GLU CG  HG3  sing N N 124 
GLU CD  OE1  doub N N 125 
GLU CD  OE2  sing N N 126 
GLU OE2 HE2  sing N N 127 
GLU OXT HXT  sing N N 128 
GLY N   CA   sing N N 129 
GLY N   H    sing N N 130 
GLY N   H2   sing N N 131 
GLY CA  C    sing N N 132 
GLY CA  HA2  sing N N 133 
GLY CA  HA3  sing N N 134 
GLY C   O    doub N N 135 
GLY C   OXT  sing N N 136 
GLY OXT HXT  sing N N 137 
HIS N   CA   sing N N 138 
HIS N   H    sing N N 139 
HIS N   H2   sing N N 140 
HIS CA  C    sing N N 141 
HIS CA  CB   sing N N 142 
HIS CA  HA   sing N N 143 
HIS C   O    doub N N 144 
HIS C   OXT  sing N N 145 
HIS CB  CG   sing N N 146 
HIS CB  HB2  sing N N 147 
HIS CB  HB3  sing N N 148 
HIS CG  ND1  sing Y N 149 
HIS CG  CD2  doub Y N 150 
HIS ND1 CE1  doub Y N 151 
HIS ND1 HD1  sing N N 152 
HIS CD2 NE2  sing Y N 153 
HIS CD2 HD2  sing N N 154 
HIS CE1 NE2  sing Y N 155 
HIS CE1 HE1  sing N N 156 
HIS NE2 HE2  sing N N 157 
HIS OXT HXT  sing N N 158 
HOH O   H1   sing N N 159 
HOH O   H2   sing N N 160 
ILE N   CA   sing N N 161 
ILE N   H    sing N N 162 
ILE N   H2   sing N N 163 
ILE CA  C    sing N N 164 
ILE CA  CB   sing N N 165 
ILE CA  HA   sing N N 166 
ILE C   O    doub N N 167 
ILE C   OXT  sing N N 168 
ILE CB  CG1  sing N N 169 
ILE CB  CG2  sing N N 170 
ILE CB  HB   sing N N 171 
ILE CG1 CD1  sing N N 172 
ILE CG1 HG12 sing N N 173 
ILE CG1 HG13 sing N N 174 
ILE CG2 HG21 sing N N 175 
ILE CG2 HG22 sing N N 176 
ILE CG2 HG23 sing N N 177 
ILE CD1 HD11 sing N N 178 
ILE CD1 HD12 sing N N 179 
ILE CD1 HD13 sing N N 180 
ILE OXT HXT  sing N N 181 
LEU N   CA   sing N N 182 
LEU N   H    sing N N 183 
LEU N   H2   sing N N 184 
LEU CA  C    sing N N 185 
LEU CA  CB   sing N N 186 
LEU CA  HA   sing N N 187 
LEU C   O    doub N N 188 
LEU C   OXT  sing N N 189 
LEU CB  CG   sing N N 190 
LEU CB  HB2  sing N N 191 
LEU CB  HB3  sing N N 192 
LEU CG  CD1  sing N N 193 
LEU CG  CD2  sing N N 194 
LEU CG  HG   sing N N 195 
LEU CD1 HD11 sing N N 196 
LEU CD1 HD12 sing N N 197 
LEU CD1 HD13 sing N N 198 
LEU CD2 HD21 sing N N 199 
LEU CD2 HD22 sing N N 200 
LEU CD2 HD23 sing N N 201 
LEU OXT HXT  sing N N 202 
LYS N   CA   sing N N 203 
LYS N   H    sing N N 204 
LYS N   H2   sing N N 205 
LYS CA  C    sing N N 206 
LYS CA  CB   sing N N 207 
LYS CA  HA   sing N N 208 
LYS C   O    doub N N 209 
LYS C   OXT  sing N N 210 
LYS CB  CG   sing N N 211 
LYS CB  HB2  sing N N 212 
LYS CB  HB3  sing N N 213 
LYS CG  CD   sing N N 214 
LYS CG  HG2  sing N N 215 
LYS CG  HG3  sing N N 216 
LYS CD  CE   sing N N 217 
LYS CD  HD2  sing N N 218 
LYS CD  HD3  sing N N 219 
LYS CE  NZ   sing N N 220 
LYS CE  HE2  sing N N 221 
LYS CE  HE3  sing N N 222 
LYS NZ  HZ1  sing N N 223 
LYS NZ  HZ2  sing N N 224 
LYS NZ  HZ3  sing N N 225 
LYS OXT HXT  sing N N 226 
MET N   CA   sing N N 227 
MET N   H    sing N N 228 
MET N   H2   sing N N 229 
MET CA  C    sing N N 230 
MET CA  CB   sing N N 231 
MET CA  HA   sing N N 232 
MET C   O    doub N N 233 
MET C   OXT  sing N N 234 
MET CB  CG   sing N N 235 
MET CB  HB2  sing N N 236 
MET CB  HB3  sing N N 237 
MET CG  SD   sing N N 238 
MET CG  HG2  sing N N 239 
MET CG  HG3  sing N N 240 
MET SD  CE   sing N N 241 
MET CE  HE1  sing N N 242 
MET CE  HE2  sing N N 243 
MET CE  HE3  sing N N 244 
MET OXT HXT  sing N N 245 
PHE N   CA   sing N N 246 
PHE N   H    sing N N 247 
PHE N   H2   sing N N 248 
PHE CA  C    sing N N 249 
PHE CA  CB   sing N N 250 
PHE CA  HA   sing N N 251 
PHE C   O    doub N N 252 
PHE C   OXT  sing N N 253 
PHE CB  CG   sing N N 254 
PHE CB  HB2  sing N N 255 
PHE CB  HB3  sing N N 256 
PHE CG  CD1  doub Y N 257 
PHE CG  CD2  sing Y N 258 
PHE CD1 CE1  sing Y N 259 
PHE CD1 HD1  sing N N 260 
PHE CD2 CE2  doub Y N 261 
PHE CD2 HD2  sing N N 262 
PHE CE1 CZ   doub Y N 263 
PHE CE1 HE1  sing N N 264 
PHE CE2 CZ   sing Y N 265 
PHE CE2 HE2  sing N N 266 
PHE CZ  HZ   sing N N 267 
PHE OXT HXT  sing N N 268 
PRO N   CA   sing N N 269 
PRO N   CD   sing N N 270 
PRO N   H    sing N N 271 
PRO CA  C    sing N N 272 
PRO CA  CB   sing N N 273 
PRO CA  HA   sing N N 274 
PRO C   O    doub N N 275 
PRO C   OXT  sing N N 276 
PRO CB  CG   sing N N 277 
PRO CB  HB2  sing N N 278 
PRO CB  HB3  sing N N 279 
PRO CG  CD   sing N N 280 
PRO CG  HG2  sing N N 281 
PRO CG  HG3  sing N N 282 
PRO CD  HD2  sing N N 283 
PRO CD  HD3  sing N N 284 
PRO OXT HXT  sing N N 285 
SER N   CA   sing N N 286 
SER N   H    sing N N 287 
SER N   H2   sing N N 288 
SER CA  C    sing N N 289 
SER CA  CB   sing N N 290 
SER CA  HA   sing N N 291 
SER C   O    doub N N 292 
SER C   OXT  sing N N 293 
SER CB  OG   sing N N 294 
SER CB  HB2  sing N N 295 
SER CB  HB3  sing N N 296 
SER OG  HG   sing N N 297 
SER OXT HXT  sing N N 298 
THR N   CA   sing N N 299 
THR N   H    sing N N 300 
THR N   H2   sing N N 301 
THR CA  C    sing N N 302 
THR CA  CB   sing N N 303 
THR CA  HA   sing N N 304 
THR C   O    doub N N 305 
THR C   OXT  sing N N 306 
THR CB  OG1  sing N N 307 
THR CB  CG2  sing N N 308 
THR CB  HB   sing N N 309 
THR OG1 HG1  sing N N 310 
THR CG2 HG21 sing N N 311 
THR CG2 HG22 sing N N 312 
THR CG2 HG23 sing N N 313 
THR OXT HXT  sing N N 314 
TRP N   CA   sing N N 315 
TRP N   H    sing N N 316 
TRP N   H2   sing N N 317 
TRP CA  C    sing N N 318 
TRP CA  CB   sing N N 319 
TRP CA  HA   sing N N 320 
TRP C   O    doub N N 321 
TRP C   OXT  sing N N 322 
TRP CB  CG   sing N N 323 
TRP CB  HB2  sing N N 324 
TRP CB  HB3  sing N N 325 
TRP CG  CD1  doub Y N 326 
TRP CG  CD2  sing Y N 327 
TRP CD1 NE1  sing Y N 328 
TRP CD1 HD1  sing N N 329 
TRP CD2 CE2  doub Y N 330 
TRP CD2 CE3  sing Y N 331 
TRP NE1 CE2  sing Y N 332 
TRP NE1 HE1  sing N N 333 
TRP CE2 CZ2  sing Y N 334 
TRP CE3 CZ3  doub Y N 335 
TRP CE3 HE3  sing N N 336 
TRP CZ2 CH2  doub Y N 337 
TRP CZ2 HZ2  sing N N 338 
TRP CZ3 CH2  sing Y N 339 
TRP CZ3 HZ3  sing N N 340 
TRP CH2 HH2  sing N N 341 
TRP OXT HXT  sing N N 342 
TYR N   CA   sing N N 343 
TYR N   H    sing N N 344 
TYR N   H2   sing N N 345 
TYR CA  C    sing N N 346 
TYR CA  CB   sing N N 347 
TYR CA  HA   sing N N 348 
TYR C   O    doub N N 349 
TYR C   OXT  sing N N 350 
TYR CB  CG   sing N N 351 
TYR CB  HB2  sing N N 352 
TYR CB  HB3  sing N N 353 
TYR CG  CD1  doub Y N 354 
TYR CG  CD2  sing Y N 355 
TYR CD1 CE1  sing Y N 356 
TYR CD1 HD1  sing N N 357 
TYR CD2 CE2  doub Y N 358 
TYR CD2 HD2  sing N N 359 
TYR CE1 CZ   doub Y N 360 
TYR CE1 HE1  sing N N 361 
TYR CE2 CZ   sing Y N 362 
TYR CE2 HE2  sing N N 363 
TYR CZ  OH   sing N N 364 
TYR OH  HH   sing N N 365 
TYR OXT HXT  sing N N 366 
VAL N   CA   sing N N 367 
VAL N   H    sing N N 368 
VAL N   H2   sing N N 369 
VAL CA  C    sing N N 370 
VAL CA  CB   sing N N 371 
VAL CA  HA   sing N N 372 
VAL C   O    doub N N 373 
VAL C   OXT  sing N N 374 
VAL CB  CG1  sing N N 375 
VAL CB  CG2  sing N N 376 
VAL CB  HB   sing N N 377 
VAL CG1 HG11 sing N N 378 
VAL CG1 HG12 sing N N 379 
VAL CG1 HG13 sing N N 380 
VAL CG2 HG21 sing N N 381 
VAL CG2 HG22 sing N N 382 
VAL CG2 HG23 sing N N 383 
VAL OXT HXT  sing N N 384 
# 
loop_
_pdbx_entity_nonpoly.entity_id 
_pdbx_entity_nonpoly.name 
_pdbx_entity_nonpoly.comp_id 
2 BETA-MERCAPTOETHANOL BME 
3 water                HOH 
# 
_pdbx_initial_refinement_model.id               1 
_pdbx_initial_refinement_model.entity_id_list   ? 
_pdbx_initial_refinement_model.type             'experimental model' 
_pdbx_initial_refinement_model.source_name      PDB 
_pdbx_initial_refinement_model.accession_code   1FZY 
_pdbx_initial_refinement_model.details          'PDB ENTRY 1FZY' 
# 
